data_3OZE
#
_entry.id   3OZE
#
_cell.length_a   79.517
_cell.length_b   81.810
_cell.length_c   130.282
_cell.angle_alpha   90.00
_cell.angle_beta   91.00
_cell.angle_gamma   90.00
#
_symmetry.space_group_name_H-M   'P 1 21 1'
#
loop_
_entity.id
_entity.type
_entity.pdbx_description
1 polymer "S-methyl-5'-thioadenosine phosphorylase"
2 non-polymer 'PHOSPHATE ION'
3 water water
#
_entity_poly.entity_id   1
_entity_poly.type   'polypeptide(L)'
_entity_poly.pdbx_seq_one_letter_code
;MASGTTTTAVKIGIIGGTGLDDPEILEGRTEKYVDTPFGKPSDALILGKIKNVDCVLLARHGRQHTIMPSKVNYQANIWA
LKEEGCTHVIVTTACGSLREEIQPGDIVIIDQFIDRTTMRPQSFYDGSHSCARGVCHIPMAEPFCPKTREVLIETAKKLG
LRCHSKGTMVTIEGPRFSSRAESFMFRTWGADVINMTTVPEVVLAKEAGICYASIAMATDYDCWKEHEEAVSVDRVLKTL
KENANKAKSLLLTTIPQIGSTEWSETLHNLKNMAQFSVLLPRH
;
_entity_poly.pdbx_strand_id   A,B,C,D,E,F
#
loop_
_chem_comp.id
_chem_comp.type
_chem_comp.name
_chem_comp.formula
PO4 non-polymer 'PHOSPHATE ION' 'O4 P -3'
#
# COMPACT_ATOMS: atom_id res chain seq x y z
N ALA A 9 15.25 -65.12 -13.94
CA ALA A 9 16.63 -64.51 -13.91
C ALA A 9 16.67 -63.17 -13.18
N VAL A 10 16.45 -63.19 -11.87
CA VAL A 10 16.71 -61.98 -11.13
C VAL A 10 18.18 -61.93 -10.79
N LYS A 11 18.63 -60.74 -10.43
CA LYS A 11 19.95 -60.54 -9.89
C LYS A 11 19.82 -59.35 -9.00
N ILE A 12 20.25 -59.56 -7.76
CA ILE A 12 20.04 -58.58 -6.69
C ILE A 12 21.29 -57.81 -6.35
N GLY A 13 21.25 -56.49 -6.60
CA GLY A 13 22.33 -55.65 -6.11
C GLY A 13 22.05 -55.41 -4.65
N ILE A 14 23.09 -55.35 -3.84
CA ILE A 14 22.93 -55.12 -2.43
C ILE A 14 23.93 -54.11 -2.01
N ILE A 15 23.42 -53.02 -1.49
CA ILE A 15 24.28 -51.96 -1.01
C ILE A 15 24.29 -51.92 0.52
N GLY A 16 25.47 -52.25 1.08
CA GLY A 16 25.77 -52.17 2.49
C GLY A 16 26.16 -50.77 2.92
N GLY A 17 25.43 -50.23 3.90
CA GLY A 17 25.81 -48.99 4.56
C GLY A 17 26.49 -49.22 5.91
N THR A 18 26.31 -48.25 6.82
CA THR A 18 26.90 -48.36 8.15
C THR A 18 26.55 -49.70 8.83
N GLY A 19 27.55 -50.38 9.37
CA GLY A 19 27.34 -51.69 10.00
C GLY A 19 27.39 -52.86 9.03
N LEU A 20 27.34 -52.56 7.72
CA LEU A 20 27.40 -53.60 6.67
C LEU A 20 28.46 -53.24 5.60
N ASP A 21 29.62 -52.73 6.03
CA ASP A 21 30.68 -52.29 5.12
C ASP A 21 31.29 -53.51 4.43
N ASP A 22 31.36 -54.61 5.16
CA ASP A 22 32.05 -55.79 4.69
C ASP A 22 31.39 -57.05 5.25
N PRO A 23 30.11 -57.29 4.93
CA PRO A 23 29.45 -58.45 5.52
C PRO A 23 29.81 -59.73 4.78
N GLU A 24 29.64 -60.86 5.44
CA GLU A 24 29.91 -62.12 4.75
C GLU A 24 28.60 -62.86 4.59
N ILE A 25 28.01 -62.67 3.42
CA ILE A 25 26.63 -62.95 3.21
C ILE A 25 26.46 -63.82 1.96
N LEU A 26 27.43 -63.72 1.06
CA LEU A 26 27.36 -64.38 -0.24
C LEU A 26 28.13 -65.69 -0.22
N GLU A 27 27.64 -66.67 -0.96
CA GLU A 27 28.40 -67.89 -1.23
C GLU A 27 29.11 -67.72 -2.58
N GLY A 28 30.29 -68.33 -2.71
CA GLY A 28 31.03 -68.36 -3.97
C GLY A 28 31.53 -66.99 -4.36
N ARG A 29 32.15 -66.32 -3.40
CA ARG A 29 32.51 -64.94 -3.52
C ARG A 29 33.59 -64.78 -4.54
N THR A 30 33.46 -63.73 -5.32
CA THR A 30 34.42 -63.34 -6.31
C THR A 30 34.36 -61.80 -6.24
N GLU A 31 35.36 -61.10 -6.77
CA GLU A 31 35.50 -59.66 -6.57
C GLU A 31 36.10 -58.99 -7.80
N LYS A 32 35.61 -57.81 -8.18
CA LYS A 32 36.25 -57.12 -9.30
C LYS A 32 35.96 -55.62 -9.25
N TYR A 33 36.95 -54.78 -9.58
CA TYR A 33 36.69 -53.36 -9.78
C TYR A 33 35.99 -53.25 -11.10
N VAL A 34 35.16 -52.22 -11.26
CA VAL A 34 34.52 -51.99 -12.53
C VAL A 34 34.54 -50.46 -12.81
N ASP A 35 34.35 -50.08 -14.06
CA ASP A 35 34.39 -48.65 -14.45
C ASP A 35 32.96 -48.22 -14.85
N THR A 36 32.63 -46.93 -14.82
CA THR A 36 31.39 -46.49 -15.40
C THR A 36 31.61 -45.09 -16.02
N PRO A 37 30.66 -44.64 -16.84
CA PRO A 37 30.76 -43.28 -17.43
C PRO A 37 30.74 -42.22 -16.35
N PHE A 38 30.34 -42.62 -15.13
CA PHE A 38 30.25 -41.68 -14.00
C PHE A 38 31.40 -41.75 -12.98
N GLY A 39 32.48 -42.52 -13.24
CA GLY A 39 33.56 -42.57 -12.28
C GLY A 39 33.64 -43.97 -11.56
N LYS A 40 34.41 -44.06 -10.49
CA LYS A 40 34.57 -45.35 -9.77
C LYS A 40 33.47 -45.56 -8.73
N PRO A 41 32.86 -46.75 -8.71
CA PRO A 41 32.03 -47.08 -7.57
C PRO A 41 32.80 -46.97 -6.25
N SER A 42 32.09 -47.00 -5.12
CA SER A 42 32.73 -46.94 -3.79
C SER A 42 33.82 -48.02 -3.57
N ASP A 43 33.66 -49.17 -4.19
CA ASP A 43 34.59 -50.31 -3.95
C ASP A 43 34.31 -51.39 -4.98
N ALA A 44 35.17 -52.38 -5.02
CA ALA A 44 34.91 -53.57 -5.82
C ALA A 44 33.49 -54.13 -5.61
N LEU A 45 32.90 -54.65 -6.67
CA LEU A 45 31.69 -55.45 -6.54
C LEU A 45 32.12 -56.85 -6.06
N ILE A 46 31.35 -57.40 -5.14
CA ILE A 46 31.49 -58.81 -4.69
C ILE A 46 30.36 -59.59 -5.37
N LEU A 47 30.71 -60.56 -6.20
CA LEU A 47 29.73 -61.40 -6.85
C LEU A 47 29.62 -62.71 -6.08
N GLY A 48 28.42 -63.26 -6.10
CA GLY A 48 28.16 -64.49 -5.40
C GLY A 48 26.67 -64.76 -5.37
N LYS A 49 26.29 -65.76 -4.58
CA LYS A 49 24.90 -66.21 -4.57
C LYS A 49 24.31 -66.34 -3.15
N ILE A 50 23.00 -66.14 -3.08
CA ILE A 50 22.22 -66.49 -1.90
C ILE A 50 21.19 -67.51 -2.36
N LYS A 51 21.34 -68.75 -1.87
CA LYS A 51 20.59 -69.90 -2.37
C LYS A 51 20.77 -70.00 -3.88
N ASN A 52 19.73 -69.96 -4.67
CA ASN A 52 20.03 -69.99 -6.11
C ASN A 52 20.00 -68.64 -6.84
N VAL A 53 20.14 -67.54 -6.08
CA VAL A 53 19.98 -66.19 -6.65
C VAL A 53 21.31 -65.46 -6.80
N ASP A 54 21.59 -64.95 -7.99
CA ASP A 54 22.84 -64.21 -8.19
C ASP A 54 22.76 -62.85 -7.53
N CYS A 55 23.84 -62.48 -6.84
CA CYS A 55 23.81 -61.24 -6.08
C CYS A 55 25.07 -60.44 -6.31
N VAL A 56 24.93 -59.12 -6.24
CA VAL A 56 26.08 -58.24 -6.23
C VAL A 56 26.06 -57.33 -5.01
N LEU A 57 27.11 -57.46 -4.20
CA LEU A 57 27.27 -56.75 -2.95
C LEU A 57 28.24 -55.60 -3.17
N LEU A 58 27.86 -54.44 -2.65
CA LEU A 58 28.69 -53.27 -2.76
C LEU A 58 28.70 -52.50 -1.44
N ALA A 59 29.87 -52.20 -0.91
CA ALA A 59 29.93 -51.37 0.32
C ALA A 59 29.75 -49.88 -0.01
N ARG A 60 28.67 -49.23 0.46
CA ARG A 60 28.42 -47.79 0.10
C ARG A 60 29.55 -46.82 0.44
N HIS A 61 30.11 -47.02 1.63
CA HIS A 61 31.23 -46.24 2.10
C HIS A 61 32.62 -46.87 1.89
N GLY A 62 32.71 -47.85 1.02
CA GLY A 62 33.98 -48.62 0.90
C GLY A 62 34.03 -49.65 2.01
N ARG A 63 34.79 -50.73 1.82
CA ARG A 63 34.88 -51.77 2.85
C ARG A 63 35.61 -51.29 4.11
N GLN A 64 36.39 -50.22 4.03
CA GLN A 64 36.95 -49.65 5.27
C GLN A 64 36.17 -48.42 5.80
N HIS A 65 34.99 -48.20 5.24
CA HIS A 65 34.15 -47.05 5.61
C HIS A 65 34.93 -45.76 5.54
N THR A 66 35.56 -45.52 4.42
CA THR A 66 36.41 -44.34 4.27
C THR A 66 35.70 -43.17 3.56
N ILE A 67 34.50 -43.39 3.02
CA ILE A 67 33.85 -42.37 2.16
C ILE A 67 32.66 -41.75 2.83
N MET A 68 32.70 -40.42 3.01
CA MET A 68 31.62 -39.75 3.70
C MET A 68 30.40 -39.64 2.74
N PRO A 69 29.19 -39.45 3.31
CA PRO A 69 27.98 -39.61 2.49
C PRO A 69 27.91 -38.55 1.36
N SER A 70 28.30 -37.31 1.64
CA SER A 70 28.36 -36.29 0.55
C SER A 70 29.39 -36.65 -0.54
N LYS A 71 30.25 -37.64 -0.32
CA LYS A 71 31.32 -37.94 -1.29
C LYS A 71 31.12 -39.27 -2.00
N VAL A 72 30.12 -40.03 -1.57
CA VAL A 72 29.72 -41.25 -2.18
C VAL A 72 29.33 -41.01 -3.62
N ASN A 73 29.88 -41.86 -4.49
CA ASN A 73 29.55 -41.80 -5.90
C ASN A 73 28.28 -42.50 -6.31
N TYR A 74 27.14 -41.93 -5.91
CA TYR A 74 25.83 -42.48 -6.16
C TYR A 74 25.56 -42.91 -7.56
N GLN A 75 25.90 -42.04 -8.53
CA GLN A 75 25.80 -42.41 -9.93
C GLN A 75 26.56 -43.67 -10.36
N ALA A 76 27.84 -43.78 -10.02
CA ALA A 76 28.65 -44.94 -10.43
C ALA A 76 28.12 -46.18 -9.72
N ASN A 77 27.76 -46.05 -8.45
CA ASN A 77 27.25 -47.19 -7.66
C ASN A 77 26.04 -47.80 -8.35
N ILE A 78 25.02 -47.00 -8.66
CA ILE A 78 23.83 -47.47 -9.35
C ILE A 78 24.09 -47.91 -10.81
N TRP A 79 24.82 -47.09 -11.59
CA TRP A 79 25.20 -47.51 -12.94
C TRP A 79 26.00 -48.86 -12.91
N ALA A 80 27.00 -48.96 -12.05
CA ALA A 80 27.73 -50.26 -11.91
C ALA A 80 26.74 -51.41 -11.76
N LEU A 81 25.80 -51.28 -10.84
CA LEU A 81 24.90 -52.38 -10.50
C LEU A 81 23.98 -52.70 -11.67
N LYS A 82 23.54 -51.64 -12.35
CA LYS A 82 22.75 -51.78 -13.57
C LYS A 82 23.48 -52.54 -14.69
N GLU A 83 24.73 -52.17 -14.96
CA GLU A 83 25.51 -52.78 -16.05
C GLU A 83 25.88 -54.24 -15.72
N GLU A 84 25.96 -54.55 -14.45
CA GLU A 84 26.20 -55.92 -13.99
C GLU A 84 24.95 -56.75 -14.26
N GLY A 85 23.85 -56.05 -14.59
CA GLY A 85 22.57 -56.68 -14.90
C GLY A 85 21.60 -56.90 -13.74
N CYS A 86 21.73 -56.16 -12.65
CA CYS A 86 20.78 -56.15 -11.53
C CYS A 86 19.35 -55.72 -11.85
N THR A 87 18.42 -56.46 -11.28
CA THR A 87 17.01 -56.22 -11.48
C THR A 87 16.49 -55.44 -10.28
N HIS A 88 17.16 -55.65 -9.16
CA HIS A 88 16.76 -55.11 -7.87
C HIS A 88 18.00 -54.53 -7.24
N VAL A 89 17.81 -53.50 -6.44
CA VAL A 89 18.86 -53.03 -5.56
C VAL A 89 18.23 -52.98 -4.17
N ILE A 90 18.65 -53.86 -3.25
CA ILE A 90 18.17 -53.77 -1.87
C ILE A 90 19.31 -53.23 -0.99
N VAL A 91 19.02 -52.14 -0.27
CA VAL A 91 20.03 -51.45 0.53
C VAL A 91 19.66 -51.42 1.99
N THR A 92 20.68 -51.23 2.83
CA THR A 92 20.49 -50.97 4.24
C THR A 92 20.92 -49.56 4.51
N THR A 93 20.31 -48.97 5.54
CA THR A 93 20.77 -47.68 6.03
C THR A 93 20.59 -47.52 7.53
N ALA A 94 21.65 -47.11 8.22
CA ALA A 94 21.59 -46.82 9.64
C ALA A 94 21.00 -45.45 9.84
N CYS A 95 19.85 -45.38 10.49
CA CYS A 95 19.16 -44.09 10.57
C CYS A 95 18.85 -43.70 12.01
N GLY A 96 18.47 -42.43 12.20
CA GLY A 96 17.90 -41.96 13.47
C GLY A 96 16.38 -41.96 13.40
N SER A 97 15.73 -42.09 14.55
CA SER A 97 14.25 -42.05 14.61
C SER A 97 13.75 -40.65 14.94
N LEU A 98 12.73 -40.23 14.22
CA LEU A 98 12.11 -38.95 14.50
C LEU A 98 10.75 -39.18 15.14
N ARG A 99 10.44 -40.45 15.43
CA ARG A 99 9.12 -40.80 15.94
C ARG A 99 9.20 -41.71 17.15
N GLU A 100 8.46 -41.33 18.18
CA GLU A 100 8.34 -42.08 19.39
C GLU A 100 8.10 -43.58 19.14
N GLU A 101 7.17 -43.92 18.25
CA GLU A 101 6.91 -45.35 18.03
C GLU A 101 7.94 -46.11 17.19
N ILE A 102 8.87 -45.39 16.55
CA ILE A 102 9.99 -46.05 15.87
C ILE A 102 11.16 -46.10 16.85
N GLN A 103 11.27 -47.26 17.49
CA GLN A 103 12.19 -47.48 18.59
C GLN A 103 13.56 -47.95 18.09
N PRO A 104 14.63 -47.61 18.82
CA PRO A 104 15.98 -48.07 18.50
C PRO A 104 15.96 -49.57 18.33
N GLY A 105 16.59 -50.06 17.26
CA GLY A 105 16.43 -51.42 16.82
C GLY A 105 15.30 -51.75 15.86
N ASP A 106 14.35 -50.83 15.65
CA ASP A 106 13.24 -51.10 14.68
C ASP A 106 13.76 -51.01 13.24
N ILE A 107 13.14 -51.76 12.34
CA ILE A 107 13.37 -51.68 10.92
C ILE A 107 12.25 -50.79 10.36
N VAL A 108 12.55 -49.99 9.36
CA VAL A 108 11.50 -49.25 8.60
C VAL A 108 11.72 -49.54 7.13
N ILE A 109 10.71 -50.07 6.47
CA ILE A 109 10.79 -50.34 5.06
C ILE A 109 10.23 -49.02 4.43
N ILE A 110 11.05 -47.99 4.41
CA ILE A 110 10.56 -46.62 3.99
C ILE A 110 9.86 -46.57 2.63
N ASP A 111 8.91 -45.63 2.47
CA ASP A 111 8.26 -45.50 1.19
C ASP A 111 8.30 -44.04 0.64
N GLN A 112 8.86 -43.10 1.40
CA GLN A 112 8.98 -41.71 0.93
C GLN A 112 10.29 -41.18 1.44
N PHE A 113 10.61 -40.00 0.96
CA PHE A 113 11.73 -39.29 1.46
C PHE A 113 11.48 -37.80 1.22
N ILE A 114 12.21 -36.99 2.00
CA ILE A 114 12.33 -35.53 1.85
C ILE A 114 13.80 -35.23 1.58
N ASP A 115 14.10 -34.46 0.55
CA ASP A 115 15.53 -34.14 0.26
C ASP A 115 16.08 -32.99 1.11
N ARG A 116 17.16 -33.23 1.86
CA ARG A 116 17.91 -32.16 2.47
C ARG A 116 19.36 -32.12 2.07
N THR A 117 19.70 -32.84 1.00
CA THR A 117 21.07 -32.84 0.48
C THR A 117 21.25 -31.55 -0.39
N THR A 118 22.49 -31.08 -0.57
CA THR A 118 22.71 -29.83 -1.36
C THR A 118 23.83 -29.99 -2.38
N MET A 119 24.61 -31.04 -2.28
CA MET A 119 25.76 -31.05 -3.14
C MET A 119 25.84 -32.16 -4.18
N ARG A 120 24.77 -32.92 -4.33
CA ARG A 120 24.84 -34.19 -5.03
C ARG A 120 24.08 -34.19 -6.35
N PRO A 121 24.79 -34.51 -7.46
CA PRO A 121 24.09 -34.78 -8.72
C PRO A 121 22.99 -35.85 -8.57
N GLN A 122 21.80 -35.56 -9.12
CA GLN A 122 20.64 -36.47 -8.90
C GLN A 122 20.14 -37.21 -10.13
N SER A 123 20.85 -37.08 -11.24
CA SER A 123 20.39 -37.62 -12.49
C SER A 123 21.55 -38.17 -13.26
N PHE A 124 21.34 -39.18 -14.08
CA PHE A 124 22.35 -39.51 -15.09
C PHE A 124 22.32 -38.56 -16.28
N TYR A 125 21.20 -37.88 -16.47
CA TYR A 125 20.96 -37.09 -17.66
C TYR A 125 21.42 -35.69 -17.40
N ASP A 126 22.73 -35.51 -17.33
CA ASP A 126 23.24 -34.21 -17.04
C ASP A 126 23.68 -33.46 -18.30
N GLY A 127 23.35 -33.99 -19.47
CA GLY A 127 23.73 -33.35 -20.73
C GLY A 127 25.18 -33.61 -21.13
N SER A 128 25.96 -34.30 -20.29
CA SER A 128 27.37 -34.48 -20.62
C SER A 128 27.83 -35.94 -20.83
N HIS A 129 26.93 -36.89 -20.78
CA HIS A 129 27.32 -38.28 -21.04
C HIS A 129 26.59 -38.83 -22.23
N SER A 130 27.36 -39.39 -23.17
CA SER A 130 26.80 -40.02 -24.34
C SER A 130 25.84 -41.17 -23.99
N CYS A 131 26.08 -41.86 -22.86
CA CYS A 131 25.21 -42.97 -22.44
C CYS A 131 23.82 -42.55 -21.86
N ALA A 132 23.61 -41.25 -21.65
CA ALA A 132 22.36 -40.74 -21.08
C ALA A 132 22.02 -39.37 -21.70
N ARG A 133 21.39 -39.39 -22.86
CA ARG A 133 21.17 -38.17 -23.64
C ARG A 133 19.74 -37.74 -23.42
N GLY A 134 19.51 -36.43 -23.44
CA GLY A 134 18.19 -35.91 -23.16
C GLY A 134 18.06 -35.29 -21.78
N VAL A 135 16.88 -34.74 -21.53
CA VAL A 135 16.52 -34.19 -20.24
C VAL A 135 15.54 -35.18 -19.59
N CYS A 136 15.89 -35.70 -18.42
CA CYS A 136 15.02 -36.66 -17.73
C CYS A 136 14.35 -36.07 -16.49
N HIS A 137 13.03 -36.09 -16.45
CA HIS A 137 12.29 -35.59 -15.30
C HIS A 137 11.62 -36.79 -14.69
N ILE A 138 12.33 -37.47 -13.83
CA ILE A 138 11.79 -38.76 -13.38
C ILE A 138 10.71 -38.55 -12.31
N PRO A 139 9.56 -39.20 -12.45
CA PRO A 139 8.52 -39.10 -11.41
C PRO A 139 8.95 -39.76 -10.11
N MET A 140 8.59 -39.13 -8.98
CA MET A 140 8.98 -39.61 -7.66
C MET A 140 7.76 -39.70 -6.74
N ALA A 141 6.58 -39.82 -7.32
CA ALA A 141 5.39 -39.87 -6.48
C ALA A 141 5.52 -41.13 -5.60
N GLU A 142 6.07 -42.21 -6.18
CA GLU A 142 6.29 -43.48 -5.45
C GLU A 142 7.73 -44.02 -5.62
N PRO A 143 8.64 -43.56 -4.76
CA PRO A 143 10.05 -43.69 -5.12
C PRO A 143 10.64 -45.10 -4.99
N PHE A 144 10.10 -45.93 -4.09
CA PHE A 144 10.64 -47.29 -3.92
C PHE A 144 9.71 -48.28 -4.60
N CYS A 145 10.22 -49.46 -4.95
CA CYS A 145 9.35 -50.49 -5.53
C CYS A 145 8.41 -51.05 -4.48
N PRO A 146 7.09 -50.91 -4.69
CA PRO A 146 6.17 -51.41 -3.67
C PRO A 146 6.20 -52.93 -3.55
N LYS A 147 6.42 -53.62 -4.66
CA LYS A 147 6.48 -55.10 -4.68
C LYS A 147 7.67 -55.68 -3.92
N THR A 148 8.86 -55.08 -4.12
CA THR A 148 10.04 -55.45 -3.35
C THR A 148 9.82 -55.15 -1.88
N ARG A 149 9.25 -53.98 -1.60
CA ARG A 149 8.97 -53.59 -0.22
C ARG A 149 8.04 -54.61 0.47
N GLU A 150 7.03 -55.05 -0.24
CA GLU A 150 5.99 -55.92 0.29
C GLU A 150 6.60 -57.27 0.71
N VAL A 151 7.56 -57.79 -0.08
CA VAL A 151 8.27 -59.01 0.28
C VAL A 151 9.15 -58.81 1.52
N LEU A 152 9.82 -57.66 1.59
CA LEU A 152 10.60 -57.28 2.77
C LEU A 152 9.72 -57.25 4.01
N ILE A 153 8.59 -56.55 3.90
CA ILE A 153 7.58 -56.46 4.94
C ILE A 153 7.08 -57.84 5.44
N GLU A 154 6.65 -58.70 4.51
CA GLU A 154 6.19 -60.06 4.86
C GLU A 154 7.27 -60.93 5.48
N THR A 155 8.49 -60.78 4.97
CA THR A 155 9.62 -61.58 5.44
C THR A 155 10.02 -61.16 6.85
N ALA A 156 9.94 -59.85 7.13
CA ALA A 156 10.22 -59.34 8.48
C ALA A 156 9.21 -59.88 9.49
N LYS A 157 7.96 -59.98 9.06
CA LYS A 157 6.92 -60.53 9.89
C LYS A 157 7.21 -62.01 10.24
N LYS A 158 7.54 -62.83 9.24
CA LYS A 158 7.88 -64.26 9.46
C LYS A 158 9.08 -64.46 10.38
N LEU A 159 9.94 -63.44 10.46
CA LEU A 159 11.18 -63.51 11.24
C LEU A 159 11.00 -62.95 12.64
N GLY A 160 9.81 -62.41 12.88
CA GLY A 160 9.47 -61.81 14.17
C GLY A 160 10.23 -60.53 14.44
N LEU A 161 10.46 -59.74 13.40
CA LEU A 161 11.24 -58.51 13.59
C LEU A 161 10.34 -57.29 13.75
N ARG A 162 10.62 -56.46 14.73
CA ARG A 162 9.94 -55.20 14.83
C ARG A 162 10.25 -54.40 13.55
N CYS A 163 9.20 -54.18 12.77
CA CYS A 163 9.25 -53.64 11.43
C CYS A 163 8.06 -52.70 11.15
N HIS A 164 8.36 -51.47 10.75
CA HIS A 164 7.31 -50.60 10.24
C HIS A 164 7.18 -50.70 8.74
N SER A 165 5.92 -50.73 8.30
CA SER A 165 5.48 -50.93 6.91
C SER A 165 5.72 -49.76 5.96
N LYS A 166 5.82 -48.54 6.49
CA LYS A 166 6.13 -47.40 5.66
C LYS A 166 6.84 -46.38 6.52
N GLY A 167 7.37 -45.32 5.90
CA GLY A 167 8.01 -44.24 6.63
C GLY A 167 8.65 -43.28 5.64
N THR A 168 8.72 -42.02 6.03
CA THR A 168 9.41 -40.99 5.23
C THR A 168 10.79 -40.72 5.80
N MET A 169 11.79 -40.84 4.95
CA MET A 169 13.18 -40.61 5.32
C MET A 169 13.60 -39.21 4.87
N VAL A 170 14.01 -38.34 5.80
CA VAL A 170 14.73 -37.11 5.45
C VAL A 170 16.24 -37.40 5.38
N THR A 171 16.82 -37.07 4.23
CA THR A 171 18.26 -37.30 3.96
C THR A 171 18.93 -35.98 4.02
N ILE A 172 19.76 -35.82 5.04
CA ILE A 172 20.56 -34.63 5.23
C ILE A 172 21.90 -34.81 4.55
N GLU A 173 22.53 -33.71 4.21
CA GLU A 173 23.79 -33.65 3.49
C GLU A 173 24.89 -34.23 4.37
N GLY A 174 24.95 -33.74 5.61
CA GLY A 174 25.95 -34.21 6.55
C GLY A 174 27.26 -33.55 6.28
N PRO A 175 28.36 -34.10 6.82
CA PRO A 175 28.43 -35.28 7.69
C PRO A 175 28.05 -35.00 9.12
N ARG A 176 27.80 -33.73 9.44
CA ARG A 176 27.34 -33.36 10.76
C ARG A 176 25.93 -33.88 10.98
N PHE A 177 25.57 -34.09 12.24
CA PHE A 177 24.22 -34.44 12.64
C PHE A 177 23.42 -33.14 12.70
N SER A 178 22.11 -33.29 12.86
CA SER A 178 21.16 -32.21 12.88
C SER A 178 21.24 -31.42 14.17
N SER A 179 20.99 -30.11 14.10
CA SER A 179 20.75 -29.36 15.30
C SER A 179 19.42 -29.87 15.95
N ARG A 180 19.15 -29.48 17.19
CA ARG A 180 17.87 -29.83 17.85
C ARG A 180 16.73 -29.05 17.20
N ALA A 181 16.94 -27.78 16.86
CA ALA A 181 15.93 -27.07 16.09
C ALA A 181 15.59 -27.84 14.78
N GLU A 182 16.62 -28.35 14.09
CA GLU A 182 16.41 -29.05 12.84
C GLU A 182 15.64 -30.34 13.04
N SER A 183 16.08 -31.14 14.01
CA SER A 183 15.36 -32.34 14.34
C SER A 183 13.85 -32.07 14.59
N PHE A 184 13.52 -31.06 15.41
CA PHE A 184 12.11 -30.67 15.60
C PHE A 184 11.44 -30.17 14.31
N MET A 185 12.16 -29.38 13.53
CA MET A 185 11.65 -28.95 12.26
C MET A 185 11.29 -30.13 11.34
N PHE A 186 12.14 -31.14 11.24
CA PHE A 186 11.84 -32.25 10.36
C PHE A 186 10.55 -32.98 10.79
N ARG A 187 10.29 -33.00 12.08
CA ARG A 187 9.07 -33.65 12.61
C ARG A 187 7.84 -32.90 12.11
N THR A 188 7.85 -31.57 12.20
CA THR A 188 6.79 -30.75 11.60
C THR A 188 6.61 -30.96 10.10
N TRP A 189 7.64 -31.49 9.43
CA TRP A 189 7.60 -31.75 7.98
C TRP A 189 7.00 -33.10 7.66
N GLY A 190 6.80 -33.96 8.66
CA GLY A 190 6.22 -35.26 8.41
C GLY A 190 7.29 -36.31 8.24
N ALA A 191 8.53 -35.94 8.52
CA ALA A 191 9.58 -36.93 8.42
C ALA A 191 9.48 -37.93 9.58
N ASP A 192 9.76 -39.19 9.29
CA ASP A 192 9.70 -40.30 10.25
C ASP A 192 11.06 -40.78 10.74
N VAL A 193 12.08 -40.67 9.88
CA VAL A 193 13.44 -41.13 10.13
C VAL A 193 14.40 -40.26 9.34
N ILE A 194 15.67 -40.30 9.72
CA ILE A 194 16.65 -39.36 9.22
C ILE A 194 17.94 -40.11 8.96
N ASN A 195 18.59 -39.74 7.88
CA ASN A 195 19.85 -40.35 7.46
C ASN A 195 20.58 -39.44 6.46
N MET A 196 21.66 -39.99 5.92
CA MET A 196 22.54 -39.23 5.02
C MET A 196 22.69 -39.78 3.59
N THR A 197 22.00 -40.85 3.28
CA THR A 197 22.33 -41.60 2.05
C THR A 197 21.22 -42.04 1.09
N THR A 198 19.96 -41.89 1.48
CA THR A 198 18.84 -42.31 0.64
C THR A 198 18.75 -41.50 -0.67
N VAL A 199 18.87 -40.16 -0.60
CA VAL A 199 18.90 -39.24 -1.78
C VAL A 199 20.36 -38.93 -2.08
N PRO A 200 20.81 -39.13 -3.33
CA PRO A 200 20.01 -39.46 -4.52
C PRO A 200 20.00 -40.92 -4.90
N GLU A 201 20.40 -41.85 -3.98
CA GLU A 201 20.58 -43.21 -4.46
C GLU A 201 19.27 -43.60 -5.10
N VAL A 202 18.17 -43.23 -4.45
CA VAL A 202 16.86 -43.79 -4.83
C VAL A 202 16.38 -43.25 -6.14
N VAL A 203 16.63 -41.98 -6.37
CA VAL A 203 16.26 -41.33 -7.60
C VAL A 203 17.01 -41.94 -8.79
N LEU A 204 18.31 -42.25 -8.58
CA LEU A 204 19.14 -42.76 -9.69
C LEU A 204 18.74 -44.17 -10.06
N ALA A 205 18.37 -44.96 -9.03
CA ALA A 205 17.83 -46.28 -9.28
C ALA A 205 16.56 -46.26 -10.17
N LYS A 206 15.60 -45.39 -9.87
CA LYS A 206 14.40 -45.27 -10.71
C LYS A 206 14.80 -44.88 -12.13
N GLU A 207 15.64 -43.86 -12.25
CA GLU A 207 16.14 -43.52 -13.59
C GLU A 207 16.75 -44.75 -14.25
N ALA A 208 17.38 -45.63 -13.48
CA ALA A 208 18.01 -46.81 -14.10
C ALA A 208 17.00 -47.95 -14.42
N GLY A 209 15.79 -47.85 -13.90
CA GLY A 209 14.77 -48.86 -14.15
C GLY A 209 15.02 -50.10 -13.30
N ILE A 210 15.62 -49.91 -12.13
CA ILE A 210 15.90 -50.98 -11.22
C ILE A 210 14.86 -50.91 -10.11
N CYS A 211 14.38 -52.06 -9.65
CA CYS A 211 13.47 -52.05 -8.47
C CYS A 211 14.30 -51.79 -7.23
N TYR A 212 14.02 -50.68 -6.54
CA TYR A 212 14.81 -50.22 -5.36
C TYR A 212 14.04 -50.35 -4.04
N ALA A 213 14.66 -50.96 -3.04
CA ALA A 213 14.09 -50.90 -1.69
C ALA A 213 15.16 -50.72 -0.64
N SER A 214 14.75 -50.20 0.50
CA SER A 214 15.68 -49.78 1.52
C SER A 214 15.22 -50.26 2.88
N ILE A 215 16.10 -51.04 3.52
CA ILE A 215 15.92 -51.48 4.91
C ILE A 215 16.58 -50.46 5.82
N ALA A 216 15.79 -49.65 6.50
CA ALA A 216 16.37 -48.64 7.34
C ALA A 216 16.31 -49.12 8.77
N MET A 217 17.44 -49.01 9.46
CA MET A 217 17.51 -49.50 10.84
C MET A 217 17.77 -48.32 11.77
N ALA A 218 16.78 -48.03 12.62
CA ALA A 218 16.91 -47.05 13.66
C ALA A 218 17.96 -47.49 14.69
N THR A 219 19.06 -46.74 14.76
CA THR A 219 20.08 -47.04 15.75
C THR A 219 19.77 -46.31 17.04
N ASP A 220 19.16 -45.14 16.92
CA ASP A 220 18.79 -44.30 18.05
C ASP A 220 17.68 -43.32 17.65
N TYR A 221 17.14 -42.60 18.65
CA TYR A 221 16.32 -41.42 18.42
C TYR A 221 17.26 -40.29 18.04
N ASP A 222 16.80 -39.40 17.18
CA ASP A 222 17.55 -38.22 16.86
C ASP A 222 17.43 -37.31 18.09
N CYS A 223 18.06 -36.15 18.04
CA CYS A 223 18.27 -35.30 19.21
C CYS A 223 17.02 -34.52 19.66
N TRP A 224 15.88 -34.71 18.99
CA TRP A 224 14.62 -34.14 19.49
C TRP A 224 14.23 -34.75 20.84
N LYS A 225 14.53 -36.02 21.05
CA LYS A 225 14.22 -36.70 22.31
C LYS A 225 15.23 -36.28 23.40
N VAL A 236 24.92 -46.53 20.84
CA VAL A 236 25.12 -46.54 19.39
C VAL A 236 25.70 -47.88 18.96
N LEU A 237 26.99 -48.08 19.24
CA LEU A 237 27.80 -49.16 18.68
C LEU A 237 27.22 -50.58 18.83
N LYS A 238 26.59 -50.86 19.96
CA LYS A 238 26.05 -52.19 20.25
C LYS A 238 24.76 -52.46 19.45
N THR A 239 23.82 -51.54 19.54
CA THR A 239 22.57 -51.61 18.78
C THR A 239 22.88 -51.77 17.28
N LEU A 240 23.84 -50.99 16.81
CA LEU A 240 24.28 -51.04 15.42
C LEU A 240 24.67 -52.43 14.99
N LYS A 241 25.42 -53.14 15.83
CA LYS A 241 25.78 -54.54 15.55
C LYS A 241 24.54 -55.47 15.51
N GLU A 242 23.59 -55.31 16.43
CA GLU A 242 22.33 -56.08 16.40
C GLU A 242 21.48 -55.78 15.15
N ASN A 243 21.45 -54.50 14.76
CA ASN A 243 20.72 -54.08 13.55
C ASN A 243 21.31 -54.71 12.29
N ALA A 244 22.64 -54.67 12.14
CA ALA A 244 23.24 -55.30 10.96
C ALA A 244 22.85 -56.76 10.90
N ASN A 245 22.80 -57.42 12.06
CA ASN A 245 22.43 -58.84 12.06
C ASN A 245 20.98 -59.12 11.75
N LYS A 246 20.08 -58.27 12.22
CA LYS A 246 18.69 -58.34 11.77
C LYS A 246 18.61 -58.04 10.25
N ALA A 247 19.26 -56.97 9.81
CA ALA A 247 19.23 -56.64 8.36
C ALA A 247 19.80 -57.74 7.48
N LYS A 248 20.94 -58.32 7.89
CA LYS A 248 21.49 -59.46 7.15
C LYS A 248 20.50 -60.67 7.07
N SER A 249 19.78 -60.94 8.16
CA SER A 249 18.82 -62.05 8.23
C SER A 249 17.64 -61.79 7.30
N LEU A 250 17.18 -60.55 7.31
CA LEU A 250 16.08 -60.13 6.46
C LEU A 250 16.48 -60.34 4.99
N LEU A 251 17.69 -59.90 4.65
CA LEU A 251 18.20 -60.06 3.29
C LEU A 251 18.33 -61.52 2.87
N LEU A 252 18.94 -62.34 3.72
CA LEU A 252 19.13 -63.77 3.41
C LEU A 252 17.82 -64.50 3.16
N THR A 253 16.77 -64.13 3.89
CA THR A 253 15.46 -64.77 3.76
C THR A 253 14.63 -64.11 2.65
N THR A 254 14.79 -62.80 2.42
CA THR A 254 13.96 -62.12 1.39
C THR A 254 14.39 -62.48 -0.01
N ILE A 255 15.69 -62.47 -0.25
CA ILE A 255 16.24 -62.71 -1.59
C ILE A 255 15.80 -64.03 -2.27
N PRO A 256 15.81 -65.17 -1.54
CA PRO A 256 15.23 -66.35 -2.22
C PRO A 256 13.72 -66.23 -2.55
N GLN A 257 12.97 -65.44 -1.78
CA GLN A 257 11.58 -65.12 -2.17
C GLN A 257 11.50 -64.27 -3.42
N ILE A 258 12.29 -63.21 -3.53
CA ILE A 258 12.32 -62.43 -4.78
C ILE A 258 12.66 -63.29 -6.00
N GLY A 259 13.58 -64.24 -5.81
CA GLY A 259 14.03 -65.06 -6.91
C GLY A 259 13.00 -66.06 -7.39
N SER A 260 12.03 -66.36 -6.53
CA SER A 260 11.00 -67.36 -6.84
C SER A 260 9.73 -66.76 -7.44
N THR A 261 9.72 -65.47 -7.72
CA THR A 261 8.53 -64.83 -8.30
C THR A 261 8.88 -64.04 -9.56
N GLU A 262 7.85 -63.60 -10.27
CA GLU A 262 7.99 -63.14 -11.64
C GLU A 262 8.06 -61.61 -11.67
N TRP A 263 8.97 -61.05 -12.48
CA TRP A 263 9.29 -59.65 -12.37
C TRP A 263 9.19 -58.88 -13.66
N SER A 264 8.87 -59.57 -14.75
CA SER A 264 8.93 -58.99 -16.07
C SER A 264 8.03 -57.77 -16.25
N GLU A 265 6.78 -57.87 -15.81
CA GLU A 265 5.86 -56.74 -15.92
C GLU A 265 6.31 -55.60 -15.03
N THR A 266 6.74 -55.92 -13.81
CA THR A 266 7.22 -54.88 -12.91
C THR A 266 8.37 -54.15 -13.56
N LEU A 267 9.32 -54.90 -14.07
CA LEU A 267 10.50 -54.32 -14.71
C LEU A 267 10.13 -53.56 -16.00
N HIS A 268 9.16 -54.09 -16.74
CA HIS A 268 8.69 -53.45 -17.94
C HIS A 268 8.02 -52.09 -17.62
N ASN A 269 7.21 -52.06 -16.56
CA ASN A 269 6.59 -50.81 -16.11
C ASN A 269 7.62 -49.76 -15.70
N LEU A 270 8.65 -50.21 -14.98
CA LEU A 270 9.73 -49.30 -14.55
C LEU A 270 10.50 -48.67 -15.71
N LYS A 271 10.95 -49.51 -16.63
CA LYS A 271 11.71 -49.07 -17.79
C LYS A 271 10.88 -48.13 -18.66
N ASN A 272 9.58 -48.42 -18.81
CA ASN A 272 8.71 -47.57 -19.63
C ASN A 272 8.48 -46.21 -19.04
N MET A 273 8.19 -46.18 -17.75
CA MET A 273 8.09 -44.92 -17.02
C MET A 273 9.36 -44.08 -17.15
N ALA A 274 10.51 -44.74 -17.02
CA ALA A 274 11.82 -44.10 -17.15
C ALA A 274 12.04 -43.59 -18.56
N GLN A 275 11.77 -44.41 -19.56
CA GLN A 275 12.01 -44.01 -20.93
C GLN A 275 11.09 -42.84 -21.32
N PHE A 276 9.83 -42.94 -20.91
CA PHE A 276 8.82 -41.86 -21.04
C PHE A 276 9.18 -40.52 -20.39
N SER A 277 10.03 -40.54 -19.37
CA SER A 277 10.49 -39.33 -18.67
C SER A 277 11.51 -38.52 -19.46
N VAL A 278 12.04 -39.08 -20.53
CA VAL A 278 13.24 -38.50 -21.17
C VAL A 278 12.82 -37.64 -22.38
N LEU A 279 13.14 -36.36 -22.35
CA LEU A 279 12.84 -35.47 -23.47
C LEU A 279 14.05 -35.39 -24.37
N LEU A 280 13.89 -35.81 -25.61
CA LEU A 280 14.95 -35.79 -26.63
C LEU A 280 14.81 -34.46 -27.40
N PRO A 281 15.89 -33.97 -28.03
CA PRO A 281 15.99 -32.65 -28.70
C PRO A 281 14.71 -31.98 -29.25
N ALA B 9 9.89 4.59 -23.28
CA ALA B 9 10.51 3.68 -24.29
C ALA B 9 10.84 2.31 -23.68
N VAL B 10 9.98 1.33 -23.93
CA VAL B 10 10.12 0.03 -23.30
C VAL B 10 10.74 -1.00 -24.24
N LYS B 11 11.38 -2.01 -23.67
CA LYS B 11 11.80 -3.18 -24.44
C LYS B 11 11.61 -4.45 -23.62
N ILE B 12 10.88 -5.40 -24.18
CA ILE B 12 10.38 -6.50 -23.38
C ILE B 12 11.17 -7.74 -23.64
N GLY B 13 11.92 -8.15 -22.64
CA GLY B 13 12.49 -9.49 -22.65
C GLY B 13 11.33 -10.42 -22.44
N ILE B 14 11.32 -11.53 -23.19
CA ILE B 14 10.33 -12.57 -23.03
C ILE B 14 11.11 -13.87 -22.89
N ILE B 15 10.98 -14.56 -21.75
CA ILE B 15 11.58 -15.90 -21.66
C ILE B 15 10.52 -16.99 -21.79
N GLY B 16 10.71 -17.85 -22.79
CA GLY B 16 9.77 -18.90 -23.13
C GLY B 16 10.28 -20.21 -22.55
N GLY B 17 9.47 -20.85 -21.70
CA GLY B 17 9.85 -22.16 -21.13
C GLY B 17 9.16 -23.28 -21.86
N THR B 18 8.90 -24.36 -21.13
CA THR B 18 8.21 -25.54 -21.64
C THR B 18 6.92 -25.20 -22.38
N GLY B 19 6.80 -25.77 -23.60
CA GLY B 19 5.68 -25.53 -24.49
C GLY B 19 5.78 -24.20 -25.27
N LEU B 20 6.81 -23.43 -24.99
CA LEU B 20 7.05 -22.15 -25.67
C LEU B 20 8.50 -22.05 -26.03
N ASP B 21 9.10 -23.18 -26.40
CA ASP B 21 10.53 -23.18 -26.77
C ASP B 21 10.79 -22.30 -27.99
N ASP B 22 9.91 -22.37 -28.99
CA ASP B 22 10.14 -21.65 -30.25
C ASP B 22 8.82 -21.08 -30.80
N PRO B 23 8.22 -20.12 -30.08
CA PRO B 23 6.86 -19.78 -30.46
C PRO B 23 6.83 -18.61 -31.45
N GLU B 24 6.04 -18.77 -32.52
CA GLU B 24 5.89 -17.69 -33.52
C GLU B 24 4.97 -16.61 -32.95
N ILE B 25 5.58 -15.52 -32.51
CA ILE B 25 4.91 -14.54 -31.68
C ILE B 25 5.39 -13.14 -32.08
N LEU B 26 6.60 -13.07 -32.60
CA LEU B 26 7.19 -11.81 -33.00
C LEU B 26 7.10 -11.58 -34.51
N GLU B 27 6.76 -10.34 -34.88
CA GLU B 27 6.85 -9.86 -36.27
C GLU B 27 8.26 -9.36 -36.57
N GLY B 28 8.67 -9.47 -37.83
CA GLY B 28 9.91 -8.86 -38.28
C GLY B 28 11.10 -9.36 -37.51
N ARG B 29 11.18 -10.69 -37.34
CA ARG B 29 12.15 -11.35 -36.46
C ARG B 29 13.55 -11.53 -37.02
N THR B 30 14.55 -11.26 -36.16
CA THR B 30 15.98 -11.41 -36.44
C THR B 30 16.66 -12.29 -35.38
N GLU B 31 17.54 -13.17 -35.85
CA GLU B 31 18.28 -14.08 -34.98
C GLU B 31 19.59 -13.42 -34.57
N LYS B 32 19.89 -13.40 -33.28
CA LYS B 32 21.16 -12.85 -32.80
C LYS B 32 21.82 -13.63 -31.66
N TYR B 33 22.98 -14.20 -31.96
CA TYR B 33 23.80 -14.86 -30.96
C TYR B 33 24.72 -13.87 -30.29
N VAL B 34 24.77 -13.95 -28.95
CA VAL B 34 25.70 -13.17 -28.12
C VAL B 34 26.47 -14.03 -27.12
N ASP B 35 27.60 -13.52 -26.67
CA ASP B 35 28.28 -14.03 -25.49
C ASP B 35 28.13 -12.96 -24.42
N THR B 36 28.31 -13.36 -23.16
CA THR B 36 28.25 -12.45 -22.02
C THR B 36 29.40 -12.83 -21.12
N PRO B 37 29.78 -11.94 -20.17
CA PRO B 37 30.83 -12.25 -19.18
C PRO B 37 30.55 -13.51 -18.32
N PHE B 38 29.31 -14.01 -18.37
CA PHE B 38 28.88 -15.22 -17.64
C PHE B 38 28.67 -16.43 -18.53
N GLY B 39 29.08 -16.30 -19.80
CA GLY B 39 28.97 -17.39 -20.76
C GLY B 39 27.89 -17.08 -21.77
N LYS B 40 27.61 -18.05 -22.63
CA LYS B 40 26.57 -17.89 -23.64
C LYS B 40 25.15 -18.12 -23.09
N PRO B 41 24.16 -17.37 -23.58
CA PRO B 41 22.74 -17.66 -23.28
C PRO B 41 22.27 -19.01 -23.83
N SER B 42 21.08 -19.46 -23.42
CA SER B 42 20.52 -20.75 -23.88
C SER B 42 20.44 -20.91 -25.39
N ASP B 43 20.22 -19.80 -26.09
CA ASP B 43 20.07 -19.83 -27.52
C ASP B 43 20.16 -18.39 -28.04
N ALA B 44 20.14 -18.21 -29.36
CA ALA B 44 20.10 -16.86 -29.98
C ALA B 44 19.01 -15.99 -29.39
N LEU B 45 19.33 -14.71 -29.24
CA LEU B 45 18.27 -13.75 -28.98
C LEU B 45 17.42 -13.62 -30.21
N ILE B 46 16.11 -13.58 -30.04
CA ILE B 46 15.21 -13.33 -31.16
C ILE B 46 14.66 -11.92 -31.07
N LEU B 47 15.36 -10.99 -31.72
CA LEU B 47 14.90 -9.61 -31.92
C LEU B 47 13.61 -9.57 -32.77
N GLY B 48 12.66 -8.72 -32.39
CA GLY B 48 11.35 -8.63 -33.05
C GLY B 48 10.37 -7.66 -32.40
N LYS B 49 9.12 -7.68 -32.84
CA LYS B 49 8.13 -6.71 -32.38
C LYS B 49 6.73 -7.31 -32.21
N ILE B 50 5.99 -6.76 -31.26
CA ILE B 50 4.57 -7.00 -31.13
C ILE B 50 3.91 -5.63 -31.16
N LYS B 51 2.86 -5.48 -31.97
CA LYS B 51 2.38 -4.16 -32.41
C LYS B 51 3.56 -3.21 -32.59
N ASN B 52 3.64 -2.14 -31.81
CA ASN B 52 4.76 -1.17 -31.89
C ASN B 52 5.98 -1.40 -30.98
N VAL B 53 5.86 -2.35 -30.06
CA VAL B 53 6.81 -2.52 -28.95
C VAL B 53 7.97 -3.46 -29.30
N ASP B 54 9.19 -2.98 -29.05
CA ASP B 54 10.39 -3.79 -29.27
C ASP B 54 10.47 -4.96 -28.27
N CYS B 55 10.71 -6.16 -28.77
CA CYS B 55 10.80 -7.35 -27.90
C CYS B 55 12.09 -8.12 -28.11
N VAL B 56 12.47 -8.89 -27.09
CA VAL B 56 13.55 -9.88 -27.24
C VAL B 56 13.14 -11.23 -26.64
N LEU B 57 13.06 -12.23 -27.50
CA LEU B 57 12.59 -13.55 -27.12
C LEU B 57 13.76 -14.49 -26.92
N LEU B 58 13.69 -15.30 -25.86
CA LEU B 58 14.71 -16.26 -25.58
C LEU B 58 14.14 -17.56 -25.01
N ALA B 59 14.64 -18.67 -25.53
CA ALA B 59 14.22 -19.99 -25.14
C ALA B 59 14.98 -20.39 -23.89
N ARG B 60 14.29 -20.46 -22.74
CA ARG B 60 14.96 -20.84 -21.48
C ARG B 60 15.78 -22.12 -21.64
N HIS B 61 15.25 -23.09 -22.35
CA HIS B 61 15.88 -24.42 -22.43
C HIS B 61 16.59 -24.64 -23.77
N GLY B 62 16.72 -23.55 -24.55
CA GLY B 62 17.17 -23.62 -25.93
C GLY B 62 15.99 -24.02 -26.80
N ARG B 63 15.97 -23.56 -28.06
CA ARG B 63 14.84 -23.82 -28.96
C ARG B 63 14.52 -25.29 -29.24
N GLN B 64 15.43 -26.20 -28.96
CA GLN B 64 15.13 -27.63 -29.08
C GLN B 64 14.88 -28.29 -27.73
N HIS B 65 14.85 -27.48 -26.66
CA HIS B 65 14.60 -27.91 -25.28
C HIS B 65 15.58 -28.99 -24.84
N THR B 66 16.85 -28.60 -24.81
CA THR B 66 17.96 -29.54 -24.59
C THR B 66 18.70 -29.25 -23.30
N ILE B 67 18.34 -28.17 -22.60
CA ILE B 67 19.01 -27.71 -21.38
C ILE B 67 18.09 -27.91 -20.15
N MET B 68 18.55 -28.74 -19.22
CA MET B 68 17.78 -29.04 -18.00
C MET B 68 17.88 -27.83 -17.05
N PRO B 69 16.84 -27.59 -16.24
CA PRO B 69 16.72 -26.46 -15.30
C PRO B 69 17.93 -26.14 -14.40
N SER B 70 18.60 -27.17 -13.85
CA SER B 70 19.87 -26.99 -13.13
C SER B 70 20.94 -26.36 -14.02
N LYS B 71 20.99 -26.73 -15.28
CA LYS B 71 22.04 -26.26 -16.18
C LYS B 71 21.67 -24.99 -16.95
N VAL B 72 20.52 -24.37 -16.72
CA VAL B 72 20.22 -23.11 -17.45
C VAL B 72 21.18 -22.00 -17.00
N ASN B 73 21.81 -21.34 -17.94
CA ASN B 73 22.70 -20.28 -17.54
C ASN B 73 21.84 -19.03 -17.33
N TYR B 74 21.18 -18.97 -16.17
CA TYR B 74 20.36 -17.82 -15.77
C TYR B 74 21.12 -16.48 -15.76
N GLN B 75 22.38 -16.52 -15.33
CA GLN B 75 23.20 -15.32 -15.29
C GLN B 75 23.35 -14.78 -16.71
N ALA B 76 23.80 -15.64 -17.62
CA ALA B 76 24.02 -15.28 -19.01
C ALA B 76 22.71 -14.80 -19.66
N ASN B 77 21.65 -15.54 -19.42
CA ASN B 77 20.34 -15.15 -19.95
C ASN B 77 19.85 -13.73 -19.54
N ILE B 78 19.89 -13.40 -18.25
CA ILE B 78 19.41 -12.10 -17.78
C ILE B 78 20.38 -11.01 -18.22
N TRP B 79 21.67 -11.31 -18.19
CA TRP B 79 22.66 -10.36 -18.58
C TRP B 79 22.55 -9.96 -20.05
N ALA B 80 22.26 -10.95 -20.89
CA ALA B 80 22.09 -10.72 -22.31
C ALA B 80 20.86 -9.87 -22.57
N LEU B 81 19.79 -10.09 -21.82
CA LEU B 81 18.59 -9.26 -21.94
C LEU B 81 18.83 -7.81 -21.48
N LYS B 82 19.52 -7.67 -20.35
CA LYS B 82 19.88 -6.37 -19.84
C LYS B 82 20.69 -5.61 -20.89
N GLU B 83 21.71 -6.28 -21.42
CA GLU B 83 22.66 -5.68 -22.34
C GLU B 83 22.02 -5.24 -23.65
N GLU B 84 20.95 -5.93 -24.04
CA GLU B 84 20.18 -5.61 -25.24
C GLU B 84 19.18 -4.46 -24.97
N GLY B 85 19.20 -3.95 -23.74
CA GLY B 85 18.43 -2.77 -23.37
C GLY B 85 17.00 -3.03 -22.91
N CYS B 86 16.73 -4.28 -22.51
CA CYS B 86 15.41 -4.67 -22.01
C CYS B 86 15.02 -3.89 -20.76
N THR B 87 13.75 -3.55 -20.67
CA THR B 87 13.25 -2.83 -19.51
C THR B 87 12.44 -3.79 -18.65
N HIS B 88 11.71 -4.68 -19.32
CA HIS B 88 10.93 -5.71 -18.65
C HIS B 88 11.33 -7.08 -19.18
N VAL B 89 11.09 -8.09 -18.34
CA VAL B 89 11.22 -9.47 -18.71
C VAL B 89 9.97 -10.17 -18.21
N ILE B 90 9.23 -10.74 -19.14
CA ILE B 90 8.04 -11.47 -18.81
C ILE B 90 8.35 -12.88 -19.23
N VAL B 91 8.05 -13.84 -18.37
CA VAL B 91 8.40 -15.22 -18.66
C VAL B 91 7.19 -16.09 -18.49
N THR B 92 7.28 -17.33 -18.98
CA THR B 92 6.30 -18.38 -18.73
C THR B 92 7.00 -19.55 -18.06
N THR B 93 6.23 -20.38 -17.37
CA THR B 93 6.77 -21.59 -16.75
C THR B 93 5.66 -22.63 -16.57
N ALA B 94 5.88 -23.84 -17.08
CA ALA B 94 4.89 -24.89 -16.87
C ALA B 94 5.12 -25.36 -15.45
N CYS B 95 4.06 -25.48 -14.66
CA CYS B 95 4.20 -25.77 -13.24
C CYS B 95 3.22 -26.82 -12.73
N GLY B 96 3.46 -27.37 -11.54
CA GLY B 96 2.48 -28.24 -10.88
C GLY B 96 1.65 -27.42 -9.88
N SER B 97 0.37 -27.74 -9.73
CA SER B 97 -0.43 -27.07 -8.74
C SER B 97 -0.39 -27.78 -7.39
N LEU B 98 -0.18 -27.01 -6.33
CA LEU B 98 -0.26 -27.53 -4.96
C LEU B 98 -1.59 -27.21 -4.23
N ARG B 99 -2.59 -26.73 -4.95
CA ARG B 99 -3.84 -26.29 -4.32
C ARG B 99 -5.07 -26.73 -5.11
N GLU B 100 -6.02 -27.35 -4.42
CA GLU B 100 -7.31 -27.73 -5.00
C GLU B 100 -7.84 -26.68 -6.01
N GLU B 101 -7.87 -25.42 -5.58
CA GLU B 101 -8.51 -24.35 -6.37
C GLU B 101 -7.69 -23.89 -7.57
N ILE B 102 -6.40 -24.26 -7.58
CA ILE B 102 -5.58 -24.01 -8.77
C ILE B 102 -5.68 -25.25 -9.65
N GLN B 103 -6.59 -25.18 -10.64
CA GLN B 103 -6.89 -26.31 -11.53
C GLN B 103 -5.96 -26.35 -12.75
N PRO B 104 -5.71 -27.57 -13.29
CA PRO B 104 -4.96 -27.67 -14.54
C PRO B 104 -5.51 -26.68 -15.56
N GLY B 105 -4.65 -25.97 -16.27
CA GLY B 105 -5.10 -24.97 -17.23
C GLY B 105 -5.15 -23.54 -16.71
N ASP B 106 -5.19 -23.42 -15.38
CA ASP B 106 -5.17 -22.10 -14.72
C ASP B 106 -3.83 -21.36 -14.86
N ILE B 107 -3.92 -20.04 -15.03
CA ILE B 107 -2.76 -19.16 -14.97
C ILE B 107 -2.61 -18.68 -13.53
N VAL B 108 -1.37 -18.59 -13.07
CA VAL B 108 -1.07 -17.97 -11.76
C VAL B 108 -0.07 -16.87 -11.93
N ILE B 109 -0.47 -15.63 -11.66
CA ILE B 109 0.46 -14.51 -11.72
C ILE B 109 1.21 -14.38 -10.39
N ILE B 110 2.20 -15.27 -10.21
CA ILE B 110 2.88 -15.47 -8.91
C ILE B 110 3.47 -14.19 -8.31
N ASP B 111 3.34 -14.04 -6.99
CA ASP B 111 3.84 -12.86 -6.27
C ASP B 111 5.02 -13.16 -5.34
N GLN B 112 5.24 -14.45 -5.07
CA GLN B 112 6.28 -14.86 -4.12
C GLN B 112 6.96 -16.14 -4.59
N PHE B 113 8.08 -16.46 -3.95
CA PHE B 113 8.74 -17.71 -4.23
C PHE B 113 9.34 -18.34 -2.97
N ILE B 114 9.56 -19.64 -3.03
CA ILE B 114 10.31 -20.36 -1.97
C ILE B 114 11.45 -21.10 -2.66
N ASP B 115 12.69 -20.83 -2.27
CA ASP B 115 13.82 -21.44 -2.96
C ASP B 115 14.01 -22.85 -2.41
N ARG B 116 14.02 -23.88 -3.28
CA ARG B 116 14.54 -25.22 -2.88
C ARG B 116 15.65 -25.68 -3.86
N THR B 117 16.25 -24.74 -4.58
CA THR B 117 17.42 -25.08 -5.44
C THR B 117 18.72 -25.15 -4.67
N THR B 118 19.71 -25.84 -5.17
CA THR B 118 20.94 -25.95 -4.40
C THR B 118 22.19 -25.74 -5.21
N MET B 119 22.13 -25.97 -6.50
CA MET B 119 23.33 -25.95 -7.30
C MET B 119 23.48 -24.69 -8.21
N ARG B 120 22.65 -23.68 -8.01
CA ARG B 120 22.64 -22.54 -8.95
C ARG B 120 23.19 -21.24 -8.36
N PRO B 121 24.10 -20.58 -9.09
CA PRO B 121 24.60 -19.24 -8.76
C PRO B 121 23.47 -18.23 -8.79
N GLN B 122 23.37 -17.41 -7.76
CA GLN B 122 22.20 -16.54 -7.57
C GLN B 122 22.51 -15.03 -7.67
N SER B 123 23.78 -14.69 -7.91
CA SER B 123 24.18 -13.29 -7.98
C SER B 123 25.15 -13.09 -9.13
N PHE B 124 25.15 -11.87 -9.68
CA PHE B 124 26.21 -11.43 -10.60
C PHE B 124 27.50 -11.08 -9.83
N TYR B 125 27.32 -10.69 -8.59
CA TYR B 125 28.39 -10.16 -7.79
C TYR B 125 29.00 -11.28 -6.99
N ASP B 126 29.80 -12.12 -7.67
CA ASP B 126 30.42 -13.29 -7.04
C ASP B 126 31.89 -13.06 -6.70
N GLY B 127 32.30 -11.80 -6.83
CA GLY B 127 33.69 -11.40 -6.67
C GLY B 127 34.65 -11.88 -7.76
N SER B 128 34.13 -12.37 -8.88
CA SER B 128 35.00 -12.93 -9.94
C SER B 128 34.91 -12.18 -11.26
N HIS B 129 34.08 -11.13 -11.29
CA HIS B 129 33.84 -10.36 -12.51
C HIS B 129 34.06 -8.87 -12.25
N SER B 130 34.68 -8.17 -13.21
CA SER B 130 34.94 -6.75 -13.04
C SER B 130 33.81 -5.89 -13.59
N CYS B 131 32.80 -6.55 -14.16
CA CYS B 131 31.59 -5.91 -14.66
C CYS B 131 30.55 -5.85 -13.54
N ALA B 132 30.84 -6.61 -12.48
CA ALA B 132 30.00 -6.71 -11.28
C ALA B 132 30.89 -6.82 -10.04
N ARG B 133 31.39 -5.68 -9.58
CA ARG B 133 32.28 -5.64 -8.42
C ARG B 133 31.55 -5.38 -7.09
N GLY B 134 32.04 -6.04 -6.04
CA GLY B 134 31.51 -5.86 -4.69
C GLY B 134 30.61 -6.99 -4.24
N VAL B 135 29.98 -6.80 -3.08
CA VAL B 135 29.07 -7.79 -2.50
C VAL B 135 27.68 -7.19 -2.52
N CYS B 136 26.77 -7.86 -3.20
CA CYS B 136 25.42 -7.37 -3.34
C CYS B 136 24.46 -8.21 -2.52
N HIS B 137 23.68 -7.56 -1.67
CA HIS B 137 22.52 -8.21 -1.02
C HIS B 137 21.24 -7.59 -1.53
N ILE B 138 20.70 -8.19 -2.58
CA ILE B 138 19.46 -7.74 -3.17
C ILE B 138 18.24 -8.12 -2.31
N PRO B 139 17.30 -7.15 -2.07
CA PRO B 139 16.04 -7.32 -1.35
C PRO B 139 15.09 -8.20 -2.12
N MET B 140 14.35 -9.04 -1.41
CA MET B 140 13.49 -9.99 -2.11
C MET B 140 12.09 -10.01 -1.53
N ALA B 141 11.76 -9.01 -0.71
CA ALA B 141 10.45 -8.98 -0.08
C ALA B 141 9.35 -8.99 -1.12
N GLU B 142 9.62 -8.35 -2.26
CA GLU B 142 8.69 -8.20 -3.37
C GLU B 142 9.44 -8.52 -4.66
N PRO B 143 9.61 -9.83 -4.96
CA PRO B 143 10.47 -10.24 -6.06
C PRO B 143 9.94 -9.88 -7.46
N PHE B 144 8.62 -9.75 -7.59
CA PHE B 144 7.99 -9.52 -8.89
C PHE B 144 7.44 -8.09 -9.07
N CYS B 145 7.66 -7.53 -10.26
CA CYS B 145 7.19 -6.18 -10.52
C CYS B 145 5.65 -6.12 -10.43
N PRO B 146 5.13 -5.42 -9.42
CA PRO B 146 3.67 -5.37 -9.17
C PRO B 146 2.84 -4.67 -10.27
N LYS B 147 3.43 -3.74 -11.03
CA LYS B 147 2.67 -3.09 -12.09
C LYS B 147 2.56 -3.98 -13.29
N THR B 148 3.66 -4.61 -13.64
CA THR B 148 3.61 -5.58 -14.71
C THR B 148 2.68 -6.74 -14.35
N ARG B 149 2.70 -7.17 -13.09
CA ARG B 149 1.77 -8.21 -12.66
C ARG B 149 0.31 -7.74 -12.79
N GLU B 150 0.06 -6.48 -12.41
CA GLU B 150 -1.29 -5.86 -12.45
C GLU B 150 -1.87 -5.88 -13.89
N VAL B 151 -1.04 -5.52 -14.87
CA VAL B 151 -1.44 -5.54 -16.27
C VAL B 151 -1.69 -6.95 -16.78
N LEU B 152 -0.83 -7.91 -16.40
CA LEU B 152 -1.05 -9.32 -16.76
C LEU B 152 -2.38 -9.80 -16.24
N ILE B 153 -2.66 -9.51 -14.98
CA ILE B 153 -3.94 -9.91 -14.35
C ILE B 153 -5.15 -9.27 -15.06
N GLU B 154 -5.10 -7.94 -15.25
CA GLU B 154 -6.20 -7.20 -15.90
C GLU B 154 -6.49 -7.78 -17.30
N THR B 155 -5.42 -7.99 -18.07
CA THR B 155 -5.52 -8.51 -19.42
C THR B 155 -6.08 -9.94 -19.53
N ALA B 156 -5.72 -10.82 -18.58
CA ALA B 156 -6.29 -12.18 -18.57
C ALA B 156 -7.78 -12.17 -18.22
N LYS B 157 -8.16 -11.24 -17.34
CA LYS B 157 -9.57 -11.00 -17.04
C LYS B 157 -10.31 -10.65 -18.34
N LYS B 158 -9.79 -9.68 -19.08
CA LYS B 158 -10.34 -9.30 -20.38
C LYS B 158 -10.49 -10.49 -21.32
N LEU B 159 -9.40 -11.23 -21.49
CA LEU B 159 -9.41 -12.40 -22.35
C LEU B 159 -10.31 -13.51 -21.82
N GLY B 160 -10.90 -13.32 -20.65
CA GLY B 160 -11.72 -14.37 -20.05
C GLY B 160 -10.93 -15.60 -19.58
N LEU B 161 -9.66 -15.42 -19.27
CA LEU B 161 -8.82 -16.54 -18.81
C LEU B 161 -8.94 -16.78 -17.29
N ARG B 162 -9.08 -18.05 -16.90
CA ARG B 162 -8.97 -18.42 -15.50
C ARG B 162 -7.57 -18.03 -14.99
N CYS B 163 -7.54 -17.19 -13.96
CA CYS B 163 -6.33 -16.56 -13.51
C CYS B 163 -6.38 -16.31 -12.00
N HIS B 164 -5.25 -16.54 -11.35
CA HIS B 164 -5.14 -16.30 -9.92
C HIS B 164 -4.26 -15.10 -9.77
N SER B 165 -4.63 -14.19 -8.87
CA SER B 165 -3.97 -12.89 -8.78
C SER B 165 -2.67 -12.89 -8.00
N LYS B 166 -2.44 -13.96 -7.26
CA LYS B 166 -1.15 -14.11 -6.60
C LYS B 166 -0.88 -15.60 -6.37
N GLY B 167 0.30 -15.93 -5.86
CA GLY B 167 0.64 -17.32 -5.54
C GLY B 167 2.12 -17.42 -5.32
N THR B 168 2.49 -18.39 -4.51
CA THR B 168 3.87 -18.61 -4.14
C THR B 168 4.38 -19.82 -4.87
N MET B 169 5.41 -19.62 -5.69
CA MET B 169 6.06 -20.68 -6.43
C MET B 169 7.24 -21.28 -5.63
N VAL B 170 7.15 -22.56 -5.26
CA VAL B 170 8.38 -23.22 -4.79
C VAL B 170 9.24 -23.82 -5.94
N THR B 171 10.49 -23.43 -6.01
CA THR B 171 11.33 -23.87 -7.10
C THR B 171 12.29 -24.95 -6.59
N ILE B 172 12.19 -26.15 -7.16
CA ILE B 172 13.01 -27.30 -6.75
C ILE B 172 14.20 -27.44 -7.71
N GLU B 173 15.24 -28.15 -7.29
CA GLU B 173 16.45 -28.26 -8.07
C GLU B 173 16.13 -29.05 -9.33
N GLY B 174 15.36 -30.12 -9.19
CA GLY B 174 15.16 -31.04 -10.27
C GLY B 174 16.49 -31.77 -10.58
N PRO B 175 16.57 -32.49 -11.70
CA PRO B 175 15.52 -32.63 -12.70
C PRO B 175 14.36 -33.56 -12.29
N ARG B 176 14.52 -34.32 -11.22
CA ARG B 176 13.46 -35.19 -10.79
C ARG B 176 12.24 -34.39 -10.31
N PHE B 177 11.08 -35.02 -10.40
CA PHE B 177 9.92 -34.52 -9.69
C PHE B 177 9.97 -34.69 -8.20
N SER B 178 9.08 -34.00 -7.52
CA SER B 178 8.90 -34.18 -6.08
C SER B 178 8.52 -35.59 -5.64
N SER B 179 8.82 -35.89 -4.39
CA SER B 179 8.27 -37.10 -3.80
C SER B 179 6.92 -36.68 -3.24
N ARG B 180 6.13 -37.65 -2.78
CA ARG B 180 4.85 -37.32 -2.19
C ARG B 180 4.99 -36.59 -0.88
N ALA B 181 5.91 -37.06 -0.03
CA ALA B 181 6.22 -36.35 1.19
C ALA B 181 6.57 -34.85 0.96
N GLU B 182 7.33 -34.57 -0.08
CA GLU B 182 7.80 -33.23 -0.36
C GLU B 182 6.67 -32.33 -0.84
N SER B 183 5.83 -32.89 -1.72
CA SER B 183 4.63 -32.24 -2.22
C SER B 183 3.72 -31.85 -1.03
N PHE B 184 3.46 -32.80 -0.11
CA PHE B 184 2.67 -32.50 1.10
C PHE B 184 3.34 -31.46 1.97
N MET B 185 4.67 -31.58 2.13
CA MET B 185 5.43 -30.64 2.94
C MET B 185 5.37 -29.22 2.32
N PHE B 186 5.49 -29.15 1.01
CA PHE B 186 5.51 -27.85 0.36
C PHE B 186 4.21 -27.13 0.67
N ARG B 187 3.09 -27.88 0.69
CA ARG B 187 1.78 -27.37 1.06
C ARG B 187 1.73 -26.69 2.43
N THR B 188 2.34 -27.35 3.41
CA THR B 188 2.44 -26.85 4.76
C THR B 188 3.36 -25.63 4.87
N TRP B 189 4.29 -25.44 3.93
CA TRP B 189 5.13 -24.25 3.91
C TRP B 189 4.40 -23.04 3.28
N GLY B 190 3.21 -23.23 2.73
CA GLY B 190 2.45 -22.16 2.09
C GLY B 190 2.72 -21.97 0.60
N ALA B 191 3.33 -22.97 -0.05
CA ALA B 191 3.53 -22.90 -1.48
C ALA B 191 2.21 -23.30 -2.18
N ASP B 192 1.97 -22.66 -3.33
CA ASP B 192 0.78 -22.84 -4.12
C ASP B 192 1.01 -23.59 -5.42
N VAL B 193 2.20 -23.42 -6.01
CA VAL B 193 2.57 -24.02 -7.28
C VAL B 193 4.04 -24.38 -7.25
N ILE B 194 4.47 -25.30 -8.11
CA ILE B 194 5.83 -25.76 -8.03
C ILE B 194 6.43 -25.88 -9.42
N ASN B 195 7.72 -25.61 -9.54
CA ASN B 195 8.40 -25.66 -10.83
C ASN B 195 9.88 -25.77 -10.54
N MET B 196 10.71 -25.73 -11.58
CA MET B 196 12.15 -25.82 -11.47
C MET B 196 12.96 -24.64 -12.02
N THR B 197 12.30 -23.52 -12.34
CA THR B 197 12.98 -22.47 -13.10
C THR B 197 12.87 -21.00 -12.66
N THR B 198 11.99 -20.68 -11.70
CA THR B 198 11.77 -19.29 -11.24
C THR B 198 13.00 -18.71 -10.53
N VAL B 199 13.55 -19.52 -9.62
CA VAL B 199 14.77 -19.19 -8.90
C VAL B 199 15.96 -19.81 -9.64
N PRO B 200 17.02 -19.02 -9.94
CA PRO B 200 17.33 -17.66 -9.55
C PRO B 200 17.02 -16.61 -10.60
N GLU B 201 16.34 -17.00 -11.67
CA GLU B 201 15.90 -16.10 -12.72
C GLU B 201 15.39 -14.76 -12.18
N VAL B 202 14.39 -14.83 -11.29
CA VAL B 202 13.76 -13.64 -10.69
C VAL B 202 14.77 -12.82 -9.87
N VAL B 203 15.75 -13.50 -9.25
CA VAL B 203 16.69 -12.87 -8.36
C VAL B 203 17.67 -12.02 -9.17
N LEU B 204 18.13 -12.60 -10.27
CA LEU B 204 19.08 -11.96 -11.17
C LEU B 204 18.44 -10.80 -11.91
N ALA B 205 17.17 -10.95 -12.27
CA ALA B 205 16.41 -9.86 -12.85
C ALA B 205 16.40 -8.61 -11.96
N LYS B 206 16.12 -8.79 -10.66
CA LYS B 206 16.22 -7.68 -9.69
C LYS B 206 17.61 -7.09 -9.65
N GLU B 207 18.63 -7.90 -9.43
CA GLU B 207 19.99 -7.36 -9.48
C GLU B 207 20.22 -6.48 -10.72
N ALA B 208 19.71 -6.91 -11.87
CA ALA B 208 19.97 -6.20 -13.11
C ALA B 208 19.09 -4.95 -13.26
N GLY B 209 18.21 -4.72 -12.30
CA GLY B 209 17.27 -3.59 -12.34
C GLY B 209 16.17 -3.70 -13.38
N ILE B 210 15.69 -4.91 -13.63
CA ILE B 210 14.70 -5.13 -14.68
C ILE B 210 13.38 -5.53 -14.04
N CYS B 211 12.26 -4.92 -14.48
CA CYS B 211 10.91 -5.32 -14.03
C CYS B 211 10.67 -6.76 -14.50
N TYR B 212 10.51 -7.67 -13.57
CA TYR B 212 10.31 -9.07 -13.95
C TYR B 212 8.95 -9.58 -13.50
N ALA B 213 8.31 -10.35 -14.36
CA ALA B 213 7.02 -10.94 -14.02
C ALA B 213 6.89 -12.32 -14.66
N SER B 214 6.11 -13.18 -14.03
CA SER B 214 6.04 -14.55 -14.48
C SER B 214 4.60 -14.97 -14.74
N ILE B 215 4.38 -15.56 -15.91
CA ILE B 215 3.11 -16.22 -16.23
C ILE B 215 3.25 -17.72 -15.94
N ALA B 216 2.70 -18.16 -14.82
CA ALA B 216 2.80 -19.58 -14.46
C ALA B 216 1.57 -20.31 -14.98
N MET B 217 1.80 -21.39 -15.72
CA MET B 217 0.71 -22.17 -16.28
C MET B 217 0.66 -23.55 -15.63
N ALA B 218 -0.44 -23.80 -14.94
CA ALA B 218 -0.66 -25.04 -14.21
C ALA B 218 -0.92 -26.15 -15.21
N THR B 219 0.05 -27.03 -15.37
CA THR B 219 -0.16 -28.08 -16.32
C THR B 219 -0.91 -29.30 -15.70
N ASP B 220 -0.90 -29.39 -14.37
CA ASP B 220 -1.48 -30.57 -13.65
C ASP B 220 -1.29 -30.40 -12.13
N TYR B 221 -1.96 -31.25 -11.34
CA TYR B 221 -1.72 -31.30 -9.92
C TYR B 221 -0.40 -32.01 -9.68
N ASP B 222 0.33 -31.60 -8.64
CA ASP B 222 1.54 -32.30 -8.23
C ASP B 222 1.04 -33.53 -7.42
N CYS B 223 1.95 -34.44 -7.03
CA CYS B 223 1.52 -35.80 -6.64
C CYS B 223 0.80 -35.93 -5.29
N TRP B 224 0.73 -34.81 -4.56
CA TRP B 224 -0.04 -34.75 -3.32
C TRP B 224 -1.48 -35.18 -3.60
N LYS B 225 -1.99 -34.77 -4.76
CA LYS B 225 -3.42 -34.89 -5.04
C LYS B 225 -3.85 -36.33 -5.28
N GLU B 226 -4.93 -36.73 -4.64
CA GLU B 226 -5.39 -38.12 -4.76
C GLU B 226 -5.90 -38.45 -6.17
N SER B 232 -1.96 -39.41 -16.78
CA SER B 232 -2.13 -39.64 -18.21
C SER B 232 -1.34 -38.66 -19.03
N VAL B 233 -0.33 -39.14 -19.75
CA VAL B 233 0.54 -38.28 -20.53
C VAL B 233 -0.17 -37.45 -21.60
N ASP B 234 -1.11 -38.09 -22.28
CA ASP B 234 -1.89 -37.48 -23.33
C ASP B 234 -2.70 -36.29 -22.79
N ARG B 235 -3.24 -36.45 -21.60
CA ARG B 235 -4.00 -35.39 -20.94
C ARG B 235 -3.13 -34.21 -20.55
N VAL B 236 -1.91 -34.51 -20.10
CA VAL B 236 -0.95 -33.49 -19.72
C VAL B 236 -0.40 -32.72 -20.92
N LEU B 237 -0.08 -33.43 -22.00
CA LEU B 237 0.41 -32.77 -23.23
C LEU B 237 -0.67 -31.91 -23.87
N LYS B 238 -1.92 -32.34 -23.75
CA LYS B 238 -3.06 -31.55 -24.21
C LYS B 238 -3.21 -30.27 -23.40
N THR B 239 -3.28 -30.43 -22.07
CA THR B 239 -3.26 -29.30 -21.16
C THR B 239 -2.07 -28.38 -21.50
N LEU B 240 -0.90 -28.95 -21.70
CA LEU B 240 0.28 -28.12 -21.90
C LEU B 240 0.20 -27.25 -23.18
N LYS B 241 -0.33 -27.83 -24.26
CA LYS B 241 -0.47 -27.14 -25.54
C LYS B 241 -1.52 -26.03 -25.46
N GLU B 242 -2.65 -26.32 -24.82
CA GLU B 242 -3.65 -25.31 -24.54
C GLU B 242 -3.03 -24.18 -23.71
N ASN B 243 -2.31 -24.55 -22.64
CA ASN B 243 -1.67 -23.57 -21.77
C ASN B 243 -0.75 -22.61 -22.53
N ALA B 244 0.04 -23.17 -23.45
CA ALA B 244 0.96 -22.42 -24.29
C ALA B 244 0.21 -21.36 -25.13
N ASN B 245 -0.96 -21.73 -25.63
CA ASN B 245 -1.80 -20.84 -26.45
C ASN B 245 -2.48 -19.74 -25.64
N LYS B 246 -2.94 -20.10 -24.45
CA LYS B 246 -3.32 -19.13 -23.44
C LYS B 246 -2.21 -18.12 -23.14
N ALA B 247 -1.00 -18.63 -22.90
CA ALA B 247 0.12 -17.75 -22.56
C ALA B 247 0.51 -16.84 -23.73
N LYS B 248 0.44 -17.40 -24.94
CA LYS B 248 0.80 -16.65 -26.15
C LYS B 248 -0.11 -15.43 -26.37
N SER B 249 -1.42 -15.61 -26.20
CA SER B 249 -2.35 -14.50 -26.32
C SER B 249 -2.16 -13.53 -25.18
N LEU B 250 -1.99 -14.06 -23.97
CA LEU B 250 -1.79 -13.20 -22.82
C LEU B 250 -0.63 -12.28 -23.07
N LEU B 251 0.47 -12.79 -23.65
CA LEU B 251 1.60 -11.93 -23.99
C LEU B 251 1.27 -10.97 -25.13
N LEU B 252 0.52 -11.46 -26.11
CA LEU B 252 0.30 -10.70 -27.32
C LEU B 252 -0.55 -9.48 -27.01
N THR B 253 -1.45 -9.63 -26.04
CA THR B 253 -2.35 -8.58 -25.63
C THR B 253 -1.73 -7.73 -24.52
N THR B 254 -1.01 -8.36 -23.60
CA THR B 254 -0.39 -7.63 -22.50
C THR B 254 0.71 -6.68 -22.97
N ILE B 255 1.59 -7.13 -23.86
CA ILE B 255 2.73 -6.28 -24.23
C ILE B 255 2.34 -4.92 -24.85
N PRO B 256 1.28 -4.86 -25.66
CA PRO B 256 0.98 -3.47 -26.08
C PRO B 256 0.45 -2.55 -24.98
N GLN B 257 -0.24 -3.10 -23.98
CA GLN B 257 -0.69 -2.29 -22.84
C GLN B 257 0.51 -1.69 -22.12
N ILE B 258 1.51 -2.53 -21.85
CA ILE B 258 2.77 -2.07 -21.26
C ILE B 258 3.42 -0.93 -22.03
N GLY B 259 3.45 -1.04 -23.35
CA GLY B 259 4.11 -0.04 -24.20
C GLY B 259 3.39 1.31 -24.22
N SER B 260 2.21 1.37 -23.60
CA SER B 260 1.41 2.59 -23.57
C SER B 260 1.24 3.22 -22.16
N THR B 261 2.18 2.98 -21.26
CA THR B 261 2.22 3.74 -20.01
C THR B 261 3.63 4.20 -19.69
N GLU B 262 3.74 5.14 -18.76
CA GLU B 262 5.05 5.60 -18.31
C GLU B 262 5.65 4.61 -17.32
N TRP B 263 6.96 4.41 -17.43
CA TRP B 263 7.67 3.44 -16.59
C TRP B 263 8.92 4.00 -15.93
N SER B 264 9.34 5.21 -16.33
CA SER B 264 10.60 5.79 -15.81
C SER B 264 10.55 5.97 -14.30
N GLU B 265 9.33 6.21 -13.81
CA GLU B 265 9.00 6.23 -12.41
C GLU B 265 9.46 4.91 -11.75
N THR B 266 8.79 3.82 -12.11
CA THR B 266 9.09 2.46 -11.62
C THR B 266 10.56 2.07 -11.79
N LEU B 267 11.07 2.28 -13.00
CA LEU B 267 12.42 1.85 -13.38
C LEU B 267 13.54 2.56 -12.61
N HIS B 268 13.29 3.81 -12.22
CA HIS B 268 14.26 4.56 -11.41
C HIS B 268 14.41 3.95 -10.00
N ASN B 269 13.30 3.48 -9.43
CA ASN B 269 13.28 2.78 -8.13
C ASN B 269 13.93 1.38 -8.12
N LEU B 270 13.81 0.65 -9.23
CA LEU B 270 14.48 -0.66 -9.36
C LEU B 270 16.01 -0.51 -9.54
N LYS B 271 16.42 0.40 -10.42
CA LYS B 271 17.83 0.75 -10.64
C LYS B 271 18.50 1.24 -9.33
N ASN B 272 17.74 1.97 -8.52
CA ASN B 272 18.22 2.42 -7.21
C ASN B 272 18.35 1.32 -6.14
N MET B 273 17.32 0.49 -6.01
CA MET B 273 17.39 -0.66 -5.11
C MET B 273 18.56 -1.58 -5.51
N ALA B 274 18.84 -1.66 -6.81
CA ALA B 274 19.89 -2.52 -7.34
C ALA B 274 21.29 -1.95 -7.13
N GLN B 275 21.43 -0.64 -7.25
CA GLN B 275 22.70 0.01 -6.92
C GLN B 275 22.94 0.00 -5.40
N PHE B 276 21.91 0.38 -4.64
CA PHE B 276 22.02 0.48 -3.17
C PHE B 276 22.20 -0.84 -2.41
N SER B 277 22.06 -1.98 -3.09
CA SER B 277 22.33 -3.29 -2.48
C SER B 277 23.81 -3.68 -2.53
N VAL B 278 24.59 -2.95 -3.33
CA VAL B 278 26.03 -3.24 -3.49
C VAL B 278 26.85 -2.56 -2.38
N LEU B 279 27.72 -3.33 -1.75
CA LEU B 279 28.66 -2.78 -0.78
C LEU B 279 30.02 -2.67 -1.49
N LEU B 280 30.54 -1.45 -1.56
CA LEU B 280 31.87 -1.21 -2.14
C LEU B 280 32.95 -1.60 -1.12
N PRO B 281 34.17 -1.97 -1.58
CA PRO B 281 35.27 -2.25 -0.62
C PRO B 281 35.70 -1.01 0.20
N ALA C 9 44.38 -22.51 31.08
CA ALA C 9 44.71 -21.24 30.35
C ALA C 9 43.79 -21.03 29.15
N VAL C 10 43.25 -19.82 29.01
CA VAL C 10 42.36 -19.55 27.89
C VAL C 10 42.93 -18.57 26.87
N LYS C 11 42.45 -18.71 25.62
CA LYS C 11 42.69 -17.78 24.54
C LYS C 11 41.41 -17.64 23.72
N ILE C 12 40.96 -16.40 23.59
CA ILE C 12 39.68 -16.08 23.00
C ILE C 12 39.82 -15.65 21.54
N GLY C 13 39.42 -16.53 20.63
CA GLY C 13 39.20 -16.16 19.24
C GLY C 13 37.98 -15.27 19.16
N ILE C 14 38.06 -14.23 18.33
CA ILE C 14 36.98 -13.30 18.14
C ILE C 14 36.80 -13.13 16.63
N ILE C 15 35.65 -13.51 16.09
CA ILE C 15 35.36 -13.18 14.70
C ILE C 15 34.37 -12.04 14.61
N GLY C 16 34.80 -10.95 13.97
CA GLY C 16 33.92 -9.79 13.79
C GLY C 16 33.22 -9.80 12.45
N GLY C 17 31.89 -9.74 12.48
CA GLY C 17 31.05 -9.63 11.30
C GLY C 17 30.83 -8.20 10.86
N THR C 18 29.74 -7.98 10.12
CA THR C 18 29.36 -6.67 9.60
C THR C 18 29.37 -5.62 10.70
N GLY C 19 29.90 -4.44 10.36
CA GLY C 19 30.07 -3.35 11.32
C GLY C 19 31.22 -3.55 12.29
N LEU C 20 31.86 -4.70 12.25
CA LEU C 20 32.98 -4.99 13.11
C LEU C 20 34.11 -5.56 12.28
N ASP C 21 34.31 -4.98 11.10
CA ASP C 21 35.27 -5.52 10.14
C ASP C 21 36.71 -5.29 10.63
N ASP C 22 36.90 -4.20 11.38
CA ASP C 22 38.22 -3.79 11.87
C ASP C 22 38.06 -2.98 13.16
N PRO C 23 37.53 -3.63 14.22
CA PRO C 23 37.22 -2.86 15.43
C PRO C 23 38.47 -2.48 16.21
N GLU C 24 38.40 -1.38 16.95
CA GLU C 24 39.51 -0.95 17.80
C GLU C 24 39.28 -1.56 19.16
N ILE C 25 39.85 -2.73 19.39
CA ILE C 25 39.38 -3.54 20.51
C ILE C 25 40.47 -4.06 21.41
N LEU C 26 41.61 -4.43 20.82
CA LEU C 26 42.64 -5.15 21.55
C LEU C 26 43.76 -4.26 22.10
N GLU C 27 44.21 -4.57 23.31
CA GLU C 27 45.42 -3.94 23.84
C GLU C 27 46.65 -4.60 23.21
N GLY C 28 47.40 -3.83 22.44
CA GLY C 28 48.67 -4.27 21.86
C GLY C 28 48.53 -5.11 20.60
N ARG C 29 48.10 -4.46 19.52
CA ARG C 29 47.83 -5.13 18.25
C ARG C 29 49.07 -5.66 17.50
N THR C 30 49.12 -6.99 17.32
CA THR C 30 50.17 -7.64 16.52
C THR C 30 49.55 -8.44 15.36
N GLU C 31 49.93 -8.07 14.14
CA GLU C 31 49.33 -8.59 12.91
C GLU C 31 50.04 -9.85 12.36
N LYS C 32 49.29 -10.94 12.21
CA LYS C 32 49.88 -12.19 11.78
C LYS C 32 49.05 -12.84 10.67
N TYR C 33 49.59 -12.83 9.46
CA TYR C 33 49.00 -13.51 8.30
C TYR C 33 49.40 -14.97 8.38
N VAL C 34 48.45 -15.86 8.19
CA VAL C 34 48.77 -17.28 8.22
C VAL C 34 48.24 -17.99 6.97
N ASP C 35 48.56 -19.27 6.88
CA ASP C 35 48.01 -20.16 5.89
C ASP C 35 47.58 -21.44 6.62
N THR C 36 46.59 -22.14 6.07
CA THR C 36 46.10 -23.36 6.68
C THR C 36 46.01 -24.39 5.58
N PRO C 37 45.87 -25.68 5.94
CA PRO C 37 45.62 -26.68 4.90
C PRO C 37 44.31 -26.49 4.09
N PHE C 38 43.45 -25.57 4.52
CA PHE C 38 42.19 -25.26 3.80
C PHE C 38 42.25 -23.90 3.09
N GLY C 39 43.44 -23.31 3.06
CA GLY C 39 43.58 -21.98 2.45
C GLY C 39 43.86 -20.89 3.46
N LYS C 40 43.85 -19.66 2.98
CA LYS C 40 44.10 -18.50 3.81
C LYS C 40 42.79 -18.09 4.48
N PRO C 41 42.84 -17.73 5.79
CA PRO C 41 41.69 -17.12 6.45
C PRO C 41 41.27 -15.84 5.72
N SER C 42 40.10 -15.29 6.04
CA SER C 42 39.65 -14.02 5.42
C SER C 42 40.68 -12.87 5.50
N ASP C 43 41.56 -12.90 6.49
CA ASP C 43 42.56 -11.84 6.67
C ASP C 43 43.56 -12.25 7.75
N ALA C 44 44.49 -11.34 8.05
CA ALA C 44 45.44 -11.47 9.16
C ALA C 44 44.75 -11.68 10.49
N LEU C 45 45.27 -12.61 11.28
CA LEU C 45 44.90 -12.71 12.67
C LEU C 45 45.50 -11.51 13.39
N ILE C 46 44.71 -10.85 14.23
CA ILE C 46 45.22 -9.75 15.04
C ILE C 46 45.35 -10.26 16.46
N LEU C 47 46.59 -10.37 16.95
CA LEU C 47 46.84 -10.80 18.32
C LEU C 47 46.86 -9.61 19.28
N GLY C 48 46.41 -9.83 20.52
CA GLY C 48 46.30 -8.76 21.51
C GLY C 48 45.75 -9.26 22.84
N LYS C 49 45.53 -8.35 23.78
CA LYS C 49 45.02 -8.73 25.10
C LYS C 49 43.83 -7.85 25.45
N ILE C 50 42.96 -8.37 26.32
CA ILE C 50 41.96 -7.55 26.98
C ILE C 50 42.06 -7.96 28.44
N LYS C 51 42.49 -7.02 29.28
CA LYS C 51 42.63 -7.29 30.71
C LYS C 51 43.33 -8.64 30.98
N ASN C 52 44.47 -8.80 30.31
CA ASN C 52 45.35 -9.97 30.42
C ASN C 52 44.90 -11.28 29.82
N VAL C 53 43.78 -11.25 29.14
CA VAL C 53 43.31 -12.40 28.41
C VAL C 53 43.83 -12.35 26.96
N ASP C 54 44.47 -13.43 26.53
CA ASP C 54 45.01 -13.56 25.17
C ASP C 54 43.89 -13.65 24.15
N CYS C 55 43.89 -12.76 23.18
CA CYS C 55 42.84 -12.72 22.17
C CYS C 55 43.43 -12.77 20.79
N VAL C 56 42.55 -13.11 19.83
CA VAL C 56 42.89 -13.19 18.43
C VAL C 56 41.65 -12.75 17.69
N LEU C 57 41.74 -11.57 17.09
CA LEU C 57 40.65 -11.03 16.34
C LEU C 57 40.84 -11.40 14.86
N LEU C 58 39.71 -11.57 14.17
CA LEU C 58 39.66 -11.91 12.75
C LEU C 58 38.42 -11.29 12.11
N ALA C 59 38.59 -10.75 10.91
CA ALA C 59 37.48 -10.15 10.20
C ALA C 59 36.84 -11.17 9.26
N ARG C 60 35.57 -11.53 9.50
CA ARG C 60 34.91 -12.60 8.71
C ARG C 60 34.96 -12.34 7.21
N HIS C 61 34.74 -11.08 6.85
CA HIS C 61 34.64 -10.71 5.46
C HIS C 61 35.91 -10.01 4.98
N GLY C 62 36.95 -10.00 5.83
CA GLY C 62 38.14 -9.20 5.57
C GLY C 62 37.99 -7.81 6.16
N ARG C 63 39.10 -7.17 6.45
CA ARG C 63 39.09 -5.85 7.10
C ARG C 63 38.40 -4.77 6.30
N GLN C 64 38.36 -4.93 4.97
CA GLN C 64 37.60 -4.00 4.12
C GLN C 64 36.23 -4.56 3.69
N HIS C 65 35.78 -5.67 4.31
CA HIS C 65 34.49 -6.29 3.97
C HIS C 65 34.33 -6.57 2.49
N THR C 66 35.18 -7.45 1.97
CA THR C 66 35.22 -7.74 0.55
C THR C 66 34.67 -9.12 0.19
N ILE C 67 34.54 -10.00 1.18
CA ILE C 67 34.20 -11.41 0.93
C ILE C 67 32.74 -11.63 1.27
N MET C 68 31.98 -12.19 0.33
CA MET C 68 30.56 -12.42 0.58
C MET C 68 30.38 -13.71 1.43
N PRO C 69 29.26 -13.79 2.18
CA PRO C 69 29.00 -14.92 3.09
C PRO C 69 29.25 -16.32 2.48
N SER C 70 28.74 -16.57 1.27
CA SER C 70 29.00 -17.81 0.53
C SER C 70 30.49 -18.12 0.29
N LYS C 71 31.28 -17.07 0.11
CA LYS C 71 32.70 -17.24 -0.22
C LYS C 71 33.65 -17.17 0.97
N VAL C 72 33.14 -16.93 2.17
CA VAL C 72 34.00 -16.87 3.35
C VAL C 72 34.62 -18.25 3.49
N ASN C 73 35.92 -18.34 3.71
CA ASN C 73 36.56 -19.63 3.92
C ASN C 73 36.46 -20.11 5.41
N TYR C 74 35.27 -20.58 5.83
CA TYR C 74 35.04 -20.92 7.23
C TYR C 74 36.03 -21.98 7.75
N GLN C 75 36.41 -22.91 6.88
CA GLN C 75 37.41 -23.87 7.25
C GLN C 75 38.77 -23.21 7.58
N ALA C 76 39.25 -22.30 6.73
CA ALA C 76 40.55 -21.62 6.98
C ALA C 76 40.49 -20.83 8.28
N ASN C 77 39.41 -20.04 8.44
CA ASN C 77 39.14 -19.27 9.67
C ASN C 77 39.12 -20.07 10.96
N ILE C 78 38.30 -21.11 11.04
CA ILE C 78 38.27 -21.88 12.28
C ILE C 78 39.65 -22.53 12.51
N TRP C 79 40.21 -23.15 11.49
CA TRP C 79 41.50 -23.86 11.61
C TRP C 79 42.64 -22.94 12.10
N ALA C 80 42.72 -21.72 11.56
CA ALA C 80 43.73 -20.73 11.97
C ALA C 80 43.56 -20.33 13.43
N LEU C 81 42.31 -20.10 13.85
CA LEU C 81 42.05 -19.73 15.23
C LEU C 81 42.47 -20.90 16.10
N LYS C 82 42.16 -22.12 15.65
CA LYS C 82 42.48 -23.32 16.42
C LYS C 82 44.01 -23.53 16.58
N GLU C 83 44.75 -23.37 15.50
CA GLU C 83 46.21 -23.54 15.53
C GLU C 83 46.86 -22.50 16.45
N GLU C 84 46.27 -21.32 16.45
CA GLU C 84 46.70 -20.23 17.30
C GLU C 84 46.53 -20.53 18.79
N GLY C 85 45.82 -21.60 19.12
CA GLY C 85 45.61 -21.99 20.49
C GLY C 85 44.28 -21.59 21.12
N CYS C 86 43.38 -20.96 20.37
CA CYS C 86 42.11 -20.52 20.97
C CYS C 86 41.35 -21.65 21.69
N THR C 87 40.82 -21.32 22.85
CA THR C 87 39.95 -22.22 23.60
C THR C 87 38.49 -21.85 23.31
N HIS C 88 38.30 -20.61 22.85
CA HIS C 88 37.01 -20.02 22.71
C HIS C 88 36.96 -19.19 21.41
N VAL C 89 35.80 -19.19 20.74
CA VAL C 89 35.55 -18.28 19.63
C VAL C 89 34.20 -17.63 19.94
N ILE C 90 34.20 -16.30 20.03
CA ILE C 90 32.97 -15.56 20.26
C ILE C 90 32.87 -14.68 19.04
N VAL C 91 31.72 -14.67 18.38
CA VAL C 91 31.62 -13.97 17.10
C VAL C 91 30.46 -13.00 17.09
N THR C 92 30.48 -12.08 16.14
CA THR C 92 29.29 -11.24 16.00
C THR C 92 28.62 -11.51 14.67
N THR C 93 27.29 -11.40 14.64
CA THR C 93 26.57 -11.44 13.38
C THR C 93 25.41 -10.43 13.27
N ALA C 94 25.40 -9.64 12.21
CA ALA C 94 24.33 -8.65 11.97
C ALA C 94 23.12 -9.31 11.29
N CYS C 95 22.02 -9.42 12.02
CA CYS C 95 20.89 -10.23 11.57
C CYS C 95 19.55 -9.51 11.34
N GLY C 96 18.61 -10.25 10.73
CA GLY C 96 17.23 -9.84 10.65
C GLY C 96 16.50 -10.50 11.78
N SER C 97 15.44 -9.85 12.23
CA SER C 97 14.53 -10.39 13.23
C SER C 97 13.25 -10.92 12.61
N LEU C 98 12.82 -12.07 13.14
CA LEU C 98 11.64 -12.78 12.67
C LEU C 98 10.58 -12.85 13.76
N ARG C 99 10.79 -12.10 14.85
CA ARG C 99 9.85 -12.00 15.94
C ARG C 99 9.60 -10.55 16.31
N GLU C 100 8.35 -10.26 16.67
CA GLU C 100 7.94 -8.94 17.14
C GLU C 100 8.78 -8.52 18.36
N GLU C 101 8.86 -9.40 19.35
CA GLU C 101 9.61 -9.18 20.59
C GLU C 101 11.13 -8.98 20.46
N ILE C 102 11.73 -9.42 19.36
CA ILE C 102 13.14 -9.12 19.11
C ILE C 102 13.22 -7.85 18.23
N GLN C 103 13.49 -6.70 18.86
CA GLN C 103 13.44 -5.41 18.15
C GLN C 103 14.80 -5.05 17.56
N PRO C 104 14.82 -4.14 16.57
CA PRO C 104 16.08 -3.54 16.13
C PRO C 104 16.95 -3.14 17.33
N GLY C 105 18.25 -3.37 17.27
CA GLY C 105 19.11 -3.03 18.39
C GLY C 105 19.24 -4.08 19.50
N ASP C 106 18.27 -4.99 19.61
CA ASP C 106 18.36 -6.13 20.59
C ASP C 106 19.50 -7.06 20.24
N ILE C 107 20.00 -7.77 21.25
CA ILE C 107 21.04 -8.76 21.07
C ILE C 107 20.40 -10.12 21.32
N VAL C 108 20.92 -11.19 20.69
CA VAL C 108 20.36 -12.53 20.86
C VAL C 108 21.52 -13.52 21.00
N ILE C 109 21.60 -14.12 22.16
CA ILE C 109 22.64 -15.08 22.44
C ILE C 109 22.06 -16.41 21.97
N ILE C 110 22.25 -16.67 20.69
CA ILE C 110 21.53 -17.75 20.02
C ILE C 110 22.02 -19.09 20.56
N ASP C 111 21.10 -20.05 20.59
CA ASP C 111 21.41 -21.36 21.10
C ASP C 111 21.13 -22.51 20.08
N GLN C 112 20.46 -22.18 18.97
CA GLN C 112 20.14 -23.15 17.90
C GLN C 112 20.31 -22.51 16.52
N PHE C 113 20.43 -23.35 15.49
CA PHE C 113 20.44 -22.93 14.11
C PHE C 113 19.55 -23.86 13.30
N ILE C 114 19.06 -23.27 12.21
CA ILE C 114 18.50 -24.03 11.12
C ILE C 114 19.34 -23.73 9.86
N ASP C 115 19.83 -24.80 9.23
CA ASP C 115 20.67 -24.67 8.05
C ASP C 115 19.82 -24.56 6.80
N ARG C 116 20.01 -23.45 6.11
CA ARG C 116 19.44 -23.24 4.81
C ARG C 116 20.54 -22.88 3.79
N THR C 117 21.79 -23.21 4.08
CA THR C 117 22.88 -23.08 3.09
C THR C 117 22.97 -24.23 2.10
N THR C 118 23.62 -24.01 0.96
CA THR C 118 23.69 -24.98 -0.13
C THR C 118 25.14 -25.20 -0.62
N MET C 119 25.94 -24.13 -0.72
CA MET C 119 27.27 -24.21 -1.36
C MET C 119 28.47 -24.58 -0.44
N ARG C 120 28.24 -24.74 0.87
CA ARG C 120 29.35 -24.57 1.81
C ARG C 120 29.87 -25.89 2.41
N PRO C 121 31.18 -26.12 2.37
CA PRO C 121 31.70 -27.33 3.03
C PRO C 121 31.57 -27.18 4.55
N GLN C 122 31.09 -28.21 5.21
CA GLN C 122 30.76 -28.07 6.61
C GLN C 122 31.59 -29.02 7.45
N SER C 123 32.70 -29.50 6.89
CA SER C 123 33.60 -30.34 7.65
C SER C 123 35.08 -30.21 7.26
N PHE C 124 35.96 -30.46 8.24
CA PHE C 124 37.39 -30.58 7.99
C PHE C 124 37.67 -31.94 7.40
N TYR C 125 36.89 -32.93 7.84
CA TYR C 125 37.11 -34.32 7.52
C TYR C 125 36.42 -34.64 6.17
N ASP C 126 37.04 -34.17 5.08
CA ASP C 126 36.48 -34.30 3.72
C ASP C 126 37.23 -35.38 2.91
N GLY C 127 38.16 -36.08 3.55
CA GLY C 127 38.91 -37.15 2.89
C GLY C 127 40.04 -36.66 1.99
N SER C 128 40.23 -35.35 1.91
CA SER C 128 41.25 -34.75 1.03
C SER C 128 42.40 -34.02 1.75
N HIS C 129 42.35 -33.93 3.08
CA HIS C 129 43.41 -33.29 3.88
C HIS C 129 43.91 -34.29 4.89
N SER C 130 45.23 -34.42 5.00
CA SER C 130 45.83 -35.41 5.90
C SER C 130 45.95 -34.90 7.35
N CYS C 131 45.74 -33.60 7.54
CA CYS C 131 45.60 -33.04 8.88
C CYS C 131 44.28 -33.45 9.57
N ALA C 132 43.36 -34.02 8.78
CA ALA C 132 42.01 -34.35 9.25
C ALA C 132 41.54 -35.64 8.55
N ARG C 133 41.96 -36.77 9.09
CA ARG C 133 41.72 -38.03 8.42
C ARG C 133 40.47 -38.72 8.95
N GLY C 134 39.71 -39.28 8.02
CA GLY C 134 38.55 -40.09 8.39
C GLY C 134 37.23 -39.41 8.11
N VAL C 135 36.17 -40.13 8.48
CA VAL C 135 34.80 -39.64 8.36
C VAL C 135 34.34 -39.17 9.73
N CYS C 136 33.92 -37.90 9.82
CA CYS C 136 33.54 -37.33 11.11
C CYS C 136 32.07 -36.90 11.17
N HIS C 137 31.32 -37.41 12.15
CA HIS C 137 29.94 -36.91 12.29
C HIS C 137 29.76 -36.16 13.56
N ILE C 138 29.88 -34.84 13.51
CA ILE C 138 29.88 -34.08 14.74
C ILE C 138 28.47 -33.87 15.30
N PRO C 139 28.21 -34.25 16.58
CA PRO C 139 26.88 -33.96 17.15
C PRO C 139 26.60 -32.46 17.15
N MET C 140 25.37 -32.09 16.81
CA MET C 140 24.98 -30.70 16.77
C MET C 140 23.75 -30.43 17.63
N ALA C 141 23.44 -31.34 18.55
CA ALA C 141 22.28 -31.16 19.44
C ALA C 141 22.34 -29.83 20.16
N GLU C 142 23.52 -29.51 20.72
CA GLU C 142 23.72 -28.23 21.38
C GLU C 142 24.85 -27.55 20.67
N PRO C 143 24.50 -26.71 19.69
CA PRO C 143 25.61 -26.24 18.87
C PRO C 143 26.50 -25.21 19.55
N PHE C 144 25.99 -24.51 20.54
CA PHE C 144 26.73 -23.42 21.18
C PHE C 144 27.09 -23.72 22.61
N CYS C 145 28.23 -23.18 23.05
CA CYS C 145 28.69 -23.40 24.42
C CYS C 145 27.78 -22.77 25.48
N PRO C 146 27.15 -23.61 26.33
CA PRO C 146 26.17 -23.04 27.28
C PRO C 146 26.85 -22.15 28.32
N LYS C 147 28.04 -22.58 28.75
CA LYS C 147 28.90 -21.88 29.70
C LYS C 147 29.18 -20.47 29.22
N THR C 148 29.74 -20.37 28.01
CA THR C 148 30.10 -19.09 27.40
C THR C 148 28.87 -18.25 27.13
N ARG C 149 27.78 -18.87 26.70
CA ARG C 149 26.56 -18.10 26.45
C ARG C 149 26.01 -17.41 27.72
N GLU C 150 26.07 -18.10 28.86
CA GLU C 150 25.66 -17.55 30.17
C GLU C 150 26.41 -16.27 30.60
N VAL C 151 27.73 -16.31 30.44
CA VAL C 151 28.56 -15.18 30.78
C VAL C 151 28.14 -13.98 29.92
N LEU C 152 27.84 -14.24 28.66
CA LEU C 152 27.43 -13.19 27.75
C LEU C 152 26.09 -12.63 28.17
N ILE C 153 25.20 -13.50 28.64
CA ILE C 153 23.86 -13.08 29.07
C ILE C 153 23.92 -12.16 30.33
N GLU C 154 24.66 -12.61 31.34
CA GLU C 154 24.84 -11.84 32.59
C GLU C 154 25.44 -10.44 32.34
N THR C 155 26.54 -10.41 31.59
CA THR C 155 27.23 -9.17 31.20
C THR C 155 26.33 -8.17 30.49
N ALA C 156 25.44 -8.68 29.64
CA ALA C 156 24.59 -7.82 28.83
C ALA C 156 23.53 -7.13 29.69
N LYS C 157 23.08 -7.85 30.70
CA LYS C 157 22.25 -7.28 31.75
C LYS C 157 23.06 -6.21 32.52
N LYS C 158 24.28 -6.58 32.95
CA LYS C 158 25.16 -5.65 33.69
C LYS C 158 25.49 -4.42 32.88
N LEU C 159 25.38 -4.51 31.56
CA LEU C 159 25.72 -3.37 30.68
C LEU C 159 24.52 -2.55 30.29
N GLY C 160 23.34 -2.98 30.76
CA GLY C 160 22.08 -2.35 30.36
C GLY C 160 21.65 -2.55 28.89
N LEU C 161 22.06 -3.66 28.26
CA LEU C 161 21.68 -3.93 26.85
C LEU C 161 20.45 -4.84 26.73
N ARG C 162 19.50 -4.43 25.88
CA ARG C 162 18.38 -5.30 25.49
C ARG C 162 18.91 -6.63 24.90
N CYS C 163 18.57 -7.75 25.55
CA CYS C 163 19.22 -9.01 25.25
C CYS C 163 18.36 -10.25 25.47
N HIS C 164 18.12 -11.02 24.41
CA HIS C 164 17.37 -12.25 24.57
C HIS C 164 18.30 -13.42 24.85
N SER C 165 17.85 -14.32 25.69
CA SER C 165 18.70 -15.36 26.29
C SER C 165 18.88 -16.59 25.46
N LYS C 166 17.92 -16.82 24.56
CA LYS C 166 18.02 -17.88 23.58
C LYS C 166 17.40 -17.42 22.27
N GLY C 167 17.36 -18.30 21.28
CA GLY C 167 16.96 -17.94 19.92
C GLY C 167 17.55 -18.89 18.90
N THR C 168 16.75 -19.27 17.91
CA THR C 168 17.16 -20.12 16.79
C THR C 168 17.50 -19.26 15.58
N MET C 169 18.73 -19.39 15.09
CA MET C 169 19.15 -18.63 13.89
C MET C 169 18.95 -19.45 12.61
N VAL C 170 18.28 -18.87 11.63
CA VAL C 170 18.31 -19.46 10.31
C VAL C 170 19.39 -18.82 9.45
N THR C 171 20.25 -19.69 8.92
CA THR C 171 21.32 -19.28 8.06
C THR C 171 21.00 -19.63 6.62
N ILE C 172 20.75 -18.58 5.84
CA ILE C 172 20.44 -18.76 4.44
C ILE C 172 21.73 -18.57 3.64
N GLU C 173 21.72 -19.04 2.39
CA GLU C 173 22.92 -19.00 1.56
C GLU C 173 23.26 -17.58 1.15
N GLY C 174 22.25 -16.79 0.81
CA GLY C 174 22.51 -15.44 0.27
C GLY C 174 23.18 -15.52 -1.08
N PRO C 175 23.67 -14.38 -1.63
CA PRO C 175 23.73 -13.09 -0.94
C PRO C 175 22.40 -12.37 -0.87
N ARG C 176 21.43 -12.80 -1.68
CA ARG C 176 20.13 -12.17 -1.67
C ARG C 176 19.48 -12.26 -0.29
N PHE C 177 18.59 -11.32 0.00
CA PHE C 177 17.67 -11.49 1.11
C PHE C 177 16.54 -12.47 0.80
N SER C 178 15.86 -12.86 1.87
CA SER C 178 14.71 -13.73 1.81
C SER C 178 13.56 -13.09 1.12
N SER C 179 12.73 -13.92 0.49
CA SER C 179 11.41 -13.46 0.05
C SER C 179 10.47 -13.47 1.27
N ARG C 180 9.37 -12.75 1.15
CA ARG C 180 8.33 -12.77 2.18
C ARG C 180 7.86 -14.18 2.55
N ALA C 181 7.58 -15.01 1.54
CA ALA C 181 7.07 -16.33 1.78
C ALA C 181 8.11 -17.19 2.52
N GLU C 182 9.40 -17.02 2.21
CA GLU C 182 10.49 -17.71 2.94
C GLU C 182 10.55 -17.21 4.37
N SER C 183 10.43 -15.89 4.51
CA SER C 183 10.48 -15.30 5.82
C SER C 183 9.30 -15.73 6.72
N PHE C 184 8.10 -15.88 6.16
CA PHE C 184 6.97 -16.40 6.94
C PHE C 184 7.17 -17.86 7.27
N MET C 185 7.73 -18.63 6.35
CA MET C 185 7.86 -20.03 6.57
C MET C 185 8.99 -20.35 7.58
N PHE C 186 10.05 -19.51 7.62
CA PHE C 186 11.08 -19.67 8.63
C PHE C 186 10.47 -19.51 10.03
N ARG C 187 9.62 -18.53 10.22
CA ARG C 187 8.95 -18.40 11.52
C ARG C 187 8.25 -19.69 11.94
N THR C 188 7.50 -20.29 11.04
CA THR C 188 6.73 -21.50 11.36
C THR C 188 7.65 -22.68 11.63
N TRP C 189 8.82 -22.69 11.00
CA TRP C 189 9.84 -23.68 11.32
C TRP C 189 10.42 -23.46 12.73
N GLY C 190 10.24 -22.26 13.29
CA GLY C 190 10.76 -21.90 14.61
C GLY C 190 12.04 -21.04 14.66
N ALA C 191 12.53 -20.56 13.52
CA ALA C 191 13.59 -19.55 13.54
C ALA C 191 13.13 -18.23 14.19
N ASP C 192 14.07 -17.52 14.84
CA ASP C 192 13.76 -16.25 15.52
C ASP C 192 14.54 -15.12 14.89
N VAL C 193 15.69 -15.48 14.33
CA VAL C 193 16.55 -14.51 13.67
C VAL C 193 17.18 -15.18 12.45
N ILE C 194 17.59 -14.37 11.48
CA ILE C 194 18.05 -14.80 10.18
C ILE C 194 19.37 -14.13 9.73
N ASN C 195 20.38 -14.94 9.38
CA ASN C 195 21.66 -14.42 8.90
C ASN C 195 22.18 -15.18 7.69
N MET C 196 23.47 -15.06 7.42
CA MET C 196 24.06 -15.75 6.31
C MET C 196 25.38 -16.41 6.68
N THR C 197 25.80 -16.34 7.94
CA THR C 197 27.17 -16.68 8.32
C THR C 197 27.34 -17.72 9.47
N THR C 198 26.29 -17.99 10.22
CA THR C 198 26.44 -18.83 11.41
C THR C 198 26.88 -20.21 10.99
N VAL C 199 26.15 -20.82 10.05
CA VAL C 199 26.51 -22.11 9.39
C VAL C 199 27.45 -21.91 8.17
N PRO C 200 28.62 -22.64 8.09
CA PRO C 200 29.07 -23.77 8.95
C PRO C 200 30.05 -23.39 10.05
N GLU C 201 30.16 -22.08 10.32
CA GLU C 201 31.06 -21.54 11.33
C GLU C 201 30.94 -22.27 12.67
N VAL C 202 29.69 -22.37 13.14
CA VAL C 202 29.40 -23.09 14.37
C VAL C 202 29.82 -24.55 14.30
N VAL C 203 29.65 -25.14 13.12
CA VAL C 203 29.81 -26.59 12.94
C VAL C 203 31.31 -26.95 13.04
N LEU C 204 32.09 -26.10 12.40
CA LEU C 204 33.53 -26.25 12.33
C LEU C 204 34.18 -25.97 13.68
N ALA C 205 33.62 -25.03 14.44
CA ALA C 205 34.14 -24.83 15.77
C ALA C 205 33.97 -26.12 16.64
N LYS C 206 32.88 -26.87 16.43
CA LYS C 206 32.63 -28.07 17.25
C LYS C 206 33.63 -29.16 16.95
N GLU C 207 33.84 -29.43 15.66
CA GLU C 207 34.85 -30.36 15.16
C GLU C 207 36.20 -30.05 15.72
N ALA C 208 36.55 -28.77 15.68
CA ALA C 208 37.79 -28.24 16.24
C ALA C 208 37.91 -28.41 17.77
N GLY C 209 36.79 -28.64 18.48
CA GLY C 209 36.81 -28.83 19.93
C GLY C 209 36.95 -27.53 20.72
N ILE C 210 36.55 -26.43 20.07
CA ILE C 210 36.63 -25.09 20.58
C ILE C 210 35.24 -24.68 21.10
N CYS C 211 35.19 -23.95 22.21
CA CYS C 211 33.93 -23.35 22.72
C CYS C 211 33.48 -22.21 21.81
N TYR C 212 32.25 -22.31 21.30
CA TYR C 212 31.73 -21.31 20.36
C TYR C 212 30.47 -20.66 20.90
N ALA C 213 30.39 -19.35 20.77
CA ALA C 213 29.14 -18.63 21.02
C ALA C 213 29.09 -17.44 20.08
N SER C 214 27.90 -16.88 19.95
CA SER C 214 27.62 -15.87 18.92
C SER C 214 26.76 -14.78 19.52
N ILE C 215 27.19 -13.55 19.32
CA ILE C 215 26.40 -12.38 19.65
C ILE C 215 25.69 -11.99 18.38
N ALA C 216 24.38 -12.28 18.32
CA ALA C 216 23.57 -11.84 17.19
C ALA C 216 22.89 -10.51 17.45
N MET C 217 23.12 -9.58 16.54
CA MET C 217 22.59 -8.23 16.67
C MET C 217 21.55 -7.96 15.60
N ALA C 218 20.29 -7.87 16.01
CA ALA C 218 19.20 -7.62 15.09
C ALA C 218 19.25 -6.19 14.55
N THR C 219 19.56 -6.02 13.27
CA THR C 219 19.60 -4.66 12.69
C THR C 219 18.25 -4.19 12.12
N ASP C 220 17.35 -5.13 11.87
CA ASP C 220 16.00 -4.81 11.40
C ASP C 220 15.11 -6.02 11.48
N TYR C 221 13.83 -5.79 11.18
CA TYR C 221 12.89 -6.85 10.99
C TYR C 221 13.12 -7.36 9.59
N ASP C 222 13.19 -8.69 9.43
CA ASP C 222 13.11 -9.28 8.09
C ASP C 222 11.71 -8.99 7.53
N CYS C 223 11.54 -9.25 6.24
CA CYS C 223 10.39 -8.75 5.50
C CYS C 223 9.02 -9.35 5.81
N TRP C 224 8.93 -10.37 6.67
CA TRP C 224 7.60 -10.80 7.16
C TRP C 224 6.78 -9.61 7.76
N LYS C 225 7.47 -8.62 8.33
CA LYS C 225 6.82 -7.46 8.98
C LYS C 225 6.36 -6.39 7.97
N VAL C 236 18.59 2.39 10.26
CA VAL C 236 19.03 1.07 9.80
C VAL C 236 20.55 0.91 9.83
N LEU C 237 21.23 1.67 8.96
CA LEU C 237 22.68 1.79 8.98
C LEU C 237 23.10 2.37 10.32
N LYS C 238 22.21 3.19 10.88
CA LYS C 238 22.38 3.80 12.20
C LYS C 238 22.43 2.72 13.27
N THR C 239 21.35 1.94 13.34
CA THR C 239 21.25 0.90 14.35
C THR C 239 22.36 -0.14 14.23
N LEU C 240 22.97 -0.22 13.05
CA LEU C 240 24.10 -1.13 12.84
C LEU C 240 25.33 -0.60 13.58
N LYS C 241 25.63 0.68 13.38
CA LYS C 241 26.73 1.34 14.07
C LYS C 241 26.53 1.26 15.59
N GLU C 242 25.28 1.40 16.04
CA GLU C 242 24.97 1.30 17.46
C GLU C 242 25.17 -0.12 17.94
N ASN C 243 24.70 -1.08 17.15
CA ASN C 243 24.91 -2.49 17.47
C ASN C 243 26.36 -2.84 17.59
N ALA C 244 27.14 -2.36 16.63
CA ALA C 244 28.59 -2.50 16.63
C ALA C 244 29.12 -2.11 18.01
N ASN C 245 28.81 -0.87 18.41
CA ASN C 245 29.21 -0.38 19.72
C ASN C 245 28.77 -1.29 20.86
N LYS C 246 27.50 -1.69 20.86
CA LYS C 246 26.98 -2.55 21.92
C LYS C 246 27.75 -3.87 21.96
N ALA C 247 28.16 -4.35 20.80
CA ALA C 247 28.86 -5.63 20.71
C ALA C 247 30.28 -5.54 21.24
N LYS C 248 30.97 -4.45 20.86
CA LYS C 248 32.28 -4.09 21.39
C LYS C 248 32.24 -4.11 22.91
N SER C 249 31.29 -3.36 23.49
CA SER C 249 31.13 -3.33 24.95
C SER C 249 30.98 -4.71 25.50
N LEU C 250 30.02 -5.46 24.96
CA LEU C 250 29.71 -6.80 25.46
C LEU C 250 30.95 -7.65 25.44
N LEU C 251 31.72 -7.56 24.36
CA LEU C 251 32.99 -8.29 24.25
C LEU C 251 34.04 -7.82 25.28
N LEU C 252 34.23 -6.50 25.34
CA LEU C 252 35.23 -5.91 26.24
C LEU C 252 35.00 -6.32 27.69
N THR C 253 33.74 -6.34 28.08
CA THR C 253 33.37 -6.74 29.43
C THR C 253 33.27 -8.25 29.62
N THR C 254 32.87 -8.99 28.57
CA THR C 254 32.61 -10.41 28.73
C THR C 254 33.90 -11.18 28.88
N ILE C 255 34.85 -10.89 28.01
CA ILE C 255 36.11 -11.62 27.91
C ILE C 255 36.93 -11.75 29.23
N PRO C 256 36.98 -10.69 30.07
CA PRO C 256 37.69 -10.91 31.33
C PRO C 256 36.96 -11.81 32.31
N GLN C 257 35.63 -11.76 32.31
CA GLN C 257 34.86 -12.67 33.16
C GLN C 257 35.22 -14.11 32.82
N ILE C 258 35.33 -14.42 31.51
CA ILE C 258 35.71 -15.77 31.05
C ILE C 258 37.12 -16.13 31.51
N GLY C 259 38.03 -15.17 31.36
CA GLY C 259 39.41 -15.32 31.80
C GLY C 259 39.50 -15.69 33.28
N SER C 260 38.64 -15.09 34.09
CA SER C 260 38.68 -15.33 35.52
C SER C 260 37.74 -16.44 35.95
N THR C 261 37.37 -17.33 35.03
CA THR C 261 36.65 -18.57 35.40
C THR C 261 37.37 -19.83 34.96
N GLU C 262 36.85 -20.98 35.38
CA GLU C 262 37.53 -22.25 35.18
C GLU C 262 36.89 -23.06 34.04
N TRP C 263 37.73 -23.73 33.24
CA TRP C 263 37.30 -24.30 31.96
C TRP C 263 37.79 -25.72 31.70
N SER C 264 38.80 -26.14 32.45
CA SER C 264 39.43 -27.43 32.24
C SER C 264 38.46 -28.58 31.89
N GLU C 265 37.36 -28.69 32.64
CA GLU C 265 36.39 -29.76 32.41
C GLU C 265 35.58 -29.57 31.10
N THR C 266 35.14 -28.34 30.84
CA THR C 266 34.36 -28.04 29.62
C THR C 266 35.11 -28.36 28.33
N LEU C 267 36.29 -27.76 28.18
CA LEU C 267 37.17 -28.04 27.03
C LEU C 267 37.53 -29.52 26.95
N HIS C 268 37.77 -30.17 28.09
CA HIS C 268 38.05 -31.60 28.07
C HIS C 268 36.90 -32.37 27.41
N ASN C 269 35.68 -32.05 27.82
CA ASN C 269 34.48 -32.67 27.24
C ASN C 269 34.22 -32.31 25.76
N LEU C 270 34.45 -31.05 25.41
CA LEU C 270 34.42 -30.64 24.01
C LEU C 270 35.49 -31.37 23.20
N LYS C 271 36.73 -31.33 23.67
CA LYS C 271 37.83 -32.01 23.01
C LYS C 271 37.53 -33.51 22.82
N ASN C 272 36.86 -34.13 23.79
CA ASN C 272 36.58 -35.58 23.74
C ASN C 272 35.45 -36.00 22.80
N MET C 273 34.39 -35.21 22.81
CA MET C 273 33.29 -35.38 21.87
C MET C 273 33.79 -35.29 20.42
N ALA C 274 34.59 -34.25 20.11
CA ALA C 274 35.23 -34.08 18.80
C ALA C 274 36.03 -35.32 18.36
N GLN C 275 36.95 -35.79 19.20
CA GLN C 275 37.75 -37.00 18.91
C GLN C 275 36.92 -38.27 18.71
N PHE C 276 35.84 -38.44 19.47
CA PHE C 276 35.04 -39.66 19.37
C PHE C 276 34.01 -39.65 18.22
N SER C 277 33.93 -38.54 17.51
CA SER C 277 33.06 -38.36 16.35
C SER C 277 33.68 -38.91 15.08
N VAL C 278 35.01 -38.92 15.01
CA VAL C 278 35.72 -39.50 13.87
C VAL C 278 35.62 -41.03 13.86
N LEU C 279 35.33 -41.59 12.68
CA LEU C 279 35.42 -43.03 12.46
C LEU C 279 36.78 -43.36 11.86
N ALA D 9 0.24 29.79 35.23
CA ALA D 9 0.72 31.05 34.57
C ALA D 9 -0.05 31.27 33.28
N VAL D 10 -0.32 32.54 32.95
CA VAL D 10 -1.10 32.82 31.76
C VAL D 10 -0.27 33.60 30.75
N LYS D 11 -0.53 33.34 29.48
CA LYS D 11 0.06 34.12 28.40
C LYS D 11 -1.00 34.42 27.37
N ILE D 12 -1.17 35.70 27.07
CA ILE D 12 -2.24 36.11 26.19
C ILE D 12 -1.72 36.32 24.77
N GLY D 13 -2.23 35.51 23.84
CA GLY D 13 -2.07 35.81 22.42
C GLY D 13 -3.11 36.87 22.05
N ILE D 14 -2.70 37.85 21.25
CA ILE D 14 -3.63 38.89 20.80
C ILE D 14 -3.51 38.94 19.28
N ILE D 15 -4.64 38.80 18.58
CA ILE D 15 -4.67 38.96 17.13
C ILE D 15 -5.39 40.25 16.81
N GLY D 16 -4.70 41.18 16.13
CA GLY D 16 -5.29 42.46 15.75
C GLY D 16 -5.70 42.44 14.28
N GLY D 17 -6.97 42.73 14.04
CA GLY D 17 -7.51 42.70 12.72
C GLY D 17 -7.44 44.12 12.15
N THR D 18 -8.39 44.46 11.29
CA THR D 18 -8.44 45.79 10.62
C THR D 18 -8.38 46.93 11.64
N GLY D 19 -7.53 47.93 11.36
CA GLY D 19 -7.36 49.07 12.26
C GLY D 19 -6.37 48.81 13.40
N LEU D 20 -5.95 47.55 13.57
CA LEU D 20 -4.98 47.14 14.57
C LEU D 20 -3.87 46.27 13.97
N ASP D 21 -3.40 46.66 12.78
CA ASP D 21 -2.28 45.97 12.13
C ASP D 21 -0.95 46.12 12.92
N ASP D 22 -0.61 47.36 13.30
CA ASP D 22 0.50 47.58 14.22
C ASP D 22 0.10 48.46 15.41
N PRO D 23 -0.43 47.82 16.46
CA PRO D 23 -0.88 48.66 17.57
C PRO D 23 0.24 48.93 18.56
N GLU D 24 0.22 50.14 19.14
CA GLU D 24 1.18 50.52 20.17
C GLU D 24 0.58 50.08 21.49
N ILE D 25 0.90 48.86 21.92
CA ILE D 25 0.11 48.25 22.98
C ILE D 25 0.92 47.47 24.01
N LEU D 26 2.08 46.94 23.61
CA LEU D 26 2.91 46.16 24.52
C LEU D 26 4.12 46.96 25.03
N GLU D 27 4.59 46.61 26.22
CA GLU D 27 5.85 47.11 26.79
C GLU D 27 6.94 46.03 26.73
N GLY D 28 8.19 46.47 26.64
CA GLY D 28 9.33 45.57 26.51
C GLY D 28 9.22 44.79 25.20
N ARG D 29 8.84 45.49 24.14
CA ARG D 29 8.57 44.87 22.85
C ARG D 29 9.82 44.23 22.27
N THR D 30 9.70 42.95 21.88
CA THR D 30 10.63 42.34 20.94
C THR D 30 9.86 41.64 19.82
N GLU D 31 10.56 41.30 18.74
CA GLU D 31 9.94 40.74 17.54
C GLU D 31 10.73 39.55 17.07
N LYS D 32 10.04 38.51 16.63
CA LYS D 32 10.69 37.39 15.96
C LYS D 32 9.73 36.73 14.94
N TYR D 33 10.27 36.33 13.80
CA TYR D 33 9.55 35.43 12.89
C TYR D 33 9.58 34.01 13.46
N VAL D 34 8.53 33.25 13.24
CA VAL D 34 8.53 31.86 13.72
C VAL D 34 8.04 30.99 12.58
N ASP D 35 8.23 29.70 12.80
CA ASP D 35 7.90 28.67 11.85
C ASP D 35 6.90 27.71 12.49
N THR D 36 6.02 27.12 11.68
CA THR D 36 5.03 26.16 12.19
C THR D 36 4.90 25.02 11.17
N PRO D 37 4.40 23.84 11.60
CA PRO D 37 4.15 22.78 10.59
C PRO D 37 3.19 23.23 9.49
N PHE D 38 2.45 24.31 9.71
CA PHE D 38 1.40 24.70 8.77
C PHE D 38 1.85 25.89 7.95
N GLY D 39 3.15 26.17 8.01
CA GLY D 39 3.75 27.30 7.29
C GLY D 39 3.93 28.54 8.15
N LYS D 40 3.98 29.70 7.49
CA LYS D 40 4.26 30.97 8.13
C LYS D 40 3.03 31.71 8.61
N PRO D 41 3.09 32.29 9.82
CA PRO D 41 2.11 33.19 10.40
C PRO D 41 2.07 34.47 9.61
N SER D 42 0.99 35.23 9.76
CA SER D 42 0.81 36.45 8.96
C SER D 42 2.01 37.37 9.02
N ASP D 43 2.62 37.50 10.21
CA ASP D 43 3.77 38.38 10.39
C ASP D 43 4.61 37.92 11.56
N ALA D 44 5.69 38.65 11.83
CA ALA D 44 6.55 38.37 13.00
C ALA D 44 5.73 38.39 14.28
N LEU D 45 6.00 37.51 15.24
CA LEU D 45 5.35 37.64 16.56
C LEU D 45 5.95 38.79 17.38
N ILE D 46 5.09 39.65 17.96
CA ILE D 46 5.53 40.73 18.86
C ILE D 46 5.34 40.28 20.33
N LEU D 47 6.45 40.03 21.04
CA LEU D 47 6.42 39.62 22.44
C LEU D 47 6.53 40.87 23.31
N GLY D 48 5.97 40.80 24.50
CA GLY D 48 5.88 41.96 25.36
C GLY D 48 4.93 41.75 26.53
N LYS D 49 4.68 42.82 27.27
CA LYS D 49 3.85 42.70 28.46
C LYS D 49 2.83 43.80 28.54
N ILE D 50 1.75 43.49 29.22
CA ILE D 50 0.80 44.47 29.72
C ILE D 50 0.77 44.21 31.23
N LYS D 51 1.29 45.19 31.98
CA LYS D 51 1.61 45.02 33.40
C LYS D 51 2.53 43.80 33.59
N ASN D 52 2.21 42.93 34.54
CA ASN D 52 3.00 41.70 34.67
C ASN D 52 2.60 40.54 33.73
N VAL D 53 1.73 40.78 32.75
CA VAL D 53 1.23 39.65 31.95
C VAL D 53 1.98 39.50 30.63
N ASP D 54 2.51 38.30 30.38
CA ASP D 54 3.10 38.03 29.08
C ASP D 54 2.06 38.02 27.96
N CYS D 55 2.40 38.68 26.86
CA CYS D 55 1.52 38.78 25.70
C CYS D 55 2.26 38.49 24.41
N VAL D 56 1.53 38.01 23.40
CA VAL D 56 2.07 37.75 22.05
C VAL D 56 1.13 38.39 21.05
N LEU D 57 1.62 39.42 20.37
CA LEU D 57 0.82 40.15 19.42
C LEU D 57 1.11 39.70 17.96
N LEU D 58 0.03 39.44 17.23
CA LEU D 58 0.07 39.01 15.84
C LEU D 58 -0.90 39.86 15.00
N ALA D 59 -0.40 40.47 13.93
CA ALA D 59 -1.24 41.14 12.93
C ALA D 59 -1.90 40.07 12.02
N ARG D 60 -3.22 39.93 12.07
CA ARG D 60 -3.93 38.99 11.20
C ARG D 60 -3.62 39.14 9.70
N HIS D 61 -3.64 40.40 9.22
CA HIS D 61 -3.47 40.69 7.82
C HIS D 61 -2.04 41.08 7.45
N GLY D 62 -1.11 40.94 8.38
CA GLY D 62 0.24 41.47 8.21
C GLY D 62 0.24 42.88 8.76
N ARG D 63 1.42 43.39 9.11
CA ARG D 63 1.55 44.71 9.73
C ARG D 63 1.17 45.84 8.78
N GLN D 64 1.28 45.57 7.48
CA GLN D 64 0.91 46.51 6.43
C GLN D 64 -0.43 46.12 5.75
N HIS D 65 -1.13 45.12 6.31
CA HIS D 65 -2.48 44.70 5.85
C HIS D 65 -2.52 44.29 4.37
N THR D 66 -1.65 43.35 4.05
CA THR D 66 -1.40 42.91 2.69
C THR D 66 -2.02 41.54 2.44
N ILE D 67 -2.57 40.92 3.46
CA ILE D 67 -3.13 39.60 3.29
C ILE D 67 -4.65 39.71 3.37
N MET D 68 -5.36 39.30 2.31
CA MET D 68 -6.81 39.31 2.36
C MET D 68 -7.31 38.10 3.23
N PRO D 69 -8.53 38.21 3.78
CA PRO D 69 -9.09 37.18 4.71
C PRO D 69 -9.02 35.72 4.24
N SER D 70 -9.30 35.47 2.96
CA SER D 70 -9.15 34.14 2.33
C SER D 70 -7.73 33.55 2.34
N LYS D 71 -6.72 34.40 2.33
CA LYS D 71 -5.32 33.93 2.26
C LYS D 71 -4.62 33.85 3.61
N VAL D 72 -5.34 34.22 4.69
CA VAL D 72 -4.74 34.28 6.01
C VAL D 72 -4.44 32.82 6.40
N ASN D 73 -3.24 32.57 6.89
CA ASN D 73 -2.88 31.21 7.35
C ASN D 73 -3.32 31.01 8.81
N TYR D 74 -4.61 30.70 9.00
CA TYR D 74 -5.26 30.56 10.31
C TYR D 74 -4.60 29.45 11.09
N GLN D 75 -4.22 28.38 10.40
CA GLN D 75 -3.60 27.22 11.06
C GLN D 75 -2.27 27.65 11.65
N ALA D 76 -1.48 28.40 10.87
CA ALA D 76 -0.15 28.75 11.32
C ALA D 76 -0.22 29.82 12.38
N ASN D 77 -1.11 30.81 12.22
CA ASN D 77 -1.31 31.81 13.28
C ASN D 77 -1.67 31.23 14.63
N ILE D 78 -2.67 30.34 14.66
CA ILE D 78 -3.08 29.75 15.92
C ILE D 78 -1.99 28.78 16.44
N TRP D 79 -1.38 28.00 15.54
CA TRP D 79 -0.35 27.03 15.96
C TRP D 79 0.82 27.79 16.65
N ALA D 80 1.24 28.89 16.01
CA ALA D 80 2.30 29.74 16.52
C ALA D 80 2.00 30.31 17.90
N LEU D 81 0.78 30.82 18.09
CA LEU D 81 0.39 31.30 19.41
C LEU D 81 0.43 30.13 20.43
N LYS D 82 -0.01 28.94 20.02
CA LYS D 82 -0.03 27.79 20.93
C LYS D 82 1.41 27.42 21.31
N GLU D 83 2.30 27.47 20.33
CA GLU D 83 3.64 26.91 20.49
C GLU D 83 4.46 27.81 21.40
N GLU D 84 4.16 29.10 21.32
CA GLU D 84 4.71 30.12 22.21
C GLU D 84 4.24 30.00 23.67
N GLY D 85 3.20 29.20 23.88
CA GLY D 85 2.68 28.92 25.21
C GLY D 85 1.45 29.74 25.62
N CYS D 86 0.75 30.37 24.66
CA CYS D 86 -0.45 31.14 24.99
C CYS D 86 -1.55 30.27 25.60
N THR D 87 -2.13 30.75 26.69
CA THR D 87 -3.28 30.13 27.33
C THR D 87 -4.58 30.71 26.80
N HIS D 88 -4.49 31.91 26.22
CA HIS D 88 -5.64 32.70 25.79
C HIS D 88 -5.27 33.36 24.48
N VAL D 89 -6.24 33.41 23.57
CA VAL D 89 -6.09 34.26 22.40
C VAL D 89 -7.30 35.15 22.43
N ILE D 90 -7.06 36.45 22.41
CA ILE D 90 -8.14 37.40 22.35
C ILE D 90 -7.92 38.20 21.08
N VAL D 91 -8.96 38.39 20.28
CA VAL D 91 -8.77 39.01 18.95
C VAL D 91 -9.72 40.19 18.74
N THR D 92 -9.42 40.99 17.73
CA THR D 92 -10.35 42.02 17.31
C THR D 92 -10.77 41.76 15.87
N THR D 93 -12.00 42.14 15.57
CA THR D 93 -12.51 41.98 14.25
C THR D 93 -13.40 43.18 13.97
N ALA D 94 -13.07 43.90 12.90
CA ALA D 94 -13.93 45.02 12.43
C ALA D 94 -15.11 44.45 11.64
N CYS D 95 -16.32 44.57 12.18
CA CYS D 95 -17.46 43.92 11.57
C CYS D 95 -18.56 44.85 11.09
N GLY D 96 -19.50 44.28 10.32
CA GLY D 96 -20.71 45.03 9.97
C GLY D 96 -21.87 44.59 10.83
N SER D 97 -22.78 45.52 11.05
CA SER D 97 -23.95 45.25 11.87
C SER D 97 -25.12 44.74 11.05
N LEU D 98 -25.74 43.63 11.50
CA LEU D 98 -26.96 43.15 10.83
C LEU D 98 -28.23 43.45 11.61
N ARG D 99 -28.08 44.07 12.78
CA ARG D 99 -29.24 44.40 13.61
C ARG D 99 -29.25 45.85 14.08
N GLU D 100 -30.47 46.39 14.24
CA GLU D 100 -30.70 47.82 14.51
C GLU D 100 -30.06 48.27 15.82
N GLU D 101 -30.22 47.46 16.87
CA GLU D 101 -29.76 47.86 18.19
C GLU D 101 -28.23 47.81 18.29
N ILE D 102 -27.56 47.13 17.36
CA ILE D 102 -26.11 47.12 17.35
C ILE D 102 -25.67 48.28 16.47
N GLN D 103 -25.30 49.38 17.10
CA GLN D 103 -24.98 50.60 16.40
C GLN D 103 -23.49 50.66 16.06
N PRO D 104 -23.12 51.43 15.02
CA PRO D 104 -21.70 51.59 14.76
C PRO D 104 -20.99 52.13 16.01
N GLY D 105 -19.79 51.61 16.30
CA GLY D 105 -19.10 52.02 17.50
C GLY D 105 -19.28 50.99 18.59
N ASP D 106 -20.34 50.18 18.51
CA ASP D 106 -20.63 49.25 19.59
C ASP D 106 -19.66 48.09 19.49
N ILE D 107 -19.51 47.39 20.61
CA ILE D 107 -18.69 46.20 20.71
C ILE D 107 -19.65 45.04 20.89
N VAL D 108 -19.39 43.94 20.21
CA VAL D 108 -20.18 42.74 20.45
C VAL D 108 -19.24 41.65 20.97
N ILE D 109 -19.49 41.09 22.14
CA ILE D 109 -18.64 39.99 22.59
C ILE D 109 -19.32 38.71 22.16
N ILE D 110 -18.99 38.31 20.94
CA ILE D 110 -19.76 37.34 20.19
C ILE D 110 -19.65 35.97 20.82
N ASP D 111 -20.75 35.23 20.80
CA ASP D 111 -20.78 33.91 21.39
C ASP D 111 -21.07 32.87 20.35
N GLN D 112 -21.49 33.31 19.16
CA GLN D 112 -21.85 32.34 18.10
C GLN D 112 -21.30 32.73 16.75
N PHE D 113 -21.14 31.72 15.89
CA PHE D 113 -20.86 31.95 14.48
C PHE D 113 -21.77 31.15 13.55
N ILE D 114 -21.95 31.71 12.36
CA ILE D 114 -22.45 31.00 11.23
C ILE D 114 -21.35 31.02 10.18
N ASP D 115 -21.00 29.83 9.67
CA ASP D 115 -19.94 29.72 8.64
C ASP D 115 -20.47 29.99 7.21
N ARG D 116 -19.82 30.90 6.48
CA ARG D 116 -20.14 31.03 5.07
C ARG D 116 -18.84 31.13 4.30
N THR D 117 -17.78 30.61 4.92
CA THR D 117 -16.53 30.46 4.18
C THR D 117 -16.60 29.21 3.31
N THR D 118 -15.79 29.20 2.25
CA THR D 118 -15.83 28.07 1.33
C THR D 118 -14.43 27.52 1.06
N MET D 119 -13.39 28.33 1.27
CA MET D 119 -12.08 27.84 0.84
C MET D 119 -11.00 27.67 1.88
N ARG D 120 -11.38 27.64 3.15
CA ARG D 120 -10.38 27.72 4.19
C ARG D 120 -10.26 26.39 4.91
N PRO D 121 -9.04 25.89 5.08
CA PRO D 121 -8.88 24.65 5.93
C PRO D 121 -9.31 24.93 7.38
N GLN D 122 -10.11 24.06 7.97
CA GLN D 122 -10.67 24.35 9.28
C GLN D 122 -10.17 23.43 10.39
N SER D 123 -9.16 22.61 10.10
CA SER D 123 -8.66 21.70 11.11
C SER D 123 -7.14 21.55 11.00
N PHE D 124 -6.49 21.32 12.13
CA PHE D 124 -5.06 20.90 12.14
C PHE D 124 -4.93 19.43 11.71
N TYR D 125 -5.98 18.65 11.93
CA TYR D 125 -5.92 17.18 11.76
C TYR D 125 -6.31 16.78 10.35
N ASP D 126 -5.44 17.04 9.38
CA ASP D 126 -5.82 16.92 7.98
C ASP D 126 -5.23 15.67 7.32
N GLY D 127 -4.69 14.76 8.16
CA GLY D 127 -4.13 13.50 7.69
C GLY D 127 -2.67 13.64 7.26
N SER D 128 -2.20 14.87 7.03
CA SER D 128 -0.88 15.16 6.48
C SER D 128 0.21 15.63 7.45
N HIS D 129 -0.11 15.97 8.69
CA HIS D 129 0.95 16.45 9.58
C HIS D 129 1.08 15.53 10.77
N SER D 130 2.31 15.18 11.13
CA SER D 130 2.56 14.21 12.22
C SER D 130 2.43 14.86 13.61
N CYS D 131 2.38 16.20 13.62
CA CYS D 131 2.09 16.96 14.83
C CYS D 131 0.58 16.89 15.19
N ALA D 132 -0.24 16.40 14.27
CA ALA D 132 -1.70 16.36 14.41
C ALA D 132 -2.28 15.08 13.80
N ARG D 133 -2.10 13.97 14.51
CA ARG D 133 -2.52 12.67 14.02
C ARG D 133 -3.98 12.37 14.31
N GLY D 134 -4.68 11.89 13.28
CA GLY D 134 -5.99 11.31 13.46
C GLY D 134 -7.06 12.15 12.82
N VAL D 135 -8.29 11.80 13.14
CA VAL D 135 -9.48 12.47 12.66
C VAL D 135 -10.09 13.21 13.84
N CYS D 136 -10.21 14.54 13.72
CA CYS D 136 -10.71 15.33 14.85
C CYS D 136 -12.05 15.98 14.58
N HIS D 137 -13.05 15.61 15.39
CA HIS D 137 -14.37 16.24 15.27
C HIS D 137 -14.64 17.10 16.48
N ILE D 138 -14.24 18.38 16.37
CA ILE D 138 -14.24 19.25 17.53
C ILE D 138 -15.65 19.82 17.79
N PRO D 139 -16.17 19.68 19.05
CA PRO D 139 -17.51 20.24 19.30
C PRO D 139 -17.46 21.76 19.19
N MET D 140 -18.52 22.35 18.63
CA MET D 140 -18.58 23.82 18.46
C MET D 140 -19.82 24.45 19.08
N ALA D 141 -20.56 23.67 19.88
CA ALA D 141 -21.74 24.17 20.62
C ALA D 141 -21.49 25.48 21.37
N GLU D 142 -20.34 25.55 22.00
CA GLU D 142 -19.86 26.78 22.62
C GLU D 142 -18.51 27.12 22.04
N PRO D 143 -18.48 27.90 20.95
CA PRO D 143 -17.18 28.05 20.31
C PRO D 143 -16.21 29.03 21.01
N PHE D 144 -16.75 29.92 21.86
CA PHE D 144 -15.91 30.92 22.54
C PHE D 144 -15.81 30.61 24.00
N CYS D 145 -14.73 31.04 24.63
CA CYS D 145 -14.56 30.87 26.09
C CYS D 145 -15.52 31.75 26.90
N PRO D 146 -16.45 31.11 27.63
CA PRO D 146 -17.41 31.89 28.42
C PRO D 146 -16.73 32.66 29.58
N LYS D 147 -15.74 32.04 30.22
CA LYS D 147 -14.96 32.70 31.30
C LYS D 147 -14.23 33.95 30.79
N THR D 148 -13.64 33.88 29.61
CA THR D 148 -12.92 35.02 29.05
C THR D 148 -13.86 36.06 28.52
N ARG D 149 -14.96 35.63 27.90
CA ARG D 149 -15.98 36.57 27.44
C ARG D 149 -16.53 37.43 28.62
N GLU D 150 -16.73 36.79 29.77
CA GLU D 150 -17.31 37.41 30.98
C GLU D 150 -16.47 38.58 31.50
N VAL D 151 -15.14 38.39 31.47
CA VAL D 151 -14.21 39.41 31.89
C VAL D 151 -14.29 40.56 30.88
N LEU D 152 -14.33 40.26 29.60
CA LEU D 152 -14.41 41.32 28.61
C LEU D 152 -15.71 42.09 28.82
N ILE D 153 -16.81 41.36 29.03
CA ILE D 153 -18.12 41.99 29.26
C ILE D 153 -18.07 42.94 30.47
N GLU D 154 -17.66 42.39 31.62
CA GLU D 154 -17.58 43.18 32.87
C GLU D 154 -16.65 44.41 32.73
N THR D 155 -15.49 44.25 32.05
CA THR D 155 -14.50 45.30 31.84
C THR D 155 -15.03 46.43 30.95
N ALA D 156 -15.78 46.05 29.92
CA ALA D 156 -16.45 47.00 29.04
C ALA D 156 -17.48 47.84 29.80
N LYS D 157 -18.15 47.21 30.75
CA LYS D 157 -19.11 47.86 31.65
C LYS D 157 -18.37 48.90 32.51
N LYS D 158 -17.38 48.46 33.28
CA LYS D 158 -16.47 49.35 34.03
C LYS D 158 -15.95 50.54 33.20
N LEU D 159 -15.58 50.30 31.94
CA LEU D 159 -15.05 51.37 31.06
C LEU D 159 -16.12 52.28 30.44
N GLY D 160 -17.40 51.95 30.69
CA GLY D 160 -18.55 52.68 30.12
C GLY D 160 -18.69 52.58 28.61
N LEU D 161 -18.26 51.46 28.02
CA LEU D 161 -18.41 51.26 26.56
C LEU D 161 -19.70 50.55 26.21
N ARG D 162 -20.36 50.98 25.13
CA ARG D 162 -21.55 50.25 24.66
C ARG D 162 -21.11 48.88 24.16
N CYS D 163 -21.64 47.85 24.76
CA CYS D 163 -21.12 46.53 24.51
C CYS D 163 -22.25 45.53 24.67
N HIS D 164 -22.46 44.70 23.66
CA HIS D 164 -23.50 43.69 23.70
C HIS D 164 -22.85 42.41 24.21
N SER D 165 -23.58 41.69 25.03
CA SER D 165 -23.04 40.55 25.77
C SER D 165 -22.97 39.25 25.02
N LYS D 166 -23.56 39.23 23.83
CA LYS D 166 -23.59 38.04 23.02
C LYS D 166 -23.94 38.46 21.62
N GLY D 167 -23.88 37.51 20.69
CA GLY D 167 -24.08 37.81 19.28
C GLY D 167 -23.55 36.71 18.36
N THR D 168 -24.28 36.48 17.27
CA THR D 168 -23.90 35.54 16.24
C THR D 168 -23.19 36.26 15.09
N MET D 169 -21.95 35.85 14.85
CA MET D 169 -21.15 36.36 13.71
C MET D 169 -21.27 35.43 12.49
N VAL D 170 -21.62 36.01 11.36
CA VAL D 170 -21.59 35.23 10.12
C VAL D 170 -20.33 35.65 9.39
N THR D 171 -19.49 34.65 9.13
CA THR D 171 -18.24 34.85 8.40
C THR D 171 -18.38 34.43 6.92
N ILE D 172 -18.28 35.43 6.05
CA ILE D 172 -18.36 35.24 4.62
C ILE D 172 -16.95 35.17 4.05
N GLU D 173 -16.81 34.54 2.88
CA GLU D 173 -15.49 34.20 2.36
C GLU D 173 -14.77 35.47 1.89
N GLY D 174 -15.53 36.39 1.31
CA GLY D 174 -14.98 37.64 0.80
C GLY D 174 -14.14 37.33 -0.42
N PRO D 175 -13.29 38.28 -0.85
CA PRO D 175 -13.15 39.53 -0.10
C PRO D 175 -14.22 40.57 -0.43
N ARG D 176 -15.09 40.29 -1.41
CA ARG D 176 -16.19 41.22 -1.77
C ARG D 176 -17.09 41.36 -0.57
N PHE D 177 -17.83 42.44 -0.50
CA PHE D 177 -18.87 42.52 0.51
C PHE D 177 -20.13 41.76 0.08
N SER D 178 -21.07 41.62 1.00
CA SER D 178 -22.32 40.98 0.74
C SER D 178 -23.17 41.76 -0.23
N SER D 179 -23.93 41.04 -1.06
CA SER D 179 -25.06 41.68 -1.72
C SER D 179 -26.17 42.05 -0.73
N ARG D 180 -27.03 42.98 -1.13
CA ARG D 180 -28.20 43.28 -0.30
C ARG D 180 -29.09 42.08 -0.04
N ALA D 181 -29.36 41.28 -1.06
CA ALA D 181 -30.20 40.10 -0.90
C ALA D 181 -29.55 39.11 0.11
N GLU D 182 -28.22 39.00 0.05
CA GLU D 182 -27.49 38.23 1.05
C GLU D 182 -27.57 38.85 2.42
N SER D 183 -27.48 40.18 2.44
CA SER D 183 -27.52 40.91 3.70
C SER D 183 -28.89 40.64 4.42
N PHE D 184 -29.99 40.75 3.70
CA PHE D 184 -31.30 40.43 4.29
C PHE D 184 -31.44 38.96 4.70
N MET D 185 -30.90 38.09 3.85
CA MET D 185 -30.94 36.65 4.11
C MET D 185 -30.20 36.32 5.41
N PHE D 186 -28.99 36.88 5.61
CA PHE D 186 -28.25 36.57 6.86
C PHE D 186 -29.03 36.99 8.12
N ARG D 187 -29.71 38.14 8.06
CA ARG D 187 -30.69 38.48 9.12
C ARG D 187 -31.72 37.38 9.36
N THR D 188 -32.31 36.79 8.32
CA THR D 188 -33.29 35.75 8.52
C THR D 188 -32.67 34.45 9.12
N TRP D 189 -31.37 34.23 8.95
CA TRP D 189 -30.67 33.06 9.53
C TRP D 189 -30.34 33.25 11.03
N GLY D 190 -30.44 34.47 11.54
CA GLY D 190 -30.19 34.74 12.96
C GLY D 190 -28.83 35.34 13.26
N ALA D 191 -28.12 35.79 12.23
CA ALA D 191 -26.83 36.40 12.43
C ALA D 191 -27.05 37.83 12.90
N ASP D 192 -26.13 38.29 13.76
CA ASP D 192 -26.16 39.59 14.41
C ASP D 192 -25.14 40.50 13.79
N VAL D 193 -23.99 39.95 13.47
CA VAL D 193 -22.86 40.67 12.91
C VAL D 193 -22.24 39.88 11.72
N ILE D 194 -21.56 40.60 10.83
CA ILE D 194 -20.92 40.02 9.65
C ILE D 194 -19.43 40.41 9.57
N ASN D 195 -18.55 39.44 9.30
CA ASN D 195 -17.12 39.72 9.10
C ASN D 195 -16.54 38.74 8.09
N MET D 196 -15.21 38.63 8.00
CA MET D 196 -14.56 37.73 7.05
C MET D 196 -13.49 36.82 7.69
N THR D 197 -13.38 36.88 9.02
CA THR D 197 -12.19 36.35 9.70
C THR D 197 -12.42 35.42 10.91
N THR D 198 -13.65 35.33 11.40
CA THR D 198 -13.87 34.60 12.65
C THR D 198 -13.69 33.09 12.47
N VAL D 199 -14.24 32.52 11.41
CA VAL D 199 -14.05 31.10 11.05
C VAL D 199 -12.94 31.10 9.95
N PRO D 200 -11.94 30.18 10.06
CA PRO D 200 -11.86 29.14 11.08
C PRO D 200 -10.96 29.46 12.30
N GLU D 201 -10.65 30.75 12.51
CA GLU D 201 -9.78 31.17 13.63
C GLU D 201 -10.32 30.53 14.91
N VAL D 202 -11.62 30.69 15.12
CA VAL D 202 -12.25 30.25 16.35
C VAL D 202 -12.17 28.71 16.48
N VAL D 203 -12.30 28.01 15.36
CA VAL D 203 -12.33 26.56 15.32
C VAL D 203 -10.95 25.97 15.68
N LEU D 204 -9.94 26.53 15.05
CA LEU D 204 -8.56 26.14 15.33
C LEU D 204 -8.13 26.43 16.79
N ALA D 205 -8.48 27.61 17.31
CA ALA D 205 -8.29 27.87 18.75
C ALA D 205 -8.84 26.75 19.65
N LYS D 206 -10.03 26.21 19.36
CA LYS D 206 -10.61 25.10 20.15
C LYS D 206 -9.81 23.82 20.02
N GLU D 207 -9.45 23.47 18.78
CA GLU D 207 -8.62 22.27 18.55
C GLU D 207 -7.34 22.36 19.33
N ALA D 208 -6.80 23.57 19.41
CA ALA D 208 -5.53 23.80 20.09
C ALA D 208 -5.60 23.78 21.63
N GLY D 209 -6.82 23.81 22.18
CA GLY D 209 -7.05 23.82 23.63
C GLY D 209 -6.81 25.17 24.26
N ILE D 210 -7.05 26.22 23.50
CA ILE D 210 -6.76 27.59 23.89
C ILE D 210 -8.08 28.32 24.09
N CYS D 211 -8.17 29.20 25.09
CA CYS D 211 -9.35 30.01 25.37
C CYS D 211 -9.43 31.16 24.38
N TYR D 212 -10.54 31.24 23.67
CA TYR D 212 -10.62 32.19 22.58
C TYR D 212 -11.79 33.11 22.82
N ALA D 213 -11.58 34.40 22.59
CA ALA D 213 -12.68 35.32 22.74
C ALA D 213 -12.43 36.42 21.73
N SER D 214 -13.51 37.08 21.31
CA SER D 214 -13.41 38.02 20.20
C SER D 214 -14.13 39.32 20.47
N ILE D 215 -13.43 40.40 20.21
CA ILE D 215 -13.95 41.70 20.36
C ILE D 215 -14.37 42.15 18.98
N ALA D 216 -15.66 42.03 18.71
CA ALA D 216 -16.21 42.50 17.43
C ALA D 216 -16.52 43.98 17.56
N MET D 217 -16.16 44.75 16.56
CA MET D 217 -16.41 46.19 16.63
C MET D 217 -17.21 46.61 15.40
N ALA D 218 -18.48 46.93 15.63
CA ALA D 218 -19.39 47.32 14.59
C ALA D 218 -18.91 48.59 13.91
N THR D 219 -18.53 48.50 12.66
CA THR D 219 -17.98 49.68 11.99
C THR D 219 -19.02 50.40 11.13
N ASP D 220 -20.01 49.65 10.65
CA ASP D 220 -21.18 50.24 9.99
C ASP D 220 -22.34 49.25 10.03
N TYR D 221 -23.50 49.70 9.58
CA TYR D 221 -24.55 48.78 9.26
C TYR D 221 -24.13 48.16 7.92
N ASP D 222 -24.24 46.83 7.81
CA ASP D 222 -24.06 46.19 6.52
C ASP D 222 -25.22 46.67 5.64
N CYS D 223 -25.17 46.37 4.35
CA CYS D 223 -25.99 47.06 3.33
C CYS D 223 -27.54 46.83 3.33
N TRP D 224 -28.03 45.94 4.21
CA TRP D 224 -29.49 45.81 4.51
C TRP D 224 -30.15 47.16 4.90
N LYS D 225 -29.44 47.93 5.74
CA LYS D 225 -29.76 49.34 6.05
C LYS D 225 -30.48 50.11 4.93
N VAL D 236 -16.19 56.32 8.18
CA VAL D 236 -15.53 55.07 7.82
C VAL D 236 -14.10 54.93 8.37
N LEU D 237 -13.15 55.68 7.80
CA LEU D 237 -11.80 55.80 8.34
C LEU D 237 -11.85 56.21 9.81
N LYS D 238 -12.79 57.09 10.11
CA LYS D 238 -12.96 57.66 11.44
C LYS D 238 -13.40 56.58 12.43
N THR D 239 -14.57 55.97 12.20
CA THR D 239 -15.11 54.93 13.09
C THR D 239 -14.09 53.86 13.42
N LEU D 240 -13.36 53.45 12.41
CA LEU D 240 -12.37 52.39 12.54
C LEU D 240 -11.28 52.73 13.55
N LYS D 241 -10.80 53.98 13.49
CA LYS D 241 -9.80 54.45 14.43
C LYS D 241 -10.35 54.57 15.85
N GLU D 242 -11.57 55.10 15.99
CA GLU D 242 -12.19 55.25 17.30
C GLU D 242 -12.47 53.87 17.89
N ASN D 243 -12.93 52.96 17.03
CA ASN D 243 -13.13 51.56 17.41
C ASN D 243 -11.81 50.94 17.86
N ALA D 244 -10.74 51.19 17.12
CA ALA D 244 -9.39 50.68 17.45
C ALA D 244 -8.98 51.14 18.84
N ASN D 245 -9.23 52.42 19.12
CA ASN D 245 -8.96 52.95 20.45
C ASN D 245 -9.77 52.22 21.48
N LYS D 246 -11.09 52.10 21.25
CA LYS D 246 -11.96 51.35 22.16
C LYS D 246 -11.44 49.93 22.49
N ALA D 247 -10.93 49.20 21.50
CA ALA D 247 -10.48 47.81 21.77
C ALA D 247 -9.15 47.77 22.47
N LYS D 248 -8.30 48.77 22.19
CA LYS D 248 -7.04 48.94 22.97
C LYS D 248 -7.33 49.10 24.47
N SER D 249 -8.14 50.09 24.84
CA SER D 249 -8.51 50.23 26.26
C SER D 249 -9.02 48.91 26.81
N LEU D 250 -9.89 48.23 26.04
CA LEU D 250 -10.56 47.07 26.57
C LEU D 250 -9.52 46.00 26.80
N LEU D 251 -8.60 45.86 25.87
CA LEU D 251 -7.55 44.86 25.98
C LEU D 251 -6.62 45.19 27.13
N LEU D 252 -6.14 46.43 27.14
CA LEU D 252 -5.21 46.87 28.20
C LEU D 252 -5.85 46.71 29.59
N THR D 253 -7.14 46.95 29.70
CA THR D 253 -7.77 46.88 31.01
C THR D 253 -8.17 45.45 31.37
N THR D 254 -8.48 44.62 30.37
CA THR D 254 -8.96 43.27 30.59
C THR D 254 -7.84 42.36 30.98
N ILE D 255 -6.73 42.52 30.28
CA ILE D 255 -5.64 41.57 30.34
C ILE D 255 -5.04 41.38 31.74
N PRO D 256 -4.71 42.49 32.42
CA PRO D 256 -4.28 42.29 33.80
C PRO D 256 -5.34 41.59 34.66
N GLN D 257 -6.62 41.93 34.48
CA GLN D 257 -7.72 41.20 35.14
C GLN D 257 -7.65 39.70 34.93
N ILE D 258 -7.37 39.30 33.69
CA ILE D 258 -7.24 37.88 33.36
C ILE D 258 -6.06 37.24 34.07
N GLY D 259 -4.93 37.94 34.08
CA GLY D 259 -3.73 37.46 34.74
C GLY D 259 -3.95 37.15 36.21
N SER D 260 -4.91 37.84 36.82
CA SER D 260 -5.11 37.77 38.26
C SER D 260 -6.14 36.73 38.74
N THR D 261 -6.78 36.02 37.81
CA THR D 261 -7.69 34.94 38.25
C THR D 261 -7.20 33.54 37.89
N GLU D 262 -7.86 32.53 38.44
CA GLU D 262 -7.39 31.13 38.31
C GLU D 262 -7.91 30.49 37.03
N TRP D 263 -7.08 29.73 36.31
CA TRP D 263 -7.45 29.22 34.98
C TRP D 263 -7.27 27.74 34.75
N SER D 264 -6.53 27.08 35.64
CA SER D 264 -6.11 25.69 35.37
C SER D 264 -7.25 24.73 35.08
N GLU D 265 -8.31 24.75 35.89
CA GLU D 265 -9.46 23.88 35.65
C GLU D 265 -10.13 24.11 34.29
N THR D 266 -10.39 25.37 33.95
CA THR D 266 -10.89 25.78 32.62
C THR D 266 -10.00 25.30 31.47
N LEU D 267 -8.70 25.54 31.60
CA LEU D 267 -7.75 25.10 30.59
C LEU D 267 -7.64 23.59 30.53
N HIS D 268 -7.86 22.94 31.66
CA HIS D 268 -7.88 21.48 31.75
C HIS D 268 -9.11 20.88 31.04
N ASN D 269 -10.29 21.47 31.22
CA ASN D 269 -11.50 21.01 30.52
C ASN D 269 -11.40 21.19 29.02
N LEU D 270 -10.74 22.27 28.59
CA LEU D 270 -10.62 22.60 27.17
C LEU D 270 -9.62 21.66 26.51
N LYS D 271 -8.52 21.41 27.19
CA LYS D 271 -7.52 20.47 26.70
C LYS D 271 -8.11 19.05 26.62
N ASN D 272 -8.99 18.68 27.55
CA ASN D 272 -9.62 17.36 27.49
C ASN D 272 -10.68 17.21 26.42
N MET D 273 -11.48 18.26 26.23
CA MET D 273 -12.44 18.29 25.14
C MET D 273 -11.69 18.08 23.82
N ALA D 274 -10.65 18.89 23.58
CA ALA D 274 -9.85 18.77 22.35
C ALA D 274 -9.22 17.38 22.14
N GLN D 275 -8.49 16.89 23.13
CA GLN D 275 -7.93 15.52 23.08
C GLN D 275 -8.99 14.42 22.80
N PHE D 276 -10.13 14.48 23.48
CA PHE D 276 -11.21 13.51 23.28
C PHE D 276 -12.07 13.65 21.99
N SER D 277 -11.87 14.72 21.23
CA SER D 277 -12.52 14.88 19.93
C SER D 277 -11.80 14.09 18.83
N VAL D 278 -10.58 13.63 19.14
CA VAL D 278 -9.69 12.98 18.17
C VAL D 278 -9.90 11.47 18.15
N LEU D 279 -10.23 10.94 16.97
CA LEU D 279 -10.36 9.49 16.74
C LEU D 279 -9.08 8.95 16.09
N LEU D 280 -8.46 7.93 16.70
CA LEU D 280 -7.24 7.29 16.17
C LEU D 280 -7.57 5.97 15.44
N PRO D 281 -6.65 5.47 14.56
CA PRO D 281 -6.85 4.21 13.79
C PRO D 281 -7.51 3.05 14.54
N ALA E 9 -29.58 -9.69 -12.95
CA ALA E 9 -29.79 -9.77 -11.47
C ALA E 9 -29.03 -8.67 -10.70
N VAL E 10 -29.50 -8.40 -9.48
CA VAL E 10 -28.97 -7.36 -8.60
C VAL E 10 -27.64 -7.71 -7.97
N LYS E 11 -26.79 -6.69 -7.83
CA LYS E 11 -25.60 -6.72 -6.96
C LYS E 11 -25.63 -5.48 -6.05
N ILE E 12 -25.53 -5.71 -4.75
CA ILE E 12 -25.63 -4.63 -3.75
C ILE E 12 -24.31 -4.07 -3.23
N GLY E 13 -24.02 -2.83 -3.65
CA GLY E 13 -23.00 -2.03 -2.96
C GLY E 13 -23.52 -1.63 -1.58
N ILE E 14 -22.71 -1.81 -0.56
CA ILE E 14 -23.06 -1.24 0.73
C ILE E 14 -21.86 -0.51 1.31
N ILE E 15 -22.08 0.76 1.63
CA ILE E 15 -21.03 1.58 2.20
C ILE E 15 -21.27 1.75 3.69
N GLY E 16 -20.35 1.21 4.50
CA GLY E 16 -20.44 1.36 5.94
C GLY E 16 -19.80 2.65 6.45
N GLY E 17 -20.56 3.39 7.23
CA GLY E 17 -20.04 4.59 7.88
C GLY E 17 -19.58 4.28 9.30
N THR E 18 -19.66 5.30 10.14
CA THR E 18 -19.32 5.20 11.57
C THR E 18 -20.13 4.10 12.25
N GLY E 19 -19.46 3.22 13.00
CA GLY E 19 -20.11 2.09 13.67
C GLY E 19 -20.03 0.83 12.85
N LEU E 20 -19.75 1.00 11.56
CA LEU E 20 -19.78 -0.08 10.59
C LEU E 20 -18.57 -0.02 9.68
N ASP E 21 -17.42 0.34 10.24
CA ASP E 21 -16.15 0.38 9.51
C ASP E 21 -15.75 -0.98 8.93
N ASP E 22 -15.90 -2.03 9.73
CA ASP E 22 -15.50 -3.39 9.35
C ASP E 22 -16.53 -4.39 9.92
N PRO E 23 -17.78 -4.36 9.42
CA PRO E 23 -18.82 -5.20 10.02
C PRO E 23 -18.82 -6.63 9.47
N GLU E 24 -19.07 -7.59 10.35
CA GLU E 24 -19.04 -9.01 9.98
C GLU E 24 -20.42 -9.37 9.47
N ILE E 25 -20.68 -9.06 8.20
CA ILE E 25 -22.04 -9.11 7.66
C ILE E 25 -22.23 -10.00 6.41
N LEU E 26 -21.15 -10.26 5.65
CA LEU E 26 -21.23 -11.10 4.45
C LEU E 26 -20.67 -12.51 4.67
N GLU E 27 -21.43 -13.53 4.27
CA GLU E 27 -20.98 -14.93 4.31
C GLU E 27 -19.97 -15.18 3.18
N GLY E 28 -18.81 -15.71 3.55
CA GLY E 28 -17.76 -16.02 2.59
C GLY E 28 -17.09 -14.80 1.99
N ARG E 29 -16.43 -14.02 2.83
CA ARG E 29 -15.81 -12.74 2.43
C ARG E 29 -14.61 -12.91 1.50
N THR E 30 -14.36 -11.89 0.69
CA THR E 30 -13.15 -11.83 -0.11
C THR E 30 -12.76 -10.38 -0.32
N GLU E 31 -11.49 -10.14 -0.10
CA GLU E 31 -10.91 -8.84 -0.19
C GLU E 31 -10.52 -8.63 -1.64
N LYS E 32 -10.59 -7.39 -2.12
CA LYS E 32 -10.17 -7.03 -3.47
C LYS E 32 -9.79 -5.55 -3.49
N TYR E 33 -8.50 -5.26 -3.69
CA TYR E 33 -8.02 -3.88 -3.77
C TYR E 33 -8.09 -3.41 -5.21
N VAL E 34 -8.82 -2.33 -5.46
CA VAL E 34 -8.94 -1.83 -6.81
C VAL E 34 -8.37 -0.42 -6.95
N ASP E 35 -8.28 0.03 -8.19
CA ASP E 35 -7.92 1.38 -8.53
C ASP E 35 -8.99 1.90 -9.50
N THR E 36 -9.10 3.22 -9.59
CA THR E 36 -10.02 3.85 -10.51
C THR E 36 -9.33 5.01 -11.17
N PRO E 37 -9.96 5.58 -12.20
CA PRO E 37 -9.42 6.79 -12.81
C PRO E 37 -9.59 8.01 -11.91
N PHE E 38 -10.14 7.81 -10.71
CA PHE E 38 -10.31 8.92 -9.75
C PHE E 38 -9.43 8.74 -8.49
N GLY E 39 -8.75 7.60 -8.41
CA GLY E 39 -7.81 7.30 -7.32
C GLY E 39 -8.24 6.03 -6.64
N LYS E 40 -7.62 5.70 -5.50
CA LYS E 40 -7.98 4.47 -4.78
C LYS E 40 -9.23 4.69 -3.93
N PRO E 41 -10.10 3.67 -3.86
CA PRO E 41 -11.18 3.80 -2.89
C PRO E 41 -10.66 3.85 -1.46
N SER E 42 -11.54 4.19 -0.54
CA SER E 42 -11.20 4.29 0.87
C SER E 42 -10.48 3.05 1.41
N ASP E 43 -10.82 1.89 0.87
CA ASP E 43 -10.28 0.59 1.33
C ASP E 43 -10.69 -0.52 0.35
N ALA E 44 -10.15 -1.72 0.55
CA ALA E 44 -10.52 -2.90 -0.25
C ALA E 44 -12.04 -3.10 -0.31
N LEU E 45 -12.51 -3.55 -1.47
CA LEU E 45 -13.87 -3.98 -1.60
C LEU E 45 -13.98 -5.38 -1.01
N ILE E 46 -15.07 -5.60 -0.29
CA ILE E 46 -15.32 -6.88 0.34
C ILE E 46 -16.47 -7.55 -0.42
N LEU E 47 -16.10 -8.48 -1.30
CA LEU E 47 -17.04 -9.33 -2.03
C LEU E 47 -17.56 -10.41 -1.10
N GLY E 48 -18.80 -10.80 -1.29
CA GLY E 48 -19.45 -11.79 -0.44
C GLY E 48 -20.93 -11.81 -0.75
N LYS E 49 -21.68 -12.60 -0.01
CA LYS E 49 -23.11 -12.73 -0.29
C LYS E 49 -23.96 -12.58 0.95
N ILE E 50 -25.21 -12.20 0.74
CA ILE E 50 -26.22 -12.24 1.80
C ILE E 50 -27.34 -13.10 1.23
N LYS E 51 -27.51 -14.29 1.84
CA LYS E 51 -28.35 -15.32 1.27
C LYS E 51 -27.87 -15.53 -0.16
N ASN E 52 -28.75 -15.46 -1.14
CA ASN E 52 -28.30 -15.69 -2.50
C ASN E 52 -27.99 -14.42 -3.29
N VAL E 53 -27.72 -13.33 -2.57
CA VAL E 53 -27.47 -12.02 -3.22
C VAL E 53 -26.03 -11.50 -3.11
N ASP E 54 -25.39 -11.32 -4.26
CA ASP E 54 -24.08 -10.73 -4.33
C ASP E 54 -24.07 -9.32 -3.77
N CYS E 55 -23.07 -9.04 -2.93
CA CYS E 55 -22.89 -7.74 -2.30
C CYS E 55 -21.44 -7.32 -2.36
N VAL E 56 -21.22 -6.01 -2.42
CA VAL E 56 -19.88 -5.46 -2.26
C VAL E 56 -19.89 -4.51 -1.06
N LEU E 57 -19.06 -4.81 -0.07
CA LEU E 57 -18.97 -4.01 1.15
C LEU E 57 -17.73 -3.15 1.15
N LEU E 58 -17.92 -1.84 1.39
CA LEU E 58 -16.82 -0.90 1.43
C LEU E 58 -16.92 0.04 2.66
N ALA E 59 -15.81 0.20 3.37
CA ALA E 59 -15.70 1.11 4.50
C ALA E 59 -15.46 2.57 4.05
N ARG E 60 -16.45 3.44 4.23
CA ARG E 60 -16.33 4.84 3.77
C ARG E 60 -15.07 5.52 4.30
N HIS E 61 -14.73 5.24 5.55
CA HIS E 61 -13.64 5.92 6.23
C HIS E 61 -12.35 5.08 6.31
N GLY E 62 -12.32 3.97 5.59
CA GLY E 62 -11.26 2.99 5.74
C GLY E 62 -11.72 2.06 6.84
N ARG E 63 -11.19 0.84 6.88
CA ARG E 63 -11.59 -0.13 7.91
C ARG E 63 -11.12 0.22 9.30
N GLN E 64 -10.07 1.03 9.37
CA GLN E 64 -9.57 1.54 10.65
C GLN E 64 -10.07 2.96 10.93
N HIS E 65 -11.11 3.39 10.20
CA HIS E 65 -11.64 4.75 10.36
C HIS E 65 -10.52 5.81 10.43
N THR E 66 -9.81 5.98 9.32
CA THR E 66 -8.68 6.88 9.24
C THR E 66 -8.90 8.06 8.28
N ILE E 67 -10.09 8.18 7.66
CA ILE E 67 -10.31 9.22 6.65
C ILE E 67 -11.41 10.19 7.07
N MET E 68 -11.03 11.45 7.24
CA MET E 68 -12.00 12.48 7.58
C MET E 68 -12.98 12.66 6.41
N PRO E 69 -14.25 12.98 6.71
CA PRO E 69 -15.26 13.07 5.64
C PRO E 69 -14.88 13.97 4.43
N SER E 70 -14.16 15.06 4.67
CA SER E 70 -13.77 15.95 3.56
C SER E 70 -12.75 15.26 2.69
N LYS E 71 -12.05 14.27 3.22
CA LYS E 71 -10.96 13.62 2.46
C LYS E 71 -11.41 12.31 1.83
N VAL E 72 -12.67 11.94 2.03
CA VAL E 72 -13.17 10.68 1.47
C VAL E 72 -13.23 10.80 -0.05
N ASN E 73 -12.65 9.81 -0.74
CA ASN E 73 -12.69 9.84 -2.21
C ASN E 73 -14.00 9.30 -2.72
N TYR E 74 -15.01 10.14 -2.66
CA TYR E 74 -16.35 9.77 -3.06
C TYR E 74 -16.43 9.30 -4.49
N GLN E 75 -15.68 9.94 -5.39
CA GLN E 75 -15.63 9.55 -6.80
C GLN E 75 -15.06 8.14 -6.98
N ALA E 76 -13.88 7.89 -6.43
CA ALA E 76 -13.27 6.54 -6.46
C ALA E 76 -14.21 5.50 -5.87
N ASN E 77 -14.78 5.79 -4.70
CA ASN E 77 -15.74 4.87 -4.06
C ASN E 77 -16.94 4.43 -4.93
N ILE E 78 -17.63 5.38 -5.56
CA ILE E 78 -18.83 5.04 -6.34
C ILE E 78 -18.47 4.32 -7.67
N TRP E 79 -17.42 4.81 -8.35
CA TRP E 79 -16.90 4.18 -9.55
C TRP E 79 -16.50 2.70 -9.35
N ALA E 80 -15.74 2.42 -8.29
CA ALA E 80 -15.35 1.06 -7.95
C ALA E 80 -16.58 0.17 -7.78
N LEU E 81 -17.59 0.70 -7.10
CA LEU E 81 -18.83 -0.02 -6.96
C LEU E 81 -19.55 -0.17 -8.31
N LYS E 82 -19.49 0.88 -9.14
CA LYS E 82 -20.04 0.85 -10.49
C LYS E 82 -19.35 -0.28 -11.30
N GLU E 83 -18.04 -0.20 -11.41
CA GLU E 83 -17.21 -1.18 -12.14
C GLU E 83 -17.39 -2.63 -11.68
N GLU E 84 -17.56 -2.86 -10.38
CA GLU E 84 -17.88 -4.18 -9.87
C GLU E 84 -19.30 -4.66 -10.27
N GLY E 85 -20.05 -3.79 -10.94
CA GLY E 85 -21.38 -4.12 -11.46
C GLY E 85 -22.55 -3.94 -10.50
N CYS E 86 -22.40 -3.11 -9.46
CA CYS E 86 -23.46 -2.89 -8.49
C CYS E 86 -24.61 -2.15 -9.13
N THR E 87 -25.80 -2.53 -8.72
CA THR E 87 -27.02 -1.95 -9.27
C THR E 87 -27.61 -1.05 -8.19
N HIS E 88 -27.20 -1.33 -6.97
CA HIS E 88 -27.70 -0.66 -5.81
C HIS E 88 -26.53 -0.25 -4.94
N VAL E 89 -26.64 0.88 -4.27
CA VAL E 89 -25.67 1.25 -3.22
C VAL E 89 -26.49 1.65 -2.03
N ILE E 90 -26.42 0.84 -0.98
CA ILE E 90 -27.10 1.12 0.27
C ILE E 90 -26.13 1.43 1.38
N VAL E 91 -26.20 2.67 1.88
CA VAL E 91 -25.18 3.16 2.81
C VAL E 91 -25.76 3.32 4.22
N THR E 92 -24.87 3.39 5.19
CA THR E 92 -25.25 3.85 6.53
C THR E 92 -24.56 5.18 6.78
N THR E 93 -25.20 6.01 7.60
CA THR E 93 -24.60 7.21 8.13
C THR E 93 -25.04 7.45 9.59
N ALA E 94 -24.07 7.72 10.44
CA ALA E 94 -24.33 8.11 11.82
C ALA E 94 -24.49 9.63 11.82
N CYS E 95 -25.67 10.12 12.15
CA CYS E 95 -25.98 11.54 12.02
C CYS E 95 -26.52 12.07 13.37
N GLY E 96 -26.76 13.38 13.41
CA GLY E 96 -27.44 14.01 14.52
C GLY E 96 -28.84 14.43 14.17
N SER E 97 -29.74 14.44 15.16
CA SER E 97 -31.13 14.83 14.93
C SER E 97 -31.32 16.30 15.19
N LEU E 98 -32.08 16.91 14.29
CA LEU E 98 -32.40 18.32 14.34
C LEU E 98 -33.86 18.47 14.75
N ARG E 99 -34.47 17.35 15.17
CA ARG E 99 -35.92 17.30 15.44
C ARG E 99 -36.22 16.48 16.65
N GLU E 100 -36.97 17.09 17.55
CA GLU E 100 -37.52 16.46 18.73
C GLU E 100 -37.94 15.03 18.47
N GLU E 101 -38.88 14.86 17.54
CA GLU E 101 -39.49 13.57 17.27
C GLU E 101 -38.55 12.52 16.70
N ILE E 102 -37.40 12.93 16.14
CA ILE E 102 -36.34 11.99 15.75
C ILE E 102 -35.37 11.75 16.92
N GLN E 103 -35.57 10.64 17.60
CA GLN E 103 -34.90 10.36 18.85
C GLN E 103 -33.63 9.61 18.59
N PRO E 104 -32.65 9.75 19.51
CA PRO E 104 -31.45 8.94 19.46
C PRO E 104 -31.87 7.50 19.43
N GLY E 105 -31.30 6.73 18.51
CA GLY E 105 -31.69 5.35 18.27
C GLY E 105 -32.59 5.21 17.06
N ASP E 106 -33.26 6.30 16.66
CA ASP E 106 -34.16 6.30 15.49
C ASP E 106 -33.47 6.16 14.14
N ILE E 107 -34.16 5.49 13.22
CA ILE E 107 -33.74 5.43 11.83
C ILE E 107 -34.52 6.44 11.00
N VAL E 108 -33.82 7.07 10.06
CA VAL E 108 -34.49 7.91 9.07
C VAL E 108 -34.05 7.45 7.69
N ILE E 109 -35.01 7.03 6.86
CA ILE E 109 -34.70 6.66 5.49
C ILE E 109 -34.88 7.97 4.70
N ILE E 110 -33.78 8.67 4.46
CA ILE E 110 -33.84 10.09 4.04
C ILE E 110 -34.19 10.20 2.57
N ASP E 111 -34.86 11.30 2.20
CA ASP E 111 -35.29 11.46 0.83
C ASP E 111 -34.86 12.81 0.25
N GLN E 112 -34.25 13.66 1.07
CA GLN E 112 -33.68 14.92 0.57
C GLN E 112 -32.40 15.21 1.28
N PHE E 113 -31.67 16.15 0.70
CA PHE E 113 -30.47 16.69 1.29
C PHE E 113 -30.42 18.19 1.10
N ILE E 114 -29.67 18.87 1.97
CA ILE E 114 -29.20 20.24 1.72
C ILE E 114 -27.70 20.21 1.82
N ASP E 115 -27.04 20.72 0.79
CA ASP E 115 -25.59 20.75 0.73
C ASP E 115 -25.03 21.98 1.47
N ARG E 116 -24.15 21.69 2.41
CA ARG E 116 -23.33 22.67 3.09
C ARG E 116 -21.84 22.33 2.96
N THR E 117 -21.49 21.38 2.10
CA THR E 117 -20.07 21.05 1.86
C THR E 117 -19.48 22.15 0.95
N THR E 118 -18.17 22.30 0.93
CA THR E 118 -17.55 23.33 0.08
C THR E 118 -16.29 22.81 -0.60
N MET E 119 -15.73 21.70 -0.16
CA MET E 119 -14.41 21.29 -0.67
C MET E 119 -14.43 20.11 -1.66
N ARG E 120 -15.62 19.63 -2.01
CA ARG E 120 -15.71 18.32 -2.58
C ARG E 120 -16.08 18.26 -4.06
N PRO E 121 -15.32 17.48 -4.86
CA PRO E 121 -15.77 17.14 -6.23
C PRO E 121 -17.16 16.49 -6.21
N GLN E 122 -18.07 16.97 -7.04
CA GLN E 122 -19.44 16.47 -7.07
C GLN E 122 -19.85 15.76 -8.37
N SER E 123 -18.89 15.53 -9.25
CA SER E 123 -19.20 14.98 -10.57
C SER E 123 -18.02 14.20 -11.12
N PHE E 124 -18.31 13.10 -11.81
CA PHE E 124 -17.31 12.39 -12.58
C PHE E 124 -16.88 13.22 -13.81
N TYR E 125 -17.78 14.07 -14.32
CA TYR E 125 -17.54 14.78 -15.57
C TYR E 125 -16.83 16.07 -15.34
N ASP E 126 -15.53 15.97 -15.07
CA ASP E 126 -14.79 17.15 -14.68
C ASP E 126 -13.91 17.69 -15.79
N GLY E 127 -14.31 17.41 -17.02
CA GLY E 127 -13.56 17.82 -18.21
C GLY E 127 -12.13 17.30 -18.32
N SER E 128 -11.72 16.36 -17.46
CA SER E 128 -10.32 15.89 -17.41
C SER E 128 -10.14 14.37 -17.37
N HIS E 129 -11.25 13.63 -17.41
CA HIS E 129 -11.18 12.17 -17.44
C HIS E 129 -11.80 11.64 -18.73
N SER E 130 -11.11 10.68 -19.33
CA SER E 130 -11.55 10.11 -20.58
C SER E 130 -12.73 9.12 -20.39
N CYS E 131 -12.81 8.50 -19.21
CA CYS E 131 -13.92 7.61 -18.88
C CYS E 131 -15.26 8.34 -18.70
N ALA E 132 -15.23 9.67 -18.67
CA ALA E 132 -16.44 10.44 -18.45
C ALA E 132 -16.31 11.84 -19.06
N ARG E 133 -16.59 11.97 -20.34
CA ARG E 133 -16.39 13.24 -21.04
C ARG E 133 -17.70 13.96 -21.32
N GLY E 134 -17.60 15.28 -21.44
CA GLY E 134 -18.75 16.17 -21.51
C GLY E 134 -19.01 16.89 -20.19
N VAL E 135 -20.05 17.73 -20.21
CA VAL E 135 -20.54 18.50 -19.08
C VAL E 135 -21.85 17.82 -18.65
N CYS E 136 -21.94 17.37 -17.41
CA CYS E 136 -23.14 16.69 -16.93
C CYS E 136 -23.94 17.52 -15.90
N HIS E 137 -25.25 17.63 -16.08
CA HIS E 137 -26.11 18.32 -15.12
C HIS E 137 -27.17 17.36 -14.59
N ILE E 138 -26.76 16.54 -13.62
CA ILE E 138 -27.64 15.49 -13.09
C ILE E 138 -28.81 16.11 -12.28
N PRO E 139 -30.05 15.77 -12.64
CA PRO E 139 -31.22 16.20 -11.88
C PRO E 139 -31.20 15.63 -10.46
N MET E 140 -31.59 16.44 -9.47
CA MET E 140 -31.53 16.07 -8.06
C MET E 140 -32.86 16.30 -7.36
N ALA E 141 -33.92 16.46 -8.14
CA ALA E 141 -35.25 16.68 -7.59
C ALA E 141 -35.60 15.57 -6.59
N GLU E 142 -35.37 14.33 -7.00
CA GLU E 142 -35.54 13.15 -6.16
C GLU E 142 -34.21 12.40 -6.18
N PRO E 143 -33.33 12.72 -5.23
CA PRO E 143 -31.94 12.29 -5.16
C PRO E 143 -31.74 10.81 -4.81
N PHE E 144 -32.68 10.23 -4.07
CA PHE E 144 -32.51 8.83 -3.61
C PHE E 144 -33.54 7.96 -4.33
N CYS E 145 -33.19 6.69 -4.58
CA CYS E 145 -34.09 5.77 -5.29
C CYS E 145 -35.34 5.47 -4.46
N PRO E 146 -36.53 5.86 -4.94
CA PRO E 146 -37.71 5.63 -4.09
C PRO E 146 -38.07 4.15 -3.91
N LYS E 147 -37.72 3.30 -4.86
CA LYS E 147 -38.11 1.88 -4.70
C LYS E 147 -37.25 1.20 -3.68
N THR E 148 -35.94 1.43 -3.75
CA THR E 148 -35.02 0.93 -2.74
C THR E 148 -35.42 1.43 -1.34
N ARG E 149 -35.81 2.68 -1.26
CA ARG E 149 -36.18 3.30 0.01
C ARG E 149 -37.45 2.66 0.59
N GLU E 150 -38.39 2.35 -0.30
CA GLU E 150 -39.65 1.70 0.07
C GLU E 150 -39.45 0.31 0.72
N VAL E 151 -38.51 -0.47 0.19
CA VAL E 151 -38.19 -1.77 0.79
C VAL E 151 -37.60 -1.58 2.19
N LEU E 152 -36.67 -0.62 2.31
CA LEU E 152 -36.05 -0.35 3.61
C LEU E 152 -37.09 0.01 4.65
N ILE E 153 -38.00 0.89 4.26
CA ILE E 153 -39.06 1.38 5.14
C ILE E 153 -39.97 0.22 5.56
N GLU E 154 -40.25 -0.66 4.61
CA GLU E 154 -41.16 -1.77 4.87
C GLU E 154 -40.48 -2.78 5.75
N THR E 155 -39.20 -3.03 5.49
CA THR E 155 -38.45 -4.00 6.27
C THR E 155 -38.25 -3.53 7.71
N ALA E 156 -37.98 -2.24 7.87
CA ALA E 156 -37.83 -1.62 9.20
C ALA E 156 -39.07 -1.93 10.04
N LYS E 157 -40.22 -1.61 9.47
CA LYS E 157 -41.53 -1.85 10.07
C LYS E 157 -41.75 -3.34 10.42
N LYS E 158 -41.35 -4.25 9.52
CA LYS E 158 -41.34 -5.70 9.81
C LYS E 158 -40.56 -5.99 11.08
N LEU E 159 -39.36 -5.42 11.19
CA LEU E 159 -38.47 -5.64 12.32
C LEU E 159 -38.82 -4.89 13.61
N GLY E 160 -39.90 -4.13 13.61
CA GLY E 160 -40.30 -3.38 14.78
C GLY E 160 -39.49 -2.12 15.11
N LEU E 161 -38.52 -1.77 14.25
CA LEU E 161 -37.59 -0.64 14.48
C LEU E 161 -38.23 0.74 14.30
N ARG E 162 -37.89 1.67 15.19
CA ARG E 162 -38.35 3.05 15.04
C ARG E 162 -37.75 3.66 13.77
N CYS E 163 -38.61 4.13 12.89
CA CYS E 163 -38.15 4.48 11.56
C CYS E 163 -38.99 5.58 10.96
N HIS E 164 -38.32 6.62 10.45
CA HIS E 164 -39.00 7.70 9.76
C HIS E 164 -38.87 7.51 8.26
N SER E 165 -39.95 7.77 7.53
CA SER E 165 -40.08 7.44 6.09
C SER E 165 -39.44 8.45 5.15
N LYS E 166 -39.32 9.68 5.64
CA LYS E 166 -38.78 10.80 4.88
C LYS E 166 -37.87 11.58 5.83
N GLY E 167 -36.94 12.35 5.27
CA GLY E 167 -36.12 13.26 6.04
C GLY E 167 -35.12 13.97 5.17
N THR E 168 -34.86 15.24 5.49
CA THR E 168 -33.88 16.03 4.78
C THR E 168 -32.58 16.06 5.57
N MET E 169 -31.52 15.57 4.96
CA MET E 169 -30.19 15.61 5.56
C MET E 169 -29.43 16.86 5.11
N VAL E 170 -28.98 17.69 6.04
CA VAL E 170 -27.96 18.68 5.74
C VAL E 170 -26.59 18.03 5.92
N THR E 171 -25.76 18.12 4.89
CA THR E 171 -24.37 17.70 4.93
C THR E 171 -23.42 18.89 4.99
N ILE E 172 -22.74 18.95 6.13
CA ILE E 172 -21.75 19.97 6.44
C ILE E 172 -20.39 19.42 6.07
N GLU E 173 -19.44 20.31 5.81
CA GLU E 173 -18.10 19.92 5.42
C GLU E 173 -17.33 19.20 6.53
N GLY E 174 -17.54 19.63 7.78
CA GLY E 174 -16.74 19.23 8.91
C GLY E 174 -15.26 19.56 8.75
N PRO E 175 -14.38 18.86 9.50
CA PRO E 175 -14.74 17.79 10.40
C PRO E 175 -15.27 18.23 11.75
N ARG E 176 -15.31 19.54 12.01
CA ARG E 176 -15.88 20.11 13.20
C ARG E 176 -17.36 19.91 13.12
N PHE E 177 -17.97 19.92 14.30
CA PHE E 177 -19.41 19.91 14.45
C PHE E 177 -19.94 21.32 14.19
N SER E 178 -21.24 21.44 14.15
CA SER E 178 -21.90 22.74 14.01
C SER E 178 -21.85 23.56 15.28
N SER E 179 -21.89 24.89 15.10
CA SER E 179 -22.17 25.80 16.18
C SER E 179 -23.66 25.66 16.50
N ARG E 180 -24.11 26.18 17.65
CA ARG E 180 -25.54 26.23 17.92
C ARG E 180 -26.25 27.18 16.96
N ALA E 181 -25.62 28.28 16.61
CA ALA E 181 -26.26 29.22 15.65
C ALA E 181 -26.56 28.51 14.34
N GLU E 182 -25.60 27.68 13.89
CA GLU E 182 -25.80 26.81 12.71
C GLU E 182 -26.90 25.77 12.90
N SER E 183 -26.87 25.03 14.01
CA SER E 183 -27.88 24.02 14.32
C SER E 183 -29.28 24.65 14.29
N PHE E 184 -29.45 25.83 14.90
CA PHE E 184 -30.77 26.51 14.89
C PHE E 184 -31.18 26.92 13.47
N MET E 185 -30.21 27.49 12.74
CA MET E 185 -30.40 27.85 11.33
C MET E 185 -30.86 26.66 10.45
N PHE E 186 -30.20 25.53 10.61
CA PHE E 186 -30.53 24.36 9.82
C PHE E 186 -31.99 23.96 10.04
N ARG E 187 -32.45 24.07 11.28
CA ARG E 187 -33.83 23.75 11.62
C ARG E 187 -34.74 24.73 10.87
N THR E 188 -34.35 26.00 10.83
CA THR E 188 -35.14 26.96 10.05
C THR E 188 -35.12 26.65 8.57
N TRP E 189 -34.05 26.02 8.08
CA TRP E 189 -34.01 25.72 6.65
C TRP E 189 -34.85 24.51 6.22
N GLY E 190 -35.39 23.76 7.17
CA GLY E 190 -36.23 22.62 6.87
C GLY E 190 -35.50 21.29 7.06
N ALA E 191 -34.32 21.31 7.65
CA ALA E 191 -33.51 20.10 7.69
C ALA E 191 -33.88 19.31 8.93
N ASP E 192 -33.66 18.00 8.87
CA ASP E 192 -34.20 17.10 9.89
C ASP E 192 -33.09 16.32 10.61
N VAL E 193 -32.01 16.06 9.89
CA VAL E 193 -30.85 15.39 10.43
C VAL E 193 -29.58 15.97 9.78
N ILE E 194 -28.43 15.66 10.38
CA ILE E 194 -27.20 16.34 10.01
C ILE E 194 -26.03 15.38 10.00
N ASN E 195 -25.15 15.53 9.03
CA ASN E 195 -24.03 14.61 8.92
C ASN E 195 -23.00 15.24 8.04
N MET E 196 -21.97 14.45 7.72
CA MET E 196 -20.85 14.94 6.94
C MET E 196 -20.58 14.19 5.62
N THR E 197 -21.47 13.30 5.20
CA THR E 197 -21.08 12.33 4.18
C THR E 197 -22.07 12.02 3.07
N THR E 198 -23.33 12.43 3.22
CA THR E 198 -24.34 12.18 2.20
C THR E 198 -23.97 12.87 0.87
N VAL E 199 -23.55 14.14 0.91
CA VAL E 199 -23.14 14.87 -0.30
C VAL E 199 -21.63 14.83 -0.35
N PRO E 200 -21.04 14.50 -1.52
CA PRO E 200 -21.58 14.21 -2.85
C PRO E 200 -21.87 12.73 -3.18
N GLU E 201 -21.82 11.82 -2.18
CA GLU E 201 -22.03 10.39 -2.45
C GLU E 201 -23.27 10.13 -3.30
N VAL E 202 -24.41 10.61 -2.82
CA VAL E 202 -25.71 10.54 -3.49
C VAL E 202 -25.69 11.11 -4.93
N VAL E 203 -24.94 12.19 -5.12
CA VAL E 203 -24.94 12.85 -6.41
C VAL E 203 -24.17 11.96 -7.37
N LEU E 204 -23.06 11.39 -6.88
CA LEU E 204 -22.20 10.61 -7.74
C LEU E 204 -22.90 9.32 -8.15
N ALA E 205 -23.68 8.78 -7.22
CA ALA E 205 -24.37 7.52 -7.45
C ALA E 205 -25.44 7.65 -8.52
N LYS E 206 -26.12 8.79 -8.60
CA LYS E 206 -27.10 9.05 -9.68
C LYS E 206 -26.41 9.13 -11.03
N GLU E 207 -25.29 9.87 -11.06
CA GLU E 207 -24.51 10.00 -12.29
C GLU E 207 -24.09 8.63 -12.84
N ALA E 208 -23.81 7.68 -11.95
CA ALA E 208 -23.32 6.38 -12.34
C ALA E 208 -24.49 5.44 -12.60
N GLY E 209 -25.70 5.97 -12.56
CA GLY E 209 -26.92 5.21 -12.79
C GLY E 209 -27.22 4.08 -11.81
N ILE E 210 -26.86 4.28 -10.55
CA ILE E 210 -26.98 3.26 -9.50
C ILE E 210 -28.08 3.65 -8.52
N CYS E 211 -28.95 2.70 -8.19
CA CYS E 211 -29.99 2.89 -7.18
C CYS E 211 -29.40 3.17 -5.80
N TYR E 212 -29.64 4.38 -5.28
CA TYR E 212 -28.97 4.83 -4.04
C TYR E 212 -29.97 5.08 -2.93
N ALA E 213 -29.70 4.47 -1.78
CA ALA E 213 -30.46 4.75 -0.56
C ALA E 213 -29.58 4.80 0.69
N SER E 214 -30.04 5.60 1.66
CA SER E 214 -29.28 5.84 2.87
C SER E 214 -30.03 5.47 4.12
N ILE E 215 -29.37 4.66 4.94
CA ILE E 215 -29.87 4.38 6.29
C ILE E 215 -29.24 5.37 7.27
N ALA E 216 -29.99 6.36 7.70
CA ALA E 216 -29.44 7.36 8.60
C ALA E 216 -29.86 7.03 10.04
N MET E 217 -28.84 6.89 10.89
CA MET E 217 -29.11 6.58 12.27
C MET E 217 -28.70 7.72 13.19
N ALA E 218 -29.70 8.26 13.88
CA ALA E 218 -29.51 9.30 14.86
C ALA E 218 -28.76 8.71 16.03
N THR E 219 -27.53 9.18 16.22
CA THR E 219 -26.80 8.85 17.43
C THR E 219 -27.22 9.80 18.58
N ASP E 220 -27.62 11.03 18.25
CA ASP E 220 -27.96 12.03 19.26
C ASP E 220 -28.58 13.23 18.61
N TYR E 221 -29.11 14.10 19.47
CA TYR E 221 -29.55 15.41 19.03
C TYR E 221 -28.33 16.26 18.75
N ASP E 222 -28.42 17.07 17.72
CA ASP E 222 -27.45 18.12 17.48
C ASP E 222 -27.57 19.16 18.61
N CYS E 223 -26.63 20.10 18.65
CA CYS E 223 -26.46 20.99 19.78
C CYS E 223 -27.55 22.08 19.96
N TRP E 224 -28.53 22.17 19.05
CA TRP E 224 -29.70 23.05 19.24
C TRP E 224 -30.44 22.66 20.53
N LYS E 225 -30.40 21.39 20.87
CA LYS E 225 -31.19 20.79 21.93
C LYS E 225 -30.68 21.10 23.34
N GLU E 226 -31.58 21.53 24.21
CA GLU E 226 -31.29 21.72 25.63
C GLU E 226 -31.17 20.37 26.35
N HIS E 227 -30.02 20.15 26.99
CA HIS E 227 -29.52 18.80 27.29
C HIS E 227 -30.45 17.91 28.09
N LEU E 237 -22.74 6.93 23.15
CA LEU E 237 -21.81 5.94 22.60
C LEU E 237 -22.30 4.47 22.72
N LYS E 238 -23.25 4.24 23.62
CA LYS E 238 -23.99 2.96 23.64
C LYS E 238 -24.94 2.94 22.44
N THR E 239 -25.51 4.11 22.17
CA THR E 239 -26.38 4.35 21.05
C THR E 239 -25.71 3.94 19.73
N LEU E 240 -24.45 4.32 19.56
CA LEU E 240 -23.70 4.00 18.36
C LEU E 240 -23.70 2.49 18.04
N LYS E 241 -23.21 1.67 18.96
CA LYS E 241 -23.11 0.21 18.76
C LYS E 241 -24.50 -0.40 18.53
N GLU E 242 -25.48 0.06 19.29
CA GLU E 242 -26.82 -0.43 19.10
C GLU E 242 -27.38 -0.01 17.75
N ASN E 243 -27.17 1.26 17.35
CA ASN E 243 -27.49 1.70 15.98
C ASN E 243 -26.85 0.81 14.91
N ALA E 244 -25.57 0.51 15.07
CA ALA E 244 -24.88 -0.39 14.16
C ALA E 244 -25.66 -1.69 14.05
N ASN E 245 -26.00 -2.29 15.20
CA ASN E 245 -26.77 -3.55 15.20
C ASN E 245 -28.11 -3.43 14.50
N LYS E 246 -28.81 -2.33 14.75
CA LYS E 246 -30.10 -2.09 14.13
C LYS E 246 -29.96 -1.98 12.61
N ALA E 247 -28.90 -1.31 12.15
CA ALA E 247 -28.62 -1.16 10.71
C ALA E 247 -28.19 -2.45 10.05
N LYS E 248 -27.40 -3.26 10.78
CA LYS E 248 -27.02 -4.61 10.32
C LYS E 248 -28.24 -5.48 10.01
N SER E 249 -29.14 -5.68 10.96
CA SER E 249 -30.32 -6.50 10.69
C SER E 249 -31.21 -5.93 9.58
N LEU E 250 -31.28 -4.61 9.46
CA LEU E 250 -32.05 -4.01 8.37
C LEU E 250 -31.41 -4.32 7.02
N LEU E 251 -30.09 -4.24 6.96
CA LEU E 251 -29.39 -4.65 5.76
C LEU E 251 -29.62 -6.14 5.47
N LEU E 252 -29.39 -6.99 6.46
CA LEU E 252 -29.47 -8.45 6.27
C LEU E 252 -30.83 -8.87 5.76
N THR E 253 -31.90 -8.27 6.29
CA THR E 253 -33.27 -8.59 5.90
C THR E 253 -33.75 -7.85 4.63
N THR E 254 -33.31 -6.62 4.44
CA THR E 254 -33.69 -5.86 3.23
C THR E 254 -33.14 -6.46 1.93
N ILE E 255 -31.86 -6.80 1.93
CA ILE E 255 -31.19 -7.24 0.70
C ILE E 255 -31.79 -8.51 -0.01
N PRO E 256 -32.13 -9.58 0.75
CA PRO E 256 -32.82 -10.69 0.07
C PRO E 256 -34.16 -10.26 -0.57
N GLN E 257 -34.91 -9.34 0.07
CA GLN E 257 -36.14 -8.79 -0.53
C GLN E 257 -35.90 -8.00 -1.81
N ILE E 258 -34.72 -7.37 -1.92
CA ILE E 258 -34.32 -6.62 -3.11
C ILE E 258 -33.92 -7.56 -4.25
N GLY E 259 -33.21 -8.63 -3.89
CA GLY E 259 -32.83 -9.68 -4.84
C GLY E 259 -34.02 -10.45 -5.42
N SER E 260 -35.20 -10.29 -4.81
CA SER E 260 -36.41 -10.99 -5.26
C SER E 260 -37.50 -10.09 -5.86
N THR E 261 -37.19 -8.83 -6.17
CA THR E 261 -38.11 -8.02 -6.94
C THR E 261 -37.41 -7.53 -8.18
N GLU E 262 -38.10 -6.70 -8.94
CA GLU E 262 -37.82 -6.58 -10.33
C GLU E 262 -37.26 -5.16 -10.59
N TRP E 263 -36.03 -5.10 -11.09
CA TRP E 263 -35.29 -3.84 -11.10
C TRP E 263 -34.98 -3.22 -12.44
N SER E 264 -35.34 -3.86 -13.54
CA SER E 264 -34.79 -3.39 -14.81
C SER E 264 -35.40 -2.10 -15.42
N GLU E 265 -36.67 -1.81 -15.18
CA GLU E 265 -37.24 -0.52 -15.60
C GLU E 265 -36.61 0.62 -14.81
N THR E 266 -36.48 0.41 -13.50
CA THR E 266 -35.83 1.36 -12.60
C THR E 266 -34.43 1.69 -13.08
N LEU E 267 -33.58 0.67 -13.22
CA LEU E 267 -32.21 0.89 -13.65
C LEU E 267 -32.16 1.57 -14.99
N HIS E 268 -32.96 1.05 -15.92
CA HIS E 268 -33.04 1.60 -17.25
C HIS E 268 -33.51 3.06 -17.24
N ASN E 269 -34.48 3.38 -16.39
CA ASN E 269 -34.89 4.78 -16.16
C ASN E 269 -33.76 5.69 -15.67
N LEU E 270 -32.97 5.21 -14.72
CA LEU E 270 -31.82 5.97 -14.23
C LEU E 270 -30.73 6.08 -15.26
N LYS E 271 -30.52 5.01 -16.02
CA LYS E 271 -29.46 5.01 -17.01
C LYS E 271 -29.81 5.99 -18.12
N ASN E 272 -31.09 6.11 -18.45
CA ASN E 272 -31.49 7.05 -19.50
C ASN E 272 -31.35 8.49 -19.04
N MET E 273 -31.91 8.78 -17.86
CA MET E 273 -31.81 10.09 -17.23
C MET E 273 -30.33 10.50 -17.04
N ALA E 274 -29.53 9.58 -16.51
CA ALA E 274 -28.11 9.84 -16.32
C ALA E 274 -27.37 10.03 -17.62
N GLN E 275 -27.84 9.37 -18.67
CA GLN E 275 -27.18 9.48 -19.96
C GLN E 275 -27.63 10.74 -20.69
N PHE E 276 -28.92 11.07 -20.61
CA PHE E 276 -29.45 12.29 -21.24
C PHE E 276 -28.98 13.64 -20.66
N SER E 277 -28.50 13.62 -19.42
CA SER E 277 -28.04 14.85 -18.76
C SER E 277 -26.60 15.26 -19.13
N VAL E 278 -25.90 14.38 -19.86
CA VAL E 278 -24.55 14.67 -20.35
C VAL E 278 -24.64 15.44 -21.68
N LEU E 279 -24.00 16.61 -21.74
CA LEU E 279 -23.98 17.43 -22.96
C LEU E 279 -22.60 17.25 -23.59
N LEU E 280 -22.55 17.02 -24.90
CA LEU E 280 -21.28 16.70 -25.57
C LEU E 280 -20.89 17.80 -26.57
N PRO E 281 -19.57 17.95 -26.86
CA PRO E 281 -19.08 19.07 -27.70
C PRO E 281 -19.87 19.26 -28.99
N ALA F 9 -16.29 56.81 -25.96
CA ALA F 9 -17.19 55.92 -26.75
C ALA F 9 -17.22 54.50 -26.15
N VAL F 10 -18.43 53.97 -26.03
CA VAL F 10 -18.66 52.62 -25.53
C VAL F 10 -18.05 51.54 -26.41
N LYS F 11 -17.61 50.44 -25.77
CA LYS F 11 -17.33 49.21 -26.44
C LYS F 11 -17.94 48.11 -25.55
N ILE F 12 -18.80 47.27 -26.13
CA ILE F 12 -19.65 46.37 -25.35
C ILE F 12 -19.17 44.94 -25.38
N GLY F 13 -18.77 44.43 -24.21
CA GLY F 13 -18.50 43.00 -24.07
C GLY F 13 -19.85 42.31 -24.03
N ILE F 14 -19.92 41.11 -24.59
CA ILE F 14 -21.13 40.31 -24.59
C ILE F 14 -20.73 38.89 -24.25
N ILE F 15 -21.37 38.30 -23.23
CA ILE F 15 -21.08 36.90 -22.92
C ILE F 15 -22.32 36.07 -23.14
N GLY F 16 -22.21 35.07 -24.01
CA GLY F 16 -23.31 34.18 -24.33
C GLY F 16 -23.18 32.88 -23.56
N GLY F 17 -24.20 32.58 -22.77
CA GLY F 17 -24.23 31.31 -22.06
C GLY F 17 -24.98 30.32 -22.90
N THR F 18 -25.62 29.37 -22.24
CA THR F 18 -26.38 28.33 -22.90
C THR F 18 -27.32 28.91 -23.98
N GLY F 19 -27.30 28.27 -25.15
CA GLY F 19 -28.16 28.67 -26.25
C GLY F 19 -27.59 29.79 -27.12
N LEU F 20 -26.55 30.44 -26.63
CA LEU F 20 -25.88 31.51 -27.36
C LEU F 20 -24.36 31.35 -27.34
N ASP F 21 -23.89 30.11 -27.40
CA ASP F 21 -22.46 29.82 -27.44
C ASP F 21 -21.79 30.46 -28.65
N ASP F 22 -22.44 30.34 -29.79
CA ASP F 22 -21.86 30.75 -31.05
C ASP F 22 -22.93 31.54 -31.80
N PRO F 23 -23.34 32.69 -31.26
CA PRO F 23 -24.41 33.39 -31.92
C PRO F 23 -23.87 34.26 -33.06
N GLU F 24 -24.45 34.11 -34.25
CA GLU F 24 -23.96 34.89 -35.37
C GLU F 24 -24.65 36.25 -35.26
N ILE F 25 -23.98 37.17 -34.55
CA ILE F 25 -24.62 38.41 -34.09
C ILE F 25 -23.91 39.70 -34.54
N LEU F 26 -22.59 39.66 -34.68
CA LEU F 26 -21.83 40.85 -35.06
C LEU F 26 -21.59 40.91 -36.57
N GLU F 27 -21.27 42.10 -37.06
CA GLU F 27 -20.82 42.29 -38.44
C GLU F 27 -19.31 42.28 -38.48
N GLY F 28 -18.75 41.66 -39.51
CA GLY F 28 -17.29 41.64 -39.71
C GLY F 28 -16.59 40.98 -38.56
N ARG F 29 -17.15 39.87 -38.10
CA ARG F 29 -16.61 39.14 -36.98
C ARG F 29 -15.17 38.70 -37.23
N THR F 30 -14.21 39.50 -36.74
CA THR F 30 -12.81 39.04 -36.60
C THR F 30 -12.61 38.28 -35.27
N GLU F 31 -11.59 37.43 -35.21
CA GLU F 31 -11.43 36.47 -34.13
C GLU F 31 -10.07 36.57 -33.44
N LYS F 32 -10.06 36.72 -32.11
CA LYS F 32 -8.81 36.94 -31.35
C LYS F 32 -8.66 36.10 -30.08
N TYR F 33 -7.70 35.18 -30.07
CA TYR F 33 -7.32 34.45 -28.87
C TYR F 33 -6.39 35.32 -28.03
N VAL F 34 -6.68 35.43 -26.73
CA VAL F 34 -5.88 36.26 -25.84
C VAL F 34 -5.32 35.47 -24.68
N ASP F 35 -4.33 36.07 -24.02
CA ASP F 35 -3.90 35.56 -22.73
C ASP F 35 -4.11 36.63 -21.68
N THR F 36 -4.18 36.18 -20.44
CA THR F 36 -4.36 37.08 -19.32
C THR F 36 -3.50 36.57 -18.19
N PRO F 37 -3.13 37.46 -17.26
CA PRO F 37 -2.45 37.06 -16.04
C PRO F 37 -3.14 35.90 -15.27
N PHE F 38 -4.42 35.67 -15.55
CA PHE F 38 -5.22 34.65 -14.85
C PHE F 38 -5.44 33.38 -15.68
N GLY F 39 -4.79 33.32 -16.86
CA GLY F 39 -4.90 32.17 -17.77
C GLY F 39 -5.70 32.50 -19.02
N LYS F 40 -6.09 31.46 -19.74
CA LYS F 40 -6.83 31.66 -20.96
C LYS F 40 -8.33 31.80 -20.68
N PRO F 41 -9.00 32.73 -21.40
CA PRO F 41 -10.45 32.82 -21.42
C PRO F 41 -11.06 31.56 -22.03
N SER F 42 -12.38 31.41 -21.87
CA SER F 42 -13.12 30.23 -22.35
C SER F 42 -12.83 29.88 -23.81
N ASP F 43 -12.87 30.89 -24.68
CA ASP F 43 -12.59 30.72 -26.09
C ASP F 43 -12.07 32.05 -26.63
N ALA F 44 -11.85 32.15 -27.94
CA ALA F 44 -11.33 33.35 -28.56
C ALA F 44 -12.34 34.47 -28.45
N LEU F 45 -11.87 35.69 -28.26
CA LEU F 45 -12.71 36.89 -28.37
C LEU F 45 -13.15 37.08 -29.80
N ILE F 46 -14.39 37.52 -29.99
CA ILE F 46 -14.94 37.72 -31.32
C ILE F 46 -15.27 39.20 -31.49
N LEU F 47 -14.35 39.93 -32.12
CA LEU F 47 -14.53 41.38 -32.32
C LEU F 47 -15.42 41.58 -33.50
N GLY F 48 -16.25 42.60 -33.42
CA GLY F 48 -17.20 42.90 -34.47
C GLY F 48 -17.99 44.15 -34.10
N LYS F 49 -19.11 44.33 -34.78
CA LYS F 49 -19.91 45.54 -34.60
C LYS F 49 -21.40 45.21 -34.65
N ILE F 50 -22.18 46.04 -33.99
CA ILE F 50 -23.63 46.02 -34.13
C ILE F 50 -24.02 47.47 -34.40
N LYS F 51 -24.48 47.72 -35.63
CA LYS F 51 -24.64 49.08 -36.15
C LYS F 51 -23.28 49.79 -36.09
N ASN F 52 -23.20 50.90 -35.36
CA ASN F 52 -21.94 51.65 -35.29
C ASN F 52 -21.11 51.33 -34.05
N VAL F 53 -21.68 50.50 -33.17
CA VAL F 53 -21.12 50.23 -31.84
C VAL F 53 -20.17 49.02 -31.85
N ASP F 54 -18.99 49.20 -31.27
CA ASP F 54 -17.99 48.12 -31.16
C ASP F 54 -18.38 47.08 -30.11
N CYS F 55 -18.18 45.81 -30.43
CA CYS F 55 -18.50 44.73 -29.50
C CYS F 55 -17.40 43.70 -29.38
N VAL F 56 -17.44 42.97 -28.27
CA VAL F 56 -16.58 41.81 -28.06
C VAL F 56 -17.44 40.67 -27.53
N LEU F 57 -17.57 39.62 -28.33
CA LEU F 57 -18.43 38.53 -27.99
C LEU F 57 -17.61 37.33 -27.53
N LEU F 58 -18.05 36.73 -26.43
CA LEU F 58 -17.33 35.62 -25.81
C LEU F 58 -18.29 34.49 -25.41
N ALA F 59 -17.91 33.25 -25.69
CA ALA F 59 -18.71 32.11 -25.28
C ALA F 59 -18.32 31.67 -23.87
N ARG F 60 -19.22 31.80 -22.91
CA ARG F 60 -18.89 31.48 -21.53
C ARG F 60 -18.34 30.06 -21.36
N HIS F 61 -18.94 29.11 -22.06
CA HIS F 61 -18.66 27.70 -21.87
C HIS F 61 -17.81 27.21 -23.03
N GLY F 62 -17.36 28.15 -23.86
CA GLY F 62 -16.72 27.81 -25.12
C GLY F 62 -17.76 27.69 -26.23
N ARG F 63 -17.35 28.00 -27.47
CA ARG F 63 -18.23 27.85 -28.64
C ARG F 63 -18.80 26.43 -28.88
N GLN F 64 -18.06 25.39 -28.50
CA GLN F 64 -18.56 24.01 -28.53
C GLN F 64 -19.26 23.62 -27.21
N HIS F 65 -19.31 24.57 -26.27
CA HIS F 65 -19.94 24.44 -24.96
C HIS F 65 -19.37 23.23 -24.23
N THR F 66 -18.08 23.29 -23.93
CA THR F 66 -17.37 22.16 -23.32
C THR F 66 -16.88 22.45 -21.88
N ILE F 67 -17.12 23.65 -21.39
CA ILE F 67 -16.62 24.03 -20.05
C ILE F 67 -17.80 24.12 -19.04
N MET F 68 -17.75 23.28 -18.00
CA MET F 68 -18.77 23.29 -16.91
C MET F 68 -18.69 24.56 -16.06
N PRO F 69 -19.86 25.09 -15.61
CA PRO F 69 -19.95 26.33 -14.79
C PRO F 69 -18.78 26.54 -13.79
N SER F 70 -18.49 25.49 -13.00
CA SER F 70 -17.42 25.47 -12.00
C SER F 70 -16.06 25.81 -12.58
N LYS F 71 -15.85 25.43 -13.83
CA LYS F 71 -14.50 25.53 -14.34
C LYS F 71 -14.35 26.66 -15.31
N VAL F 72 -15.42 27.40 -15.60
CA VAL F 72 -15.25 28.63 -16.39
C VAL F 72 -14.24 29.51 -15.67
N ASN F 73 -13.17 29.91 -16.38
CA ASN F 73 -12.23 30.89 -15.83
C ASN F 73 -12.82 32.31 -15.91
N TYR F 74 -13.70 32.64 -14.95
CA TYR F 74 -14.35 33.96 -14.91
C TYR F 74 -13.35 35.09 -14.84
N GLN F 75 -12.25 34.88 -14.12
CA GLN F 75 -11.18 35.89 -13.98
C GLN F 75 -10.61 36.25 -15.35
N ALA F 76 -10.16 35.24 -16.08
CA ALA F 76 -9.61 35.47 -17.42
C ALA F 76 -10.63 36.13 -18.35
N ASN F 77 -11.89 35.65 -18.32
CA ASN F 77 -12.93 36.18 -19.21
C ASN F 77 -13.15 37.67 -19.05
N ILE F 78 -13.32 38.12 -17.80
CA ILE F 78 -13.53 39.54 -17.48
C ILE F 78 -12.28 40.41 -17.73
N TRP F 79 -11.10 39.87 -17.40
CA TRP F 79 -9.83 40.57 -17.67
C TRP F 79 -9.66 40.84 -19.17
N ALA F 80 -9.83 39.78 -19.95
CA ALA F 80 -9.72 39.89 -21.40
C ALA F 80 -10.57 41.01 -21.97
N LEU F 81 -11.79 41.17 -21.43
CA LEU F 81 -12.75 42.19 -21.93
C LEU F 81 -12.42 43.62 -21.48
N LYS F 82 -11.93 43.74 -20.24
CA LYS F 82 -11.41 44.99 -19.71
C LYS F 82 -10.27 45.47 -20.64
N GLU F 83 -9.31 44.57 -20.88
CA GLU F 83 -8.08 44.86 -21.63
C GLU F 83 -8.41 45.24 -23.07
N GLU F 84 -9.51 44.69 -23.57
CA GLU F 84 -9.99 44.96 -24.90
C GLU F 84 -10.66 46.33 -25.01
N GLY F 85 -10.86 47.00 -23.87
CA GLY F 85 -11.46 48.35 -23.84
C GLY F 85 -12.97 48.37 -23.67
N CYS F 86 -13.53 47.32 -23.09
CA CYS F 86 -14.98 47.23 -22.91
C CYS F 86 -15.47 48.14 -21.79
N THR F 87 -16.53 48.91 -22.06
CA THR F 87 -17.11 49.80 -21.07
C THR F 87 -18.25 49.11 -20.32
N HIS F 88 -19.02 48.33 -21.07
CA HIS F 88 -20.12 47.55 -20.54
C HIS F 88 -19.91 46.09 -20.86
N VAL F 89 -20.53 45.24 -20.04
CA VAL F 89 -20.60 43.80 -20.34
C VAL F 89 -22.02 43.35 -20.14
N ILE F 90 -22.62 42.83 -21.20
CA ILE F 90 -23.99 42.37 -21.09
C ILE F 90 -23.97 40.88 -21.33
N VAL F 91 -24.57 40.13 -20.43
CA VAL F 91 -24.46 38.69 -20.53
C VAL F 91 -25.82 38.02 -20.67
N THR F 92 -25.82 36.76 -21.10
CA THR F 92 -27.04 35.98 -21.03
C THR F 92 -26.81 34.80 -20.09
N THR F 93 -27.91 34.36 -19.52
CA THR F 93 -27.89 33.14 -18.71
C THR F 93 -29.25 32.44 -18.81
N ALA F 94 -29.17 31.15 -19.09
CA ALA F 94 -30.30 30.27 -19.02
C ALA F 94 -30.50 29.80 -17.56
N CYS F 95 -31.67 30.09 -17.00
CA CYS F 95 -31.91 29.88 -15.58
C CYS F 95 -33.22 29.14 -15.30
N GLY F 96 -33.36 28.59 -14.09
CA GLY F 96 -34.61 28.04 -13.61
C GLY F 96 -35.43 29.09 -12.90
N SER F 97 -36.76 28.96 -12.92
CA SER F 97 -37.57 29.92 -12.17
C SER F 97 -37.99 29.34 -10.83
N LEU F 98 -37.92 30.19 -9.80
CA LEU F 98 -38.35 29.85 -8.45
C LEU F 98 -39.67 30.58 -8.09
N ARG F 99 -40.28 31.21 -9.10
CA ARG F 99 -41.53 31.92 -8.88
C ARG F 99 -42.55 31.63 -9.96
N GLU F 100 -43.75 31.27 -9.48
CA GLU F 100 -44.92 31.10 -10.32
C GLU F 100 -45.00 32.21 -11.40
N GLU F 101 -44.80 33.46 -11.00
CA GLU F 101 -44.96 34.65 -11.87
C GLU F 101 -43.89 34.74 -12.94
N ILE F 102 -42.78 34.05 -12.71
CA ILE F 102 -41.71 34.07 -13.67
C ILE F 102 -41.89 32.79 -14.46
N GLN F 103 -42.50 32.97 -15.63
CA GLN F 103 -42.84 31.83 -16.46
C GLN F 103 -41.72 31.51 -17.42
N PRO F 104 -41.53 30.20 -17.73
CA PRO F 104 -40.67 29.79 -18.83
C PRO F 104 -40.81 30.75 -20.02
N GLY F 105 -39.68 31.18 -20.59
CA GLY F 105 -39.68 32.15 -21.67
C GLY F 105 -39.69 33.59 -21.21
N ASP F 106 -39.91 33.81 -19.90
CA ASP F 106 -39.77 35.16 -19.37
C ASP F 106 -38.31 35.65 -19.31
N ILE F 107 -38.14 36.95 -19.51
CA ILE F 107 -36.85 37.57 -19.27
C ILE F 107 -36.86 38.13 -17.85
N VAL F 108 -35.74 37.99 -17.14
CA VAL F 108 -35.54 38.63 -15.83
C VAL F 108 -34.23 39.44 -15.81
N ILE F 109 -34.36 40.75 -15.90
CA ILE F 109 -33.21 41.66 -15.70
C ILE F 109 -32.87 41.74 -14.22
N ILE F 110 -32.14 40.75 -13.71
CA ILE F 110 -31.81 40.61 -12.29
C ILE F 110 -31.06 41.80 -11.65
N ASP F 111 -31.43 42.16 -10.41
CA ASP F 111 -30.76 43.26 -9.72
C ASP F 111 -29.94 42.85 -8.51
N GLN F 112 -29.97 41.54 -8.21
CA GLN F 112 -29.41 41.00 -7.00
C GLN F 112 -29.01 39.51 -7.20
N PHE F 113 -28.11 39.06 -6.35
CA PHE F 113 -27.76 37.64 -6.34
C PHE F 113 -27.62 37.13 -4.94
N ILE F 114 -27.65 35.80 -4.79
CA ILE F 114 -27.24 35.15 -3.55
C ILE F 114 -26.23 34.09 -3.91
N ASP F 115 -25.05 34.10 -3.30
CA ASP F 115 -23.97 33.22 -3.76
C ASP F 115 -24.13 31.88 -3.02
N ARG F 116 -24.14 30.77 -3.77
CA ARG F 116 -24.04 29.43 -3.21
C ARG F 116 -22.93 28.66 -3.92
N THR F 117 -21.99 29.36 -4.54
CA THR F 117 -20.85 28.70 -5.18
C THR F 117 -19.78 28.42 -4.11
N THR F 118 -18.88 27.50 -4.36
CA THR F 118 -17.93 27.16 -3.33
C THR F 118 -16.47 27.17 -3.76
N MET F 119 -16.17 26.94 -5.02
CA MET F 119 -14.76 26.81 -5.40
C MET F 119 -14.32 27.74 -6.53
N ARG F 120 -14.76 28.98 -6.48
CA ARG F 120 -14.47 29.94 -7.55
C ARG F 120 -13.79 31.17 -6.96
N PRO F 121 -12.59 31.52 -7.47
CA PRO F 121 -11.97 32.76 -7.04
C PRO F 121 -12.87 33.92 -7.46
N GLN F 122 -13.03 34.89 -6.57
CA GLN F 122 -14.04 35.90 -6.74
C GLN F 122 -13.42 37.28 -6.85
N SER F 123 -12.11 37.32 -6.81
CA SER F 123 -11.39 38.57 -6.90
C SER F 123 -10.20 38.45 -7.83
N PHE F 124 -9.88 39.56 -8.47
CA PHE F 124 -8.60 39.75 -9.12
C PHE F 124 -7.45 40.00 -8.14
N TYR F 125 -7.79 40.42 -6.93
CA TYR F 125 -6.80 40.91 -5.98
C TYR F 125 -6.53 39.84 -4.96
N ASP F 126 -5.85 38.78 -5.38
CA ASP F 126 -5.49 37.66 -4.51
C ASP F 126 -4.07 37.73 -3.93
N GLY F 127 -3.37 38.83 -4.22
CA GLY F 127 -2.00 39.00 -3.77
C GLY F 127 -0.96 38.16 -4.51
N SER F 128 -1.32 37.64 -5.69
CA SER F 128 -0.45 36.79 -6.49
C SER F 128 -0.11 37.35 -7.86
N HIS F 129 -0.71 38.49 -8.22
CA HIS F 129 -0.65 39.04 -9.57
C HIS F 129 -0.34 40.50 -9.48
N SER F 130 0.75 40.91 -10.14
CA SER F 130 1.22 42.30 -10.07
C SER F 130 0.33 43.25 -10.85
N CYS F 131 -0.54 42.71 -11.70
CA CYS F 131 -1.52 43.53 -12.42
C CYS F 131 -2.64 43.96 -11.49
N ALA F 132 -2.71 43.35 -10.30
CA ALA F 132 -3.71 43.72 -9.31
C ALA F 132 -3.22 43.60 -7.87
N ARG F 133 -2.78 44.73 -7.33
CA ARG F 133 -2.05 44.79 -6.05
C ARG F 133 -2.87 45.31 -4.87
N GLY F 134 -2.69 44.68 -3.72
CA GLY F 134 -3.39 45.04 -2.47
C GLY F 134 -4.58 44.14 -2.19
N VAL F 135 -5.25 44.42 -1.09
CA VAL F 135 -6.48 43.77 -0.70
C VAL F 135 -7.67 44.65 -1.12
N CYS F 136 -8.58 44.05 -1.88
CA CYS F 136 -9.75 44.77 -2.38
C CYS F 136 -11.03 44.16 -1.85
N HIS F 137 -11.87 45.01 -1.28
CA HIS F 137 -13.17 44.60 -0.78
C HIS F 137 -14.20 45.36 -1.60
N ILE F 138 -14.68 44.73 -2.65
CA ILE F 138 -15.62 45.41 -3.54
C ILE F 138 -17.02 45.43 -2.90
N PRO F 139 -17.68 46.61 -2.90
CA PRO F 139 -19.04 46.69 -2.36
C PRO F 139 -20.00 46.01 -3.34
N MET F 140 -21.05 45.40 -2.83
CA MET F 140 -21.93 44.58 -3.65
C MET F 140 -23.42 44.84 -3.40
N ALA F 141 -23.71 45.88 -2.62
CA ALA F 141 -25.09 46.32 -2.36
C ALA F 141 -25.90 46.36 -3.67
N GLU F 142 -25.30 46.90 -4.71
CA GLU F 142 -25.90 47.03 -6.02
C GLU F 142 -24.94 46.46 -7.03
N PRO F 143 -24.99 45.13 -7.22
CA PRO F 143 -24.00 44.43 -8.05
C PRO F 143 -24.09 44.76 -9.57
N PHE F 144 -25.27 45.14 -10.04
CA PHE F 144 -25.51 45.32 -11.47
C PHE F 144 -25.69 46.82 -11.79
N CYS F 145 -25.19 47.24 -12.94
CA CYS F 145 -25.34 48.63 -13.38
C CYS F 145 -26.82 48.98 -13.56
N PRO F 146 -27.34 49.91 -12.74
CA PRO F 146 -28.76 50.25 -12.83
C PRO F 146 -29.15 51.02 -14.11
N LYS F 147 -28.20 51.71 -14.76
CA LYS F 147 -28.58 52.45 -15.96
C LYS F 147 -28.52 51.56 -17.19
N THR F 148 -27.58 50.61 -17.21
CA THR F 148 -27.56 49.57 -18.23
C THR F 148 -28.81 48.68 -18.15
N ARG F 149 -29.27 48.36 -16.94
CA ARG F 149 -30.51 47.60 -16.72
C ARG F 149 -31.77 48.37 -17.18
N GLU F 150 -31.84 49.68 -16.93
CA GLU F 150 -32.98 50.47 -17.41
C GLU F 150 -33.16 50.39 -18.95
N VAL F 151 -32.08 50.50 -19.70
CA VAL F 151 -32.11 50.38 -21.17
C VAL F 151 -32.57 48.98 -21.65
N LEU F 152 -32.11 47.93 -20.96
CA LEU F 152 -32.57 46.57 -21.24
C LEU F 152 -34.08 46.44 -21.00
N ILE F 153 -34.56 46.92 -19.85
CA ILE F 153 -35.99 46.88 -19.47
C ILE F 153 -36.87 47.66 -20.45
N GLU F 154 -36.42 48.86 -20.84
CA GLU F 154 -37.17 49.70 -21.77
C GLU F 154 -37.10 49.11 -23.16
N THR F 155 -35.92 48.67 -23.59
CA THR F 155 -35.83 47.95 -24.86
C THR F 155 -36.68 46.67 -24.91
N ALA F 156 -36.91 46.01 -23.78
CA ALA F 156 -37.76 44.81 -23.75
C ALA F 156 -39.25 45.18 -23.88
N LYS F 157 -39.65 46.25 -23.20
CA LYS F 157 -41.00 46.80 -23.25
C LYS F 157 -41.35 47.12 -24.69
N LYS F 158 -40.47 47.87 -25.35
CA LYS F 158 -40.68 48.32 -26.73
C LYS F 158 -40.66 47.16 -27.72
N LEU F 159 -40.08 46.03 -27.32
CA LEU F 159 -40.03 44.90 -28.19
C LEU F 159 -41.20 43.94 -27.95
N GLY F 160 -41.99 44.21 -26.92
CA GLY F 160 -43.14 43.37 -26.59
C GLY F 160 -42.74 42.01 -26.01
N LEU F 161 -41.58 41.96 -25.37
CA LEU F 161 -41.15 40.76 -24.68
C LEU F 161 -41.59 40.76 -23.22
N ARG F 162 -41.96 39.59 -22.70
CA ARG F 162 -42.27 39.47 -21.26
C ARG F 162 -40.98 39.59 -20.44
N CYS F 163 -40.95 40.59 -19.57
CA CYS F 163 -39.74 41.03 -18.89
C CYS F 163 -40.04 41.55 -17.48
N HIS F 164 -39.40 40.95 -16.49
CA HIS F 164 -39.47 41.39 -15.10
C HIS F 164 -38.38 42.40 -14.78
N SER F 165 -38.76 43.45 -14.06
CA SER F 165 -37.88 44.60 -13.77
C SER F 165 -36.78 44.40 -12.71
N LYS F 166 -36.90 43.34 -11.92
CA LYS F 166 -35.98 43.05 -10.84
C LYS F 166 -36.03 41.56 -10.59
N GLY F 167 -35.07 41.07 -9.85
CA GLY F 167 -35.12 39.68 -9.43
C GLY F 167 -33.76 39.27 -8.90
N THR F 168 -33.79 38.27 -8.01
CA THR F 168 -32.61 37.86 -7.29
C THR F 168 -32.23 36.45 -7.76
N MET F 169 -31.00 36.31 -8.27
CA MET F 169 -30.47 35.09 -8.80
C MET F 169 -29.67 34.29 -7.74
N VAL F 170 -30.05 33.08 -7.40
CA VAL F 170 -29.11 32.26 -6.58
C VAL F 170 -28.22 31.51 -7.53
N THR F 171 -26.91 31.62 -7.34
CA THR F 171 -25.97 30.92 -8.19
C THR F 171 -25.40 29.71 -7.40
N ILE F 172 -25.67 28.50 -7.86
CA ILE F 172 -25.24 27.30 -7.16
C ILE F 172 -23.95 26.84 -7.82
N GLU F 173 -23.16 26.03 -7.13
CA GLU F 173 -21.90 25.55 -7.70
C GLU F 173 -22.09 24.69 -8.98
N GLY F 174 -23.10 23.84 -8.97
CA GLY F 174 -23.29 22.84 -10.03
C GLY F 174 -22.18 21.80 -9.96
N PRO F 175 -22.01 20.98 -11.00
CA PRO F 175 -22.84 20.95 -12.21
C PRO F 175 -24.25 20.31 -11.96
N ARG F 176 -24.38 19.55 -10.87
CA ARG F 176 -25.68 19.04 -10.48
C ARG F 176 -26.75 20.15 -10.35
N PHE F 177 -27.99 19.76 -10.61
CA PHE F 177 -29.14 20.58 -10.27
C PHE F 177 -29.42 20.53 -8.77
N SER F 178 -30.31 21.40 -8.32
CA SER F 178 -30.75 21.45 -6.94
C SER F 178 -31.59 20.28 -6.48
N SER F 179 -31.45 19.95 -5.21
CA SER F 179 -32.42 19.12 -4.54
C SER F 179 -33.73 19.89 -4.41
N ARG F 180 -34.81 19.16 -4.19
CA ARG F 180 -36.09 19.82 -3.92
C ARG F 180 -36.02 20.62 -2.60
N ALA F 181 -35.38 20.05 -1.56
CA ALA F 181 -35.24 20.79 -0.31
C ALA F 181 -34.46 22.11 -0.54
N GLU F 182 -33.44 22.06 -1.39
CA GLU F 182 -32.57 23.21 -1.64
C GLU F 182 -33.33 24.27 -2.39
N SER F 183 -34.05 23.85 -3.43
CA SER F 183 -34.90 24.71 -4.24
C SER F 183 -35.93 25.44 -3.38
N PHE F 184 -36.51 24.75 -2.39
CA PHE F 184 -37.52 25.35 -1.52
C PHE F 184 -36.94 26.41 -0.58
N MET F 185 -35.79 26.10 0.04
CA MET F 185 -35.19 27.07 0.97
C MET F 185 -34.70 28.31 0.21
N PHE F 186 -34.23 28.14 -1.02
CA PHE F 186 -33.80 29.28 -1.86
C PHE F 186 -34.92 30.30 -2.02
N ARG F 187 -36.11 29.78 -2.23
CA ARG F 187 -37.33 30.57 -2.31
C ARG F 187 -37.55 31.37 -1.08
N THR F 188 -37.48 30.70 0.05
CA THR F 188 -37.68 31.37 1.33
C THR F 188 -36.55 32.41 1.59
N TRP F 189 -35.32 32.18 1.11
CA TRP F 189 -34.27 33.12 1.29
C TRP F 189 -34.44 34.36 0.39
N GLY F 190 -35.41 34.33 -0.52
CA GLY F 190 -35.70 35.48 -1.38
C GLY F 190 -35.16 35.38 -2.79
N ALA F 191 -34.61 34.21 -3.16
CA ALA F 191 -34.23 33.97 -4.55
C ALA F 191 -35.44 33.84 -5.47
N ASP F 192 -35.31 34.40 -6.68
CA ASP F 192 -36.38 34.37 -7.66
C ASP F 192 -36.06 33.43 -8.81
N VAL F 193 -34.78 33.30 -9.09
CA VAL F 193 -34.27 32.57 -10.23
C VAL F 193 -32.97 31.92 -9.83
N ILE F 194 -32.57 30.91 -10.59
CA ILE F 194 -31.44 30.09 -10.18
C ILE F 194 -30.59 29.75 -11.39
N ASN F 195 -29.27 29.81 -11.24
CA ASN F 195 -28.34 29.45 -12.31
C ASN F 195 -27.00 29.06 -11.70
N MET F 196 -25.97 28.87 -12.54
CA MET F 196 -24.65 28.41 -12.05
C MET F 196 -23.52 29.33 -12.50
N THR F 197 -23.86 30.50 -13.03
CA THR F 197 -22.83 31.30 -13.70
C THR F 197 -22.74 32.83 -13.35
N THR F 198 -23.75 33.38 -12.67
CA THR F 198 -23.74 34.82 -12.31
C THR F 198 -22.58 35.24 -11.33
N VAL F 199 -22.34 34.40 -10.31
CA VAL F 199 -21.24 34.60 -9.39
C VAL F 199 -20.11 33.62 -9.82
N PRO F 200 -18.83 34.11 -9.91
CA PRO F 200 -18.34 35.44 -9.58
C PRO F 200 -18.27 36.43 -10.76
N GLU F 201 -18.89 36.10 -11.88
CA GLU F 201 -18.80 36.94 -13.05
C GLU F 201 -19.15 38.42 -12.80
N VAL F 202 -20.25 38.67 -12.07
CA VAL F 202 -20.73 40.04 -11.78
C VAL F 202 -19.82 40.79 -10.79
N VAL F 203 -19.24 40.00 -9.89
CA VAL F 203 -18.29 40.50 -8.88
C VAL F 203 -17.04 41.04 -9.56
N LEU F 204 -16.52 40.30 -10.53
CA LEU F 204 -15.28 40.67 -11.19
C LEU F 204 -15.45 41.87 -12.11
N ALA F 205 -16.61 41.98 -12.74
CA ALA F 205 -16.92 43.09 -13.61
C ALA F 205 -16.96 44.37 -12.80
N LYS F 206 -17.52 44.30 -11.59
CA LYS F 206 -17.43 45.42 -10.66
C LYS F 206 -15.98 45.77 -10.37
N GLU F 207 -15.17 44.78 -10.03
CA GLU F 207 -13.77 45.05 -9.70
C GLU F 207 -13.06 45.73 -10.87
N ALA F 208 -13.33 45.25 -12.10
CA ALA F 208 -12.69 45.73 -13.30
C ALA F 208 -13.26 47.07 -13.73
N GLY F 209 -14.27 47.57 -13.04
CA GLY F 209 -14.86 48.88 -13.32
C GLY F 209 -15.73 48.90 -14.55
N ILE F 210 -16.26 47.73 -14.90
CA ILE F 210 -17.17 47.60 -16.04
C ILE F 210 -18.64 47.57 -15.62
N CYS F 211 -19.49 48.29 -16.35
CA CYS F 211 -20.95 48.22 -16.22
C CYS F 211 -21.48 46.86 -16.70
N TYR F 212 -22.00 46.06 -15.77
CA TYR F 212 -22.41 44.71 -16.08
C TYR F 212 -23.89 44.57 -15.90
N ALA F 213 -24.52 43.84 -16.81
CA ALA F 213 -25.95 43.51 -16.75
C ALA F 213 -26.15 42.10 -17.28
N SER F 214 -27.20 41.47 -16.78
CA SER F 214 -27.46 40.12 -17.16
C SER F 214 -28.89 39.94 -17.66
N ILE F 215 -29.03 39.30 -18.81
CA ILE F 215 -30.32 38.87 -19.32
C ILE F 215 -30.54 37.41 -18.91
N ALA F 216 -31.37 37.22 -17.89
CA ALA F 216 -31.66 35.91 -17.33
C ALA F 216 -32.94 35.44 -18.02
N MET F 217 -32.89 34.28 -18.65
CA MET F 217 -34.05 33.71 -19.34
C MET F 217 -34.49 32.44 -18.69
N ALA F 218 -35.73 32.48 -18.23
CA ALA F 218 -36.34 31.33 -17.61
C ALA F 218 -36.56 30.26 -18.67
N THR F 219 -35.88 29.13 -18.51
CA THR F 219 -36.08 28.04 -19.44
C THR F 219 -37.19 27.14 -18.93
N ASP F 220 -37.39 27.14 -17.60
CA ASP F 220 -38.23 26.14 -16.93
C ASP F 220 -38.37 26.50 -15.44
N TYR F 221 -39.37 25.94 -14.74
CA TYR F 221 -39.39 26.05 -13.29
C TYR F 221 -38.36 25.08 -12.69
N ASP F 222 -37.70 25.49 -11.62
CA ASP F 222 -36.88 24.57 -10.82
C ASP F 222 -37.82 23.59 -10.08
N CYS F 223 -37.26 22.55 -9.47
CA CYS F 223 -38.04 21.40 -8.98
C CYS F 223 -38.98 21.58 -7.75
N TRP F 224 -38.96 22.75 -7.10
CA TRP F 224 -40.00 23.12 -6.13
C TRP F 224 -41.39 22.99 -6.78
N LYS F 225 -41.46 23.25 -8.10
CA LYS F 225 -42.67 23.02 -8.91
C LYS F 225 -42.53 21.71 -9.68
N VAL F 233 -38.86 17.57 -21.72
CA VAL F 233 -37.67 17.76 -22.56
C VAL F 233 -37.92 18.59 -23.83
N ASP F 234 -39.01 18.30 -24.53
CA ASP F 234 -39.34 19.00 -25.80
C ASP F 234 -39.76 20.45 -25.53
N ARG F 235 -40.49 20.64 -24.44
CA ARG F 235 -40.87 21.97 -23.98
C ARG F 235 -39.65 22.83 -23.66
N VAL F 236 -38.72 22.23 -22.91
CA VAL F 236 -37.51 22.92 -22.50
C VAL F 236 -36.68 23.35 -23.73
N LEU F 237 -36.38 22.37 -24.58
CA LEU F 237 -35.61 22.62 -25.80
C LEU F 237 -36.24 23.73 -26.65
N LYS F 238 -37.57 23.66 -26.84
CA LYS F 238 -38.33 24.67 -27.57
C LYS F 238 -38.17 26.06 -26.94
N THR F 239 -38.38 26.11 -25.62
CA THR F 239 -38.22 27.31 -24.83
C THR F 239 -36.83 27.88 -24.95
N LEU F 240 -35.83 27.03 -24.81
CA LEU F 240 -34.45 27.44 -24.95
C LEU F 240 -34.16 28.15 -26.28
N LYS F 241 -34.64 27.58 -27.39
CA LYS F 241 -34.44 28.17 -28.71
C LYS F 241 -35.17 29.49 -28.88
N GLU F 242 -36.41 29.55 -28.43
CA GLU F 242 -37.11 30.82 -28.47
C GLU F 242 -36.35 31.84 -27.60
N ASN F 243 -35.92 31.41 -26.42
CA ASN F 243 -35.15 32.27 -25.49
C ASN F 243 -33.95 32.91 -26.13
N ALA F 244 -33.15 32.08 -26.78
CA ALA F 244 -32.01 32.54 -27.55
C ALA F 244 -32.37 33.63 -28.57
N ASN F 245 -33.51 33.47 -29.26
CA ASN F 245 -33.93 34.44 -30.29
C ASN F 245 -34.32 35.77 -29.67
N LYS F 246 -35.00 35.69 -28.54
CA LYS F 246 -35.39 36.87 -27.75
C LYS F 246 -34.17 37.60 -27.19
N ALA F 247 -33.22 36.84 -26.66
CA ALA F 247 -32.00 37.45 -26.14
C ALA F 247 -31.23 38.15 -27.27
N LYS F 248 -31.20 37.48 -28.41
CA LYS F 248 -30.46 37.98 -29.55
C LYS F 248 -31.08 39.30 -30.00
N SER F 249 -32.41 39.37 -30.11
CA SER F 249 -33.08 40.61 -30.53
C SER F 249 -32.92 41.74 -29.53
N LEU F 250 -33.11 41.42 -28.24
CA LEU F 250 -32.93 42.38 -27.14
C LEU F 250 -31.53 42.94 -27.16
N LEU F 251 -30.55 42.06 -27.33
CA LEU F 251 -29.17 42.46 -27.49
C LEU F 251 -29.01 43.40 -28.68
N LEU F 252 -29.53 43.01 -29.85
CA LEU F 252 -29.36 43.81 -31.05
C LEU F 252 -30.01 45.18 -30.93
N THR F 253 -31.14 45.28 -30.22
CA THR F 253 -31.80 46.58 -30.11
C THR F 253 -31.27 47.44 -28.97
N THR F 254 -30.66 46.80 -27.99
CA THR F 254 -30.21 47.50 -26.80
C THR F 254 -28.86 48.15 -27.02
N ILE F 255 -27.94 47.40 -27.64
CA ILE F 255 -26.59 47.89 -27.84
C ILE F 255 -26.52 49.26 -28.59
N PRO F 256 -27.16 49.37 -29.78
CA PRO F 256 -27.25 50.69 -30.42
C PRO F 256 -27.75 51.82 -29.51
N GLN F 257 -28.71 51.53 -28.62
CA GLN F 257 -29.20 52.54 -27.68
C GLN F 257 -28.18 52.92 -26.60
N ILE F 258 -27.35 51.96 -26.20
CA ILE F 258 -26.28 52.25 -25.24
C ILE F 258 -25.25 53.18 -25.86
N GLY F 259 -24.93 52.93 -27.12
CA GLY F 259 -23.99 53.77 -27.90
C GLY F 259 -24.45 55.19 -28.20
N SER F 260 -25.70 55.51 -27.88
CA SER F 260 -26.30 56.81 -28.22
C SER F 260 -26.69 57.68 -27.01
N THR F 261 -26.22 57.32 -25.82
CA THR F 261 -26.35 58.18 -24.63
C THR F 261 -25.00 58.42 -23.94
N GLU F 262 -25.00 59.29 -22.94
CA GLU F 262 -23.76 59.65 -22.22
C GLU F 262 -23.45 58.64 -21.10
N TRP F 263 -22.19 58.25 -21.01
CA TRP F 263 -21.77 57.26 -19.98
C TRP F 263 -20.58 57.69 -19.10
N SER F 264 -20.06 58.90 -19.32
CA SER F 264 -18.85 59.35 -18.64
C SER F 264 -19.04 59.41 -17.12
N GLU F 265 -20.19 59.92 -16.69
CA GLU F 265 -20.49 60.06 -15.27
C GLU F 265 -20.61 58.71 -14.55
N THR F 266 -21.31 57.77 -15.18
CA THR F 266 -21.44 56.41 -14.67
C THR F 266 -20.06 55.76 -14.60
N LEU F 267 -19.33 55.82 -15.70
CA LEU F 267 -18.03 55.17 -15.80
C LEU F 267 -17.02 55.72 -14.78
N HIS F 268 -17.08 57.03 -14.55
CA HIS F 268 -16.21 57.67 -13.58
C HIS F 268 -16.48 57.14 -12.18
N ASN F 269 -17.74 57.23 -11.75
CA ASN F 269 -18.16 56.76 -10.43
C ASN F 269 -17.77 55.32 -10.07
N LEU F 270 -18.02 54.41 -11.00
CA LEU F 270 -17.59 53.01 -10.94
C LEU F 270 -16.07 52.81 -10.86
N LYS F 271 -15.32 53.59 -11.62
CA LYS F 271 -13.85 53.63 -11.54
C LYS F 271 -13.43 54.08 -10.14
N ASN F 272 -14.16 55.05 -9.57
CA ASN F 272 -13.87 55.54 -8.23
C ASN F 272 -14.24 54.55 -7.15
N MET F 273 -15.40 53.93 -7.27
CA MET F 273 -15.79 52.86 -6.35
C MET F 273 -14.75 51.72 -6.37
N ALA F 274 -14.37 51.30 -7.57
CA ALA F 274 -13.44 50.18 -7.77
C ALA F 274 -12.01 50.45 -7.31
N GLN F 275 -11.48 51.63 -7.62
CA GLN F 275 -10.16 52.03 -7.14
C GLN F 275 -10.12 52.20 -5.61
N PHE F 276 -11.13 52.91 -5.07
CA PHE F 276 -11.20 53.22 -3.64
C PHE F 276 -11.58 52.03 -2.75
N SER F 277 -11.72 50.83 -3.33
CA SER F 277 -12.03 49.61 -2.58
C SER F 277 -10.75 48.83 -2.28
N VAL F 278 -9.67 49.24 -2.97
CA VAL F 278 -8.33 48.72 -2.71
C VAL F 278 -7.80 49.40 -1.44
N LEU F 279 -7.29 48.58 -0.52
CA LEU F 279 -6.50 49.08 0.60
C LEU F 279 -5.01 48.96 0.24
N LEU F 280 -4.39 50.11 -0.05
CA LEU F 280 -2.93 50.22 -0.30
C LEU F 280 -2.52 51.69 -0.32
P PO4 G . 24.41 -45.48 6.09
O1 PO4 G . 25.42 -44.84 7.02
O2 PO4 G . 23.10 -44.77 5.85
O3 PO4 G . 25.13 -45.76 4.78
O4 PO4 G . 23.99 -46.84 6.65
P PO4 H . 9.52 -24.35 -17.48
O1 PO4 H . 9.41 -23.76 -16.09
O2 PO4 H . 8.28 -24.07 -18.31
O3 PO4 H . 10.72 -23.72 -18.15
O4 PO4 H . 9.64 -25.88 -17.48
P PO4 I . 27.66 -10.98 9.42
O1 PO4 I . 27.71 -10.22 10.71
O2 PO4 I . 27.07 -10.03 8.40
O3 PO4 I . 29.07 -11.40 9.00
O4 PO4 I . 26.81 -12.19 9.66
P PO4 J . -10.81 41.94 10.55
O1 PO4 J . -10.76 42.87 11.70
O2 PO4 J . -10.95 42.79 9.32
O3 PO4 J . -9.48 41.17 10.43
O4 PO4 J . -11.93 40.97 10.73
P PO4 K . -20.70 8.48 8.74
O1 PO4 K . -19.85 9.19 9.71
O2 PO4 K . -21.72 9.47 8.17
O3 PO4 K . -19.78 7.97 7.65
O4 PO4 K . -21.40 7.28 9.39
P PO4 L . -25.57 29.75 -18.64
O1 PO4 L . -25.90 30.43 -17.32
O2 PO4 L . -26.52 30.33 -19.65
O3 PO4 L . -24.08 29.96 -18.95
O4 PO4 L . -25.70 28.26 -18.62
#